data_4GT8
# 
_entry.id   4GT8 
# 
_audit_conform.dict_name       mmcif_pdbx.dic 
_audit_conform.dict_version    5.387 
_audit_conform.dict_location   http://mmcif.pdb.org/dictionaries/ascii/mmcif_pdbx.dic 
# 
loop_
_database_2.database_id 
_database_2.database_code 
_database_2.pdbx_database_accession 
_database_2.pdbx_DOI 
PDB   4GT8         pdb_00004gt8 10.2210/pdb4gt8/pdb 
RCSB  RCSB074603   ?            ?                   
WWPDB D_1000074603 ?            ?                   
# 
loop_
_pdbx_audit_revision_history.ordinal 
_pdbx_audit_revision_history.data_content_type 
_pdbx_audit_revision_history.major_revision 
_pdbx_audit_revision_history.minor_revision 
_pdbx_audit_revision_history.revision_date 
1 'Structure model' 1 0 2013-08-28 
2 'Structure model' 1 1 2024-02-28 
# 
_pdbx_audit_revision_details.ordinal             1 
_pdbx_audit_revision_details.revision_ordinal    1 
_pdbx_audit_revision_details.data_content_type   'Structure model' 
_pdbx_audit_revision_details.provider            repository 
_pdbx_audit_revision_details.type                'Initial release' 
_pdbx_audit_revision_details.description         ? 
_pdbx_audit_revision_details.details             ? 
# 
loop_
_pdbx_audit_revision_group.ordinal 
_pdbx_audit_revision_group.revision_ordinal 
_pdbx_audit_revision_group.data_content_type 
_pdbx_audit_revision_group.group 
1 2 'Structure model' 'Data collection'      
2 2 'Structure model' 'Database references'  
3 2 'Structure model' 'Derived calculations' 
# 
loop_
_pdbx_audit_revision_category.ordinal 
_pdbx_audit_revision_category.revision_ordinal 
_pdbx_audit_revision_category.data_content_type 
_pdbx_audit_revision_category.category 
1 2 'Structure model' chem_comp_atom         
2 2 'Structure model' chem_comp_bond         
3 2 'Structure model' database_2             
4 2 'Structure model' pdbx_struct_conn_angle 
5 2 'Structure model' struct_conn            
6 2 'Structure model' struct_ref_seq_dif     
7 2 'Structure model' struct_site            
# 
loop_
_pdbx_audit_revision_item.ordinal 
_pdbx_audit_revision_item.revision_ordinal 
_pdbx_audit_revision_item.data_content_type 
_pdbx_audit_revision_item.item 
1  2 'Structure model' '_database_2.pdbx_DOI'                        
2  2 'Structure model' '_database_2.pdbx_database_accession'         
3  2 'Structure model' '_pdbx_struct_conn_angle.ptnr1_auth_comp_id'  
4  2 'Structure model' '_pdbx_struct_conn_angle.ptnr1_auth_seq_id'   
5  2 'Structure model' '_pdbx_struct_conn_angle.ptnr1_label_asym_id' 
6  2 'Structure model' '_pdbx_struct_conn_angle.ptnr1_label_atom_id' 
7  2 'Structure model' '_pdbx_struct_conn_angle.ptnr1_label_comp_id' 
8  2 'Structure model' '_pdbx_struct_conn_angle.ptnr1_label_seq_id'  
9  2 'Structure model' '_pdbx_struct_conn_angle.ptnr3_auth_comp_id'  
10 2 'Structure model' '_pdbx_struct_conn_angle.ptnr3_auth_seq_id'   
11 2 'Structure model' '_pdbx_struct_conn_angle.ptnr3_label_asym_id' 
12 2 'Structure model' '_pdbx_struct_conn_angle.ptnr3_label_atom_id' 
13 2 'Structure model' '_pdbx_struct_conn_angle.ptnr3_label_comp_id' 
14 2 'Structure model' '_pdbx_struct_conn_angle.ptnr3_label_seq_id'  
15 2 'Structure model' '_pdbx_struct_conn_angle.value'               
16 2 'Structure model' '_struct_conn.pdbx_dist_value'                
17 2 'Structure model' '_struct_conn.ptnr1_auth_comp_id'             
18 2 'Structure model' '_struct_conn.ptnr1_auth_seq_id'              
19 2 'Structure model' '_struct_conn.ptnr1_label_asym_id'            
20 2 'Structure model' '_struct_conn.ptnr1_label_atom_id'            
21 2 'Structure model' '_struct_conn.ptnr1_label_comp_id'            
22 2 'Structure model' '_struct_conn.ptnr1_label_seq_id'             
23 2 'Structure model' '_struct_ref_seq_dif.details'                 
24 2 'Structure model' '_struct_site.pdbx_auth_asym_id'              
25 2 'Structure model' '_struct_site.pdbx_auth_comp_id'              
26 2 'Structure model' '_struct_site.pdbx_auth_seq_id'               
# 
_pdbx_database_status.entry_id                        4GT8 
_pdbx_database_status.status_code                     REL 
_pdbx_database_status.deposit_site                    RCSB 
_pdbx_database_status.process_site                    RCSB 
_pdbx_database_status.recvd_initial_deposition_date   2012-08-28 
_pdbx_database_status.status_code_sf                  REL 
_pdbx_database_status.status_code_mr                  ? 
_pdbx_database_status.SG_entry                        ? 
_pdbx_database_status.status_code_cs                  ? 
_pdbx_database_status.methods_development_category    ? 
_pdbx_database_status.pdb_format_compatible           Y 
_pdbx_database_status.status_code_nmr_data            ? 
# 
loop_
_audit_author.name 
_audit_author.pdbx_ordinal 
'Leonard, P.G.' 1 
'Valverde, J.'  2 
'Stock, A.M.'   3 
# 
_citation.id                        primary 
_citation.title                     'Structure of the Staphylococcus aureus VraS Catalytic and ATP-binding Domain' 
_citation.journal_abbrev            'To be Published' 
_citation.journal_volume            ? 
_citation.page_first                ? 
_citation.page_last                 ? 
_citation.year                      ? 
_citation.journal_id_ASTM           ? 
_citation.country                   ? 
_citation.journal_id_ISSN           ? 
_citation.journal_id_CSD            0353 
_citation.book_publisher            ? 
_citation.pdbx_database_id_PubMed   ? 
_citation.pdbx_database_id_DOI      ? 
# 
loop_
_citation_author.citation_id 
_citation_author.name 
_citation_author.ordinal 
_citation_author.identifier_ORCID 
primary 'Leonard, P.G.' 1 ? 
primary 'Valverde, J.'  2 ? 
primary 'Stock, A.M.'   3 ? 
# 
loop_
_entity.id 
_entity.type 
_entity.src_method 
_entity.pdbx_description 
_entity.formula_weight 
_entity.pdbx_number_of_molecules 
_entity.pdbx_ec 
_entity.pdbx_mutation 
_entity.pdbx_fragment 
_entity.details 
1 polymer     man 'Sensor protein vraS'      15776.990 1   2.7.13.3 ? 'Catalytic and ATP-binding Domain' ? 
2 non-polymer syn "ADENOSINE-5'-DIPHOSPHATE" 427.201   1   ?        ? ?                                  ? 
3 non-polymer syn 'MAGNESIUM ION'            24.305    1   ?        ? ?                                  ? 
4 water       nat water                      18.015    136 ?        ? ?                                  ? 
# 
_entity_poly.entity_id                      1 
_entity_poly.type                           'polypeptide(L)' 
_entity_poly.nstd_linkage                   no 
_entity_poly.nstd_monomer                   no 
_entity_poly.pdbx_seq_one_letter_code       
;GAMLKDKSLGEGIKDLVIDLQKKVPMKVVHEIQDFKVPKGIEDHLFRITQEAISNTLRHSNGTKVTVELFNKDDYLLLRI
QDNGKGFNVDEKLEQSYGLKNMRERALEIGATFHIVSLPDSGTRIEVKAPLNKEDSYDD
;
_entity_poly.pdbx_seq_one_letter_code_can   
;GAMLKDKSLGEGIKDLVIDLQKKVPMKVVHEIQDFKVPKGIEDHLFRITQEAISNTLRHSNGTKVTVELFNKDDYLLLRI
QDNGKGFNVDEKLEQSYGLKNMRERALEIGATFHIVSLPDSGTRIEVKAPLNKEDSYDD
;
_entity_poly.pdbx_strand_id                 A 
_entity_poly.pdbx_target_identifier         ? 
# 
loop_
_pdbx_entity_nonpoly.entity_id 
_pdbx_entity_nonpoly.name 
_pdbx_entity_nonpoly.comp_id 
2 "ADENOSINE-5'-DIPHOSPHATE" ADP 
3 'MAGNESIUM ION'            MG  
4 water                      HOH 
# 
loop_
_entity_poly_seq.entity_id 
_entity_poly_seq.num 
_entity_poly_seq.mon_id 
_entity_poly_seq.hetero 
1 1   GLY n 
1 2   ALA n 
1 3   MET n 
1 4   LEU n 
1 5   LYS n 
1 6   ASP n 
1 7   LYS n 
1 8   SER n 
1 9   LEU n 
1 10  GLY n 
1 11  GLU n 
1 12  GLY n 
1 13  ILE n 
1 14  LYS n 
1 15  ASP n 
1 16  LEU n 
1 17  VAL n 
1 18  ILE n 
1 19  ASP n 
1 20  LEU n 
1 21  GLN n 
1 22  LYS n 
1 23  LYS n 
1 24  VAL n 
1 25  PRO n 
1 26  MET n 
1 27  LYS n 
1 28  VAL n 
1 29  VAL n 
1 30  HIS n 
1 31  GLU n 
1 32  ILE n 
1 33  GLN n 
1 34  ASP n 
1 35  PHE n 
1 36  LYS n 
1 37  VAL n 
1 38  PRO n 
1 39  LYS n 
1 40  GLY n 
1 41  ILE n 
1 42  GLU n 
1 43  ASP n 
1 44  HIS n 
1 45  LEU n 
1 46  PHE n 
1 47  ARG n 
1 48  ILE n 
1 49  THR n 
1 50  GLN n 
1 51  GLU n 
1 52  ALA n 
1 53  ILE n 
1 54  SER n 
1 55  ASN n 
1 56  THR n 
1 57  LEU n 
1 58  ARG n 
1 59  HIS n 
1 60  SER n 
1 61  ASN n 
1 62  GLY n 
1 63  THR n 
1 64  LYS n 
1 65  VAL n 
1 66  THR n 
1 67  VAL n 
1 68  GLU n 
1 69  LEU n 
1 70  PHE n 
1 71  ASN n 
1 72  LYS n 
1 73  ASP n 
1 74  ASP n 
1 75  TYR n 
1 76  LEU n 
1 77  LEU n 
1 78  LEU n 
1 79  ARG n 
1 80  ILE n 
1 81  GLN n 
1 82  ASP n 
1 83  ASN n 
1 84  GLY n 
1 85  LYS n 
1 86  GLY n 
1 87  PHE n 
1 88  ASN n 
1 89  VAL n 
1 90  ASP n 
1 91  GLU n 
1 92  LYS n 
1 93  LEU n 
1 94  GLU n 
1 95  GLN n 
1 96  SER n 
1 97  TYR n 
1 98  GLY n 
1 99  LEU n 
1 100 LYS n 
1 101 ASN n 
1 102 MET n 
1 103 ARG n 
1 104 GLU n 
1 105 ARG n 
1 106 ALA n 
1 107 LEU n 
1 108 GLU n 
1 109 ILE n 
1 110 GLY n 
1 111 ALA n 
1 112 THR n 
1 113 PHE n 
1 114 HIS n 
1 115 ILE n 
1 116 VAL n 
1 117 SER n 
1 118 LEU n 
1 119 PRO n 
1 120 ASP n 
1 121 SER n 
1 122 GLY n 
1 123 THR n 
1 124 ARG n 
1 125 ILE n 
1 126 GLU n 
1 127 VAL n 
1 128 LYS n 
1 129 ALA n 
1 130 PRO n 
1 131 LEU n 
1 132 ASN n 
1 133 LYS n 
1 134 GLU n 
1 135 ASP n 
1 136 SER n 
1 137 TYR n 
1 138 ASP n 
1 139 ASP n 
# 
_entity_src_gen.entity_id                          1 
_entity_src_gen.pdbx_src_id                        1 
_entity_src_gen.pdbx_alt_source_flag               sample 
_entity_src_gen.pdbx_seq_type                      ? 
_entity_src_gen.pdbx_beg_seq_num                   ? 
_entity_src_gen.pdbx_end_seq_num                   ? 
_entity_src_gen.gene_src_common_name               ? 
_entity_src_gen.gene_src_genus                     ? 
_entity_src_gen.pdbx_gene_src_gene                 'SAV1885, vraS' 
_entity_src_gen.gene_src_species                   ? 
_entity_src_gen.gene_src_strain                    'Mu50 / ATCC 700699' 
_entity_src_gen.gene_src_tissue                    ? 
_entity_src_gen.gene_src_tissue_fraction           ? 
_entity_src_gen.gene_src_details                   ? 
_entity_src_gen.pdbx_gene_src_fragment             ? 
_entity_src_gen.pdbx_gene_src_scientific_name      'Staphylococcus aureus' 
_entity_src_gen.pdbx_gene_src_ncbi_taxonomy_id     158878 
_entity_src_gen.pdbx_gene_src_variant              ? 
_entity_src_gen.pdbx_gene_src_cell_line            ? 
_entity_src_gen.pdbx_gene_src_atcc                 ? 
_entity_src_gen.pdbx_gene_src_organ                ? 
_entity_src_gen.pdbx_gene_src_organelle            ? 
_entity_src_gen.pdbx_gene_src_cell                 ? 
_entity_src_gen.pdbx_gene_src_cellular_location    ? 
_entity_src_gen.host_org_common_name               ? 
_entity_src_gen.pdbx_host_org_scientific_name      'Escherichia coli' 
_entity_src_gen.pdbx_host_org_ncbi_taxonomy_id     469008 
_entity_src_gen.host_org_genus                     ? 
_entity_src_gen.pdbx_host_org_gene                 ? 
_entity_src_gen.pdbx_host_org_organ                ? 
_entity_src_gen.host_org_species                   ? 
_entity_src_gen.pdbx_host_org_tissue               ? 
_entity_src_gen.pdbx_host_org_tissue_fraction      ? 
_entity_src_gen.pdbx_host_org_strain               'BL21(DE3) T1R' 
_entity_src_gen.pdbx_host_org_variant              ? 
_entity_src_gen.pdbx_host_org_cell_line            ? 
_entity_src_gen.pdbx_host_org_atcc                 ? 
_entity_src_gen.pdbx_host_org_culture_collection   ? 
_entity_src_gen.pdbx_host_org_cell                 ? 
_entity_src_gen.pdbx_host_org_organelle            ? 
_entity_src_gen.pdbx_host_org_cellular_location    ? 
_entity_src_gen.pdbx_host_org_vector_type          plasmid 
_entity_src_gen.pdbx_host_org_vector               ? 
_entity_src_gen.host_org_details                   ? 
_entity_src_gen.expression_system_id               ? 
_entity_src_gen.plasmid_name                       P535 
_entity_src_gen.plasmid_details                    ? 
_entity_src_gen.pdbx_description                   ? 
# 
loop_
_chem_comp.id 
_chem_comp.type 
_chem_comp.mon_nstd_flag 
_chem_comp.name 
_chem_comp.pdbx_synonyms 
_chem_comp.formula 
_chem_comp.formula_weight 
ADP non-polymer         n "ADENOSINE-5'-DIPHOSPHATE" ? 'C10 H15 N5 O10 P2' 427.201 
ALA 'L-peptide linking' y ALANINE                    ? 'C3 H7 N O2'        89.093  
ARG 'L-peptide linking' y ARGININE                   ? 'C6 H15 N4 O2 1'    175.209 
ASN 'L-peptide linking' y ASPARAGINE                 ? 'C4 H8 N2 O3'       132.118 
ASP 'L-peptide linking' y 'ASPARTIC ACID'            ? 'C4 H7 N O4'        133.103 
GLN 'L-peptide linking' y GLUTAMINE                  ? 'C5 H10 N2 O3'      146.144 
GLU 'L-peptide linking' y 'GLUTAMIC ACID'            ? 'C5 H9 N O4'        147.129 
GLY 'peptide linking'   y GLYCINE                    ? 'C2 H5 N O2'        75.067  
HIS 'L-peptide linking' y HISTIDINE                  ? 'C6 H10 N3 O2 1'    156.162 
HOH non-polymer         . WATER                      ? 'H2 O'              18.015  
ILE 'L-peptide linking' y ISOLEUCINE                 ? 'C6 H13 N O2'       131.173 
LEU 'L-peptide linking' y LEUCINE                    ? 'C6 H13 N O2'       131.173 
LYS 'L-peptide linking' y LYSINE                     ? 'C6 H15 N2 O2 1'    147.195 
MET 'L-peptide linking' y METHIONINE                 ? 'C5 H11 N O2 S'     149.211 
MG  non-polymer         . 'MAGNESIUM ION'            ? 'Mg 2'              24.305  
PHE 'L-peptide linking' y PHENYLALANINE              ? 'C9 H11 N O2'       165.189 
PRO 'L-peptide linking' y PROLINE                    ? 'C5 H9 N O2'        115.130 
SER 'L-peptide linking' y SERINE                     ? 'C3 H7 N O3'        105.093 
THR 'L-peptide linking' y THREONINE                  ? 'C4 H9 N O3'        119.119 
TYR 'L-peptide linking' y TYROSINE                   ? 'C9 H11 N O3'       181.189 
VAL 'L-peptide linking' y VALINE                     ? 'C5 H11 N O2'       117.146 
# 
loop_
_pdbx_poly_seq_scheme.asym_id 
_pdbx_poly_seq_scheme.entity_id 
_pdbx_poly_seq_scheme.seq_id 
_pdbx_poly_seq_scheme.mon_id 
_pdbx_poly_seq_scheme.ndb_seq_num 
_pdbx_poly_seq_scheme.pdb_seq_num 
_pdbx_poly_seq_scheme.auth_seq_num 
_pdbx_poly_seq_scheme.pdb_mon_id 
_pdbx_poly_seq_scheme.auth_mon_id 
_pdbx_poly_seq_scheme.pdb_strand_id 
_pdbx_poly_seq_scheme.pdb_ins_code 
_pdbx_poly_seq_scheme.hetero 
A 1 1   GLY 1   209 209 GLY GLY A . n 
A 1 2   ALA 2   210 210 ALA ALA A . n 
A 1 3   MET 3   211 211 MET MET A . n 
A 1 4   LEU 4   212 212 LEU LEU A . n 
A 1 5   LYS 5   213 213 LYS LYS A . n 
A 1 6   ASP 6   214 214 ASP ASP A . n 
A 1 7   LYS 7   215 215 LYS LYS A . n 
A 1 8   SER 8   216 216 SER SER A . n 
A 1 9   LEU 9   217 217 LEU LEU A . n 
A 1 10  GLY 10  218 218 GLY GLY A . n 
A 1 11  GLU 11  219 219 GLU GLU A . n 
A 1 12  GLY 12  220 220 GLY GLY A . n 
A 1 13  ILE 13  221 221 ILE ILE A . n 
A 1 14  LYS 14  222 222 LYS LYS A . n 
A 1 15  ASP 15  223 223 ASP ASP A . n 
A 1 16  LEU 16  224 224 LEU LEU A . n 
A 1 17  VAL 17  225 225 VAL VAL A . n 
A 1 18  ILE 18  226 226 ILE ILE A . n 
A 1 19  ASP 19  227 227 ASP ASP A . n 
A 1 20  LEU 20  228 228 LEU LEU A . n 
A 1 21  GLN 21  229 229 GLN GLN A . n 
A 1 22  LYS 22  230 230 LYS LYS A . n 
A 1 23  LYS 23  231 231 LYS LYS A . n 
A 1 24  VAL 24  232 232 VAL VAL A . n 
A 1 25  PRO 25  233 233 PRO PRO A . n 
A 1 26  MET 26  234 234 MET MET A . n 
A 1 27  LYS 27  235 235 LYS LYS A . n 
A 1 28  VAL 28  236 236 VAL VAL A . n 
A 1 29  VAL 29  237 237 VAL VAL A . n 
A 1 30  HIS 30  238 238 HIS HIS A . n 
A 1 31  GLU 31  239 239 GLU GLU A . n 
A 1 32  ILE 32  240 240 ILE ILE A . n 
A 1 33  GLN 33  241 241 GLN GLN A . n 
A 1 34  ASP 34  242 242 ASP ASP A . n 
A 1 35  PHE 35  243 243 PHE PHE A . n 
A 1 36  LYS 36  244 244 LYS LYS A . n 
A 1 37  VAL 37  245 245 VAL VAL A . n 
A 1 38  PRO 38  246 246 PRO PRO A . n 
A 1 39  LYS 39  247 247 LYS LYS A . n 
A 1 40  GLY 40  248 248 GLY GLY A . n 
A 1 41  ILE 41  249 249 ILE ILE A . n 
A 1 42  GLU 42  250 250 GLU GLU A . n 
A 1 43  ASP 43  251 251 ASP ASP A . n 
A 1 44  HIS 44  252 252 HIS HIS A . n 
A 1 45  LEU 45  253 253 LEU LEU A . n 
A 1 46  PHE 46  254 254 PHE PHE A . n 
A 1 47  ARG 47  255 255 ARG ARG A . n 
A 1 48  ILE 48  256 256 ILE ILE A . n 
A 1 49  THR 49  257 257 THR THR A . n 
A 1 50  GLN 50  258 258 GLN GLN A . n 
A 1 51  GLU 51  259 259 GLU GLU A . n 
A 1 52  ALA 52  260 260 ALA ALA A . n 
A 1 53  ILE 53  261 261 ILE ILE A . n 
A 1 54  SER 54  262 262 SER SER A . n 
A 1 55  ASN 55  263 263 ASN ASN A . n 
A 1 56  THR 56  264 264 THR THR A . n 
A 1 57  LEU 57  265 265 LEU LEU A . n 
A 1 58  ARG 58  266 266 ARG ARG A . n 
A 1 59  HIS 59  267 267 HIS HIS A . n 
A 1 60  SER 60  268 268 SER SER A . n 
A 1 61  ASN 61  269 269 ASN ASN A . n 
A 1 62  GLY 62  270 270 GLY GLY A . n 
A 1 63  THR 63  271 271 THR THR A . n 
A 1 64  LYS 64  272 272 LYS LYS A . n 
A 1 65  VAL 65  273 273 VAL VAL A . n 
A 1 66  THR 66  274 274 THR THR A . n 
A 1 67  VAL 67  275 275 VAL VAL A . n 
A 1 68  GLU 68  276 276 GLU GLU A . n 
A 1 69  LEU 69  277 277 LEU LEU A . n 
A 1 70  PHE 70  278 278 PHE PHE A . n 
A 1 71  ASN 71  279 279 ASN ASN A . n 
A 1 72  LYS 72  280 280 LYS LYS A . n 
A 1 73  ASP 73  281 281 ASP ASP A . n 
A 1 74  ASP 74  282 282 ASP ASP A . n 
A 1 75  TYR 75  283 283 TYR TYR A . n 
A 1 76  LEU 76  284 284 LEU LEU A . n 
A 1 77  LEU 77  285 285 LEU LEU A . n 
A 1 78  LEU 78  286 286 LEU LEU A . n 
A 1 79  ARG 79  287 287 ARG ARG A . n 
A 1 80  ILE 80  288 288 ILE ILE A . n 
A 1 81  GLN 81  289 289 GLN GLN A . n 
A 1 82  ASP 82  290 290 ASP ASP A . n 
A 1 83  ASN 83  291 291 ASN ASN A . n 
A 1 84  GLY 84  292 292 GLY GLY A . n 
A 1 85  LYS 85  293 293 LYS LYS A . n 
A 1 86  GLY 86  294 294 GLY GLY A . n 
A 1 87  PHE 87  295 295 PHE PHE A . n 
A 1 88  ASN 88  296 296 ASN ASN A . n 
A 1 89  VAL 89  297 297 VAL VAL A . n 
A 1 90  ASP 90  298 298 ASP ASP A . n 
A 1 91  GLU 91  299 299 GLU GLU A . n 
A 1 92  LYS 92  300 300 LYS LYS A . n 
A 1 93  LEU 93  301 301 LEU LEU A . n 
A 1 94  GLU 94  302 302 GLU GLU A . n 
A 1 95  GLN 95  303 303 GLN GLN A . n 
A 1 96  SER 96  304 304 SER SER A . n 
A 1 97  TYR 97  305 305 TYR TYR A . n 
A 1 98  GLY 98  306 306 GLY GLY A . n 
A 1 99  LEU 99  307 307 LEU LEU A . n 
A 1 100 LYS 100 308 308 LYS LYS A . n 
A 1 101 ASN 101 309 309 ASN ASN A . n 
A 1 102 MET 102 310 310 MET MET A . n 
A 1 103 ARG 103 311 311 ARG ARG A . n 
A 1 104 GLU 104 312 312 GLU GLU A . n 
A 1 105 ARG 105 313 313 ARG ARG A . n 
A 1 106 ALA 106 314 314 ALA ALA A . n 
A 1 107 LEU 107 315 315 LEU LEU A . n 
A 1 108 GLU 108 316 316 GLU GLU A . n 
A 1 109 ILE 109 317 317 ILE ILE A . n 
A 1 110 GLY 110 318 318 GLY GLY A . n 
A 1 111 ALA 111 319 319 ALA ALA A . n 
A 1 112 THR 112 320 320 THR THR A . n 
A 1 113 PHE 113 321 321 PHE PHE A . n 
A 1 114 HIS 114 322 322 HIS HIS A . n 
A 1 115 ILE 115 323 323 ILE ILE A . n 
A 1 116 VAL 116 324 324 VAL VAL A . n 
A 1 117 SER 117 325 325 SER SER A . n 
A 1 118 LEU 118 326 326 LEU LEU A . n 
A 1 119 PRO 119 327 327 PRO PRO A . n 
A 1 120 ASP 120 328 328 ASP ASP A . n 
A 1 121 SER 121 329 329 SER SER A . n 
A 1 122 GLY 122 330 330 GLY GLY A . n 
A 1 123 THR 123 331 331 THR THR A . n 
A 1 124 ARG 124 332 332 ARG ARG A . n 
A 1 125 ILE 125 333 333 ILE ILE A . n 
A 1 126 GLU 126 334 334 GLU GLU A . n 
A 1 127 VAL 127 335 335 VAL VAL A . n 
A 1 128 LYS 128 336 336 LYS LYS A . n 
A 1 129 ALA 129 337 337 ALA ALA A . n 
A 1 130 PRO 130 338 338 PRO PRO A . n 
A 1 131 LEU 131 339 339 LEU LEU A . n 
A 1 132 ASN 132 340 340 ASN ASN A . n 
A 1 133 LYS 133 341 341 LYS LYS A . n 
A 1 134 GLU 134 342 ?   ?   ?   A . n 
A 1 135 ASP 135 343 ?   ?   ?   A . n 
A 1 136 SER 136 344 ?   ?   ?   A . n 
A 1 137 TYR 137 345 ?   ?   ?   A . n 
A 1 138 ASP 138 346 ?   ?   ?   A . n 
A 1 139 ASP 139 347 ?   ?   ?   A . n 
# 
loop_
_pdbx_nonpoly_scheme.asym_id 
_pdbx_nonpoly_scheme.entity_id 
_pdbx_nonpoly_scheme.mon_id 
_pdbx_nonpoly_scheme.ndb_seq_num 
_pdbx_nonpoly_scheme.pdb_seq_num 
_pdbx_nonpoly_scheme.auth_seq_num 
_pdbx_nonpoly_scheme.pdb_mon_id 
_pdbx_nonpoly_scheme.auth_mon_id 
_pdbx_nonpoly_scheme.pdb_strand_id 
_pdbx_nonpoly_scheme.pdb_ins_code 
B 2 ADP 1   401 1   ADP ADP A . 
C 3 MG  1   402 2   MG  MG  A . 
D 4 HOH 1   501 1   HOH HOH A . 
D 4 HOH 2   502 2   HOH HOH A . 
D 4 HOH 3   503 3   HOH HOH A . 
D 4 HOH 4   504 4   HOH HOH A . 
D 4 HOH 5   505 5   HOH HOH A . 
D 4 HOH 6   506 6   HOH HOH A . 
D 4 HOH 7   507 7   HOH HOH A . 
D 4 HOH 8   508 8   HOH HOH A . 
D 4 HOH 9   509 9   HOH HOH A . 
D 4 HOH 10  510 10  HOH HOH A . 
D 4 HOH 11  511 11  HOH HOH A . 
D 4 HOH 12  512 12  HOH HOH A . 
D 4 HOH 13  513 13  HOH HOH A . 
D 4 HOH 14  514 14  HOH HOH A . 
D 4 HOH 15  515 15  HOH HOH A . 
D 4 HOH 16  516 16  HOH HOH A . 
D 4 HOH 17  517 17  HOH HOH A . 
D 4 HOH 18  518 18  HOH HOH A . 
D 4 HOH 19  519 19  HOH HOH A . 
D 4 HOH 20  520 20  HOH HOH A . 
D 4 HOH 21  521 21  HOH HOH A . 
D 4 HOH 22  522 22  HOH HOH A . 
D 4 HOH 23  523 23  HOH HOH A . 
D 4 HOH 24  524 24  HOH HOH A . 
D 4 HOH 25  525 25  HOH HOH A . 
D 4 HOH 26  526 26  HOH HOH A . 
D 4 HOH 27  527 27  HOH HOH A . 
D 4 HOH 28  528 28  HOH HOH A . 
D 4 HOH 29  529 29  HOH HOH A . 
D 4 HOH 30  530 30  HOH HOH A . 
D 4 HOH 31  531 31  HOH HOH A . 
D 4 HOH 32  532 32  HOH HOH A . 
D 4 HOH 33  533 33  HOH HOH A . 
D 4 HOH 34  534 34  HOH HOH A . 
D 4 HOH 35  535 35  HOH HOH A . 
D 4 HOH 36  536 36  HOH HOH A . 
D 4 HOH 37  537 37  HOH HOH A . 
D 4 HOH 38  538 38  HOH HOH A . 
D 4 HOH 39  539 39  HOH HOH A . 
D 4 HOH 40  540 40  HOH HOH A . 
D 4 HOH 41  541 41  HOH HOH A . 
D 4 HOH 42  542 42  HOH HOH A . 
D 4 HOH 43  543 43  HOH HOH A . 
D 4 HOH 44  544 44  HOH HOH A . 
D 4 HOH 45  545 45  HOH HOH A . 
D 4 HOH 46  546 46  HOH HOH A . 
D 4 HOH 47  547 47  HOH HOH A . 
D 4 HOH 48  548 48  HOH HOH A . 
D 4 HOH 49  549 49  HOH HOH A . 
D 4 HOH 50  550 50  HOH HOH A . 
D 4 HOH 51  551 51  HOH HOH A . 
D 4 HOH 52  552 52  HOH HOH A . 
D 4 HOH 53  553 53  HOH HOH A . 
D 4 HOH 54  554 54  HOH HOH A . 
D 4 HOH 55  555 55  HOH HOH A . 
D 4 HOH 56  556 56  HOH HOH A . 
D 4 HOH 57  557 57  HOH HOH A . 
D 4 HOH 58  558 58  HOH HOH A . 
D 4 HOH 59  559 59  HOH HOH A . 
D 4 HOH 60  560 60  HOH HOH A . 
D 4 HOH 61  561 61  HOH HOH A . 
D 4 HOH 62  562 62  HOH HOH A . 
D 4 HOH 63  563 63  HOH HOH A . 
D 4 HOH 64  564 64  HOH HOH A . 
D 4 HOH 65  565 65  HOH HOH A . 
D 4 HOH 66  566 66  HOH HOH A . 
D 4 HOH 67  567 67  HOH HOH A . 
D 4 HOH 68  568 68  HOH HOH A . 
D 4 HOH 69  569 69  HOH HOH A . 
D 4 HOH 70  570 70  HOH HOH A . 
D 4 HOH 71  571 71  HOH HOH A . 
D 4 HOH 72  572 72  HOH HOH A . 
D 4 HOH 73  573 73  HOH HOH A . 
D 4 HOH 74  574 74  HOH HOH A . 
D 4 HOH 75  575 75  HOH HOH A . 
D 4 HOH 76  576 76  HOH HOH A . 
D 4 HOH 77  577 77  HOH HOH A . 
D 4 HOH 78  578 78  HOH HOH A . 
D 4 HOH 79  579 79  HOH HOH A . 
D 4 HOH 80  580 80  HOH HOH A . 
D 4 HOH 81  581 81  HOH HOH A . 
D 4 HOH 82  582 82  HOH HOH A . 
D 4 HOH 83  583 83  HOH HOH A . 
D 4 HOH 84  584 84  HOH HOH A . 
D 4 HOH 85  585 85  HOH HOH A . 
D 4 HOH 86  586 86  HOH HOH A . 
D 4 HOH 87  587 87  HOH HOH A . 
D 4 HOH 88  588 88  HOH HOH A . 
D 4 HOH 89  589 89  HOH HOH A . 
D 4 HOH 90  590 90  HOH HOH A . 
D 4 HOH 91  591 91  HOH HOH A . 
D 4 HOH 92  592 92  HOH HOH A . 
D 4 HOH 93  593 93  HOH HOH A . 
D 4 HOH 94  594 94  HOH HOH A . 
D 4 HOH 95  595 95  HOH HOH A . 
D 4 HOH 96  596 96  HOH HOH A . 
D 4 HOH 97  597 97  HOH HOH A . 
D 4 HOH 98  598 98  HOH HOH A . 
D 4 HOH 99  599 99  HOH HOH A . 
D 4 HOH 100 600 100 HOH HOH A . 
D 4 HOH 101 601 101 HOH HOH A . 
D 4 HOH 102 602 102 HOH HOH A . 
D 4 HOH 103 603 103 HOH HOH A . 
D 4 HOH 104 604 104 HOH HOH A . 
D 4 HOH 105 605 105 HOH HOH A . 
D 4 HOH 106 606 106 HOH HOH A . 
D 4 HOH 107 607 107 HOH HOH A . 
D 4 HOH 108 608 108 HOH HOH A . 
D 4 HOH 109 609 109 HOH HOH A . 
D 4 HOH 110 610 110 HOH HOH A . 
D 4 HOH 111 611 111 HOH HOH A . 
D 4 HOH 112 612 112 HOH HOH A . 
D 4 HOH 113 613 113 HOH HOH A . 
D 4 HOH 114 614 114 HOH HOH A . 
D 4 HOH 115 615 115 HOH HOH A . 
D 4 HOH 116 616 116 HOH HOH A . 
D 4 HOH 117 617 117 HOH HOH A . 
D 4 HOH 118 618 118 HOH HOH A . 
D 4 HOH 119 619 119 HOH HOH A . 
D 4 HOH 120 620 120 HOH HOH A . 
D 4 HOH 121 621 121 HOH HOH A . 
D 4 HOH 122 622 122 HOH HOH A . 
D 4 HOH 123 623 123 HOH HOH A . 
D 4 HOH 124 624 124 HOH HOH A . 
D 4 HOH 125 625 125 HOH HOH A . 
D 4 HOH 126 626 126 HOH HOH A . 
D 4 HOH 127 627 127 HOH HOH A . 
D 4 HOH 128 628 128 HOH HOH A . 
D 4 HOH 129 629 129 HOH HOH A . 
D 4 HOH 130 630 130 HOH HOH A . 
D 4 HOH 131 631 131 HOH HOH A . 
D 4 HOH 132 632 132 HOH HOH A . 
D 4 HOH 133 633 133 HOH HOH A . 
D 4 HOH 134 634 134 HOH HOH A . 
D 4 HOH 135 635 135 HOH HOH A . 
D 4 HOH 136 636 136 HOH HOH A . 
# 
loop_
_software.pdbx_ordinal 
_software.name 
_software.version 
_software.date 
_software.type 
_software.contact_author 
_software.contact_author_email 
_software.classification 
_software.location 
_software.language 
_software.citation_id 
1 DENZO       .        ?                program 'Zbyszek Otwinowski'    hkl@hkl-xray.com            'data reduction'  
http://www.hkl-xray.com/                    ?   ? 
2 SCALEPACK   .        ?                program 'Zbyszek Otwinowski'    hkl@hkl-xray.com            'data scaling'    
http://www.hkl-xray.com/                    ?   ? 
3 PHASER      .        ?                program 'Randy J. Read'         cimr-phaser@lists.cam.ac.uk phasing           
http://www-structmed.cimr.cam.ac.uk/phaser/ ?   ? 
4 RESOLVE     .        ?                program 'Thomas C. Terwilliger' terwilliger@lanl.gov        phasing           
http://www.solve.lanl.gov/                  ?   ? 
5 PHENIX      1.8_1066 ?                package 'Paul D. Adams'         PDAdams@lbl.gov             refinement        
http://www.phenix-online.org/               C++ ? 
6 PDB_EXTRACT 3.11     'April 22, 2011' package PDB                     deposit@deposit.rcsb.org    'data extraction' 
http://sw-tools.pdb.org/apps/PDB_EXTRACT/   C++ ? 
7 ADSC        Quantum  ?                ?       ?                       ?                           'data collection' ? ?   ? 
# 
_cell.length_a           31.192 
_cell.length_b           47.233 
_cell.length_c           89.398 
_cell.angle_alpha        90.000 
_cell.angle_beta         90.000 
_cell.angle_gamma        90.000 
_cell.entry_id           4GT8 
_cell.pdbx_unique_axis   ? 
_cell.Z_PDB              4 
_cell.length_a_esd       ? 
_cell.length_b_esd       ? 
_cell.length_c_esd       ? 
_cell.angle_alpha_esd    ? 
_cell.angle_beta_esd     ? 
_cell.angle_gamma_esd    ? 
# 
_symmetry.space_group_name_H-M             'P 21 21 21' 
_symmetry.entry_id                         4GT8 
_symmetry.Int_Tables_number                19 
_symmetry.pdbx_full_space_group_name_H-M   ? 
_symmetry.cell_setting                     ? 
_symmetry.space_group_name_Hall            ? 
# 
_exptl.crystals_number   1 
_exptl.entry_id          4GT8 
_exptl.method            'X-RAY DIFFRACTION' 
# 
_exptl_crystal.id                    1 
_exptl_crystal.density_Matthews      2.09 
_exptl_crystal.density_meas          ? 
_exptl_crystal.density_percent_sol   41.06 
_exptl_crystal.description           ? 
_exptl_crystal.F_000                 ? 
_exptl_crystal.preparation           ? 
# 
_exptl_crystal_grow.crystal_id      1 
_exptl_crystal_grow.method          'VAPOR DIFFUSION' 
_exptl_crystal_grow.pH              8.5 
_exptl_crystal_grow.temp            293 
_exptl_crystal_grow.pdbx_details    '100 mM Tris-HCl, 450 mM MgCl2, 30% (w/v) PEG 3350, pH 8.5, vapor diffusion, temperature 293K' 
_exptl_crystal_grow.temp_details    ? 
_exptl_crystal_grow.pdbx_pH_range   ? 
# 
_diffrn.id                     1 
_diffrn.ambient_temp           100 
_diffrn.ambient_temp_details   ? 
_diffrn.crystal_id             1 
# 
_diffrn_detector.diffrn_id              1 
_diffrn_detector.detector               CCD 
_diffrn_detector.type                   'ADSC QUANTUM 270' 
_diffrn_detector.pdbx_collection_date   2012-03-05 
_diffrn_detector.details                ? 
# 
_diffrn_radiation.diffrn_id                        1 
_diffrn_radiation.pdbx_diffrn_protocol             'SINGLE WAVELENGTH' 
_diffrn_radiation.monochromator                    'Si 111 CHANNEL' 
_diffrn_radiation.wavelength_id                    1 
_diffrn_radiation.pdbx_monochromatic_or_laue_m_l   M 
_diffrn_radiation.pdbx_scattering_type             x-ray 
# 
_diffrn_radiation_wavelength.id           1 
_diffrn_radiation_wavelength.wavelength   0.91810 
_diffrn_radiation_wavelength.wt           1.0 
# 
_diffrn_source.diffrn_id                   1 
_diffrn_source.source                      SYNCHROTRON 
_diffrn_source.type                        'CHESS BEAMLINE F1' 
_diffrn_source.pdbx_wavelength_list        0.91810 
_diffrn_source.pdbx_wavelength             ? 
_diffrn_source.pdbx_synchrotron_site       CHESS 
_diffrn_source.pdbx_synchrotron_beamline   F1 
# 
_reflns.entry_id                     4GT8 
_reflns.d_resolution_high            1.510 
_reflns.d_resolution_low             30.000 
_reflns.number_obs                   21323 
_reflns.pdbx_Rmerge_I_obs            ? 
_reflns.pdbx_netI_over_sigmaI        5.600 
_reflns.pdbx_chi_squared             1.823 
_reflns.pdbx_redundancy              12.700 
_reflns.percent_possible_obs         98.900 
_reflns.observed_criterion_sigma_F   0 
_reflns.observed_criterion_sigma_I   0 
_reflns.number_all                   21323 
_reflns.pdbx_Rsym_value              0.115 
_reflns.B_iso_Wilson_estimate        ? 
_reflns.R_free_details               ? 
_reflns.limit_h_max                  ? 
_reflns.limit_h_min                  ? 
_reflns.limit_k_max                  ? 
_reflns.limit_k_min                  ? 
_reflns.limit_l_max                  ? 
_reflns.limit_l_min                  ? 
_reflns.observed_criterion_F_max     ? 
_reflns.observed_criterion_F_min     ? 
_reflns.pdbx_scaling_rejects         ? 
_reflns.pdbx_ordinal                 1 
_reflns.pdbx_diffrn_id               1 
# 
loop_
_reflns_shell.d_res_high 
_reflns_shell.d_res_low 
_reflns_shell.number_measured_obs 
_reflns_shell.number_measured_all 
_reflns_shell.number_unique_obs 
_reflns_shell.Rmerge_I_obs 
_reflns_shell.meanI_over_sigI_obs 
_reflns_shell.pdbx_Rsym_value 
_reflns_shell.pdbx_chi_squared 
_reflns_shell.pdbx_redundancy 
_reflns_shell.percent_possible_obs 
_reflns_shell.number_unique_all 
_reflns_shell.percent_possible_all 
_reflns_shell.pdbx_ordinal 
_reflns_shell.pdbx_diffrn_id 
1.510 1.540  ? ? ? ? 2.0  ?     1.418 11.200 ? 1053 98.900  1  1 
1.540 1.560  ? ? ? ? 2.3  ?     1.436 11.900 ? 1054 98.900  2  1 
1.560 1.590  ? ? ? ? 2.8  ?     1.463 12.400 ? 1012 99.500  3  1 
1.590 1.630  ? ? ? ? 3.3  ?     1.488 12.800 ? 1075 98.300  4  1 
1.630 1.660  ? ? ? ? 3.9  0.988 1.542 12.900 ? 1030 98.600  5  1 
1.660 1.700  ? ? ? ? 4.4  0.884 1.513 13.100 ? 1036 99.100  6  1 
1.700 1.740  ? ? ? ? 5.4  0.745 1.548 12.900 ? 1065 98.800  7  1 
1.740 1.790  ? ? ? ? 5.5  0.733 1.589 13.000 ? 1021 98.200  8  1 
1.790 1.840  ? ? ? ? 7.0  0.571 1.664 12.800 ? 1056 98.100  9  1 
1.840 1.900  ? ? ? ? 8.2  0.495 1.708 12.900 ? 1029 98.000  10 1 
1.900 1.970  ? ? ? ? 11.6 0.351 1.785 12.800 ? 1073 98.700  11 1 
1.970 2.050  ? ? ? ? 16.1 0.258 1.907 12.900 ? 1041 98.600  12 1 
2.050 2.140  ? ? ? ? 17.6 0.226 1.904 12.700 ? 1051 99.000  13 1 
2.140 2.260  ? ? ? ? 22.6 0.176 1.945 12.600 ? 1078 98.800  14 1 
2.260 2.400  ? ? ? ? 25.6 0.156 2.014 12.700 ? 1059 99.000  15 1 
2.400 2.580  ? ? ? ? 30.9 0.128 1.953 12.600 ? 1085 99.500  16 1 
2.580 2.840  ? ? ? ? 39.0 0.103 2.036 12.700 ? 1090 99.700  17 1 
2.840 3.250  ? ? ? ? 51.2 0.079 2.060 13.300 ? 1090 100.000 18 1 
3.250 4.100  ? ? ? ? 68.8 0.063 2.435 13.600 ? 1124 99.900  19 1 
4.100 30.000 ? ? ? ? 71.5 0.062 2.742 12.400 ? 1201 99.300  20 1 
# 
_refine.entry_id                                 4GT8 
_refine.ls_d_res_high                            1.51 
_refine.ls_d_res_low                             29.4510 
_refine.pdbx_ls_sigma_F                          0.000 
_refine.pdbx_data_cutoff_high_absF               ? 
_refine.pdbx_data_cutoff_low_absF                ? 
_refine.ls_percent_reflns_obs                    92.0800 
_refine.ls_number_reflns_obs                     19830 
_refine.ls_number_reflns_all                     19830 
_refine.pdbx_ls_cross_valid_method               ? 
_refine.pdbx_R_Free_selection_details            RANDOM 
_refine.details                                  ? 
_refine.ls_R_factor_all                          ? 
_refine.ls_R_factor_obs                          0.1840 
_refine.ls_R_factor_R_work                       0.1832 
_refine.ls_wR_factor_R_work                      ? 
_refine.ls_R_factor_R_free                       0.1990 
_refine.ls_wR_factor_R_free                      ? 
_refine.ls_percent_reflns_R_free                 5.0700 
_refine.ls_number_reflns_R_free                  1005 
_refine.ls_R_factor_R_free_error                 ? 
_refine.B_iso_mean                               28.0859 
_refine.solvent_model_param_bsol                 ? 
_refine.solvent_model_param_ksol                 ? 
_refine.pdbx_isotropic_thermal_model             ? 
_refine.aniso_B[1][1]                            ? 
_refine.aniso_B[2][2]                            ? 
_refine.aniso_B[3][3]                            ? 
_refine.aniso_B[1][2]                            ? 
_refine.aniso_B[1][3]                            ? 
_refine.aniso_B[2][3]                            ? 
_refine.correlation_coeff_Fo_to_Fc               ? 
_refine.correlation_coeff_Fo_to_Fc_free          ? 
_refine.overall_SU_R_Cruickshank_DPI             ? 
_refine.overall_SU_R_free                        ? 
_refine.pdbx_overall_ESU_R                       ? 
_refine.pdbx_overall_ESU_R_Free                  ? 
_refine.overall_SU_ML                            0.1000 
_refine.overall_SU_B                             ? 
_refine.solvent_model_details                    'FLAT BULK SOLVENT MODEL' 
_refine.pdbx_solvent_vdw_probe_radii             1.1100 
_refine.pdbx_solvent_ion_probe_radii             ? 
_refine.pdbx_solvent_shrinkage_radii             0.9000 
_refine.ls_number_parameters                     ? 
_refine.ls_number_restraints                     ? 
_refine.pdbx_starting_model                      ? 
_refine.pdbx_method_to_determine_struct          'MOLECULAR REPLACEMENT' 
_refine.pdbx_stereochemistry_target_values       ML 
_refine.pdbx_stereochem_target_val_spec_case     ? 
_refine.overall_FOM_work_R_set                   0.8179 
_refine.B_iso_max                                63.120 
_refine.B_iso_min                                15.880 
_refine.pdbx_overall_phase_error                 24.1200 
_refine.occupancy_max                            1.000 
_refine.occupancy_min                            0.200 
_refine.pdbx_ls_sigma_I                          ? 
_refine.ls_redundancy_reflns_obs                 ? 
_refine.ls_R_factor_R_free_error_details         ? 
_refine.pdbx_data_cutoff_high_rms_absF           ? 
_refine.overall_FOM_free_R_set                   ? 
_refine.pdbx_diffrn_id                           1 
_refine.pdbx_refine_id                           'X-RAY DIFFRACTION' 
_refine.pdbx_TLS_residual_ADP_flag               ? 
_refine.pdbx_overall_SU_R_free_Cruickshank_DPI   ? 
_refine.pdbx_overall_SU_R_Blow_DPI               ? 
_refine.pdbx_overall_SU_R_free_Blow_DPI          ? 
# 
_refine_hist.pdbx_refine_id                   'X-RAY DIFFRACTION' 
_refine_hist.cycle_id                         LAST 
_refine_hist.pdbx_number_atoms_protein        1056 
_refine_hist.pdbx_number_atoms_nucleic_acid   0 
_refine_hist.pdbx_number_atoms_ligand         28 
_refine_hist.number_atoms_solvent             136 
_refine_hist.number_atoms_total               1220 
_refine_hist.d_res_high                       1.51 
_refine_hist.d_res_low                        29.4510 
# 
loop_
_refine_ls_restr.type 
_refine_ls_restr.number 
_refine_ls_restr.dev_ideal 
_refine_ls_restr.dev_ideal_target 
_refine_ls_restr.weight 
_refine_ls_restr.pdbx_restraint_function 
_refine_ls_restr.pdbx_refine_id 
f_bond_d           1136 0.007  ? ? ? 'X-RAY DIFFRACTION' 
f_angle_d          1546 1.208  ? ? ? 'X-RAY DIFFRACTION' 
f_chiral_restr     175  0.072  ? ? ? 'X-RAY DIFFRACTION' 
f_plane_restr      194  0.004  ? ? ? 'X-RAY DIFFRACTION' 
f_dihedral_angle_d 450  14.913 ? ? ? 'X-RAY DIFFRACTION' 
# 
loop_
_refine_ls_shell.d_res_high 
_refine_ls_shell.d_res_low 
_refine_ls_shell.pdbx_total_number_of_bins_used 
_refine_ls_shell.percent_reflns_obs 
_refine_ls_shell.number_reflns_R_work 
_refine_ls_shell.R_factor_all 
_refine_ls_shell.R_factor_R_work 
_refine_ls_shell.R_factor_R_free 
_refine_ls_shell.percent_reflns_R_free 
_refine_ls_shell.number_reflns_R_free 
_refine_ls_shell.R_factor_R_free_error 
_refine_ls_shell.number_reflns_all 
_refine_ls_shell.number_reflns_obs 
_refine_ls_shell.redundancy_reflns_obs 
_refine_ls_shell.pdbx_refine_id 
1.51   1.5880  7 81.0000 2319 . 0.2852 0.3284 . 127 . 2446 . . 'X-RAY DIFFRACTION' 
1.5880 1.6875  7 87.0000 2505 . 0.2398 0.2370 . 130 . 2635 . . 'X-RAY DIFFRACTION' 
1.6875 1.8178  7 89.0000 2565 . 0.2153 0.2657 . 135 . 2700 . . 'X-RAY DIFFRACTION' 
1.8178 2.0007  7 92.0000 2644 . 0.1859 0.2093 . 146 . 2790 . . 'X-RAY DIFFRACTION' 
2.0007 2.2901  7 97.0000 2835 . 0.1673 0.2058 . 152 . 2987 . . 'X-RAY DIFFRACTION' 
2.2901 2.8849  7 98.0000 2884 . 0.1822 0.2024 . 152 . 3036 . . 'X-RAY DIFFRACTION' 
2.8849 29.4564 7 99.0000 3073 . 0.1661 0.1657 . 163 . 3236 . . 'X-RAY DIFFRACTION' 
# 
_struct.entry_id                  4GT8 
_struct.title                     'Crystal Structure of the Catalytic and ATP-binding Domain from VraS in Complex with ADP' 
_struct.pdbx_model_details        ? 
_struct.pdbx_CASP_flag            ? 
_struct.pdbx_model_type_details   ? 
# 
_struct_keywords.entry_id        4GT8 
_struct_keywords.text            
;Histidine kinase, ATP hydrolysis, Two-component system, Bacterial signalling, Kinase, ATP-binding, Phosphorylation, Membrane, TRANSFERASE
;
_struct_keywords.pdbx_keywords   TRANSFERASE 
# 
loop_
_struct_asym.id 
_struct_asym.pdbx_blank_PDB_chainid_flag 
_struct_asym.pdbx_modified 
_struct_asym.entity_id 
_struct_asym.details 
A N N 1 ? 
B N N 2 ? 
C N N 3 ? 
D N N 4 ? 
# 
_struct_ref.id                         1 
_struct_ref.db_name                    UNP 
_struct_ref.db_code                    VRAS_STAAM 
_struct_ref.pdbx_db_accession          Q7A2Q0 
_struct_ref.entity_id                  1 
_struct_ref.pdbx_seq_one_letter_code   
;LKDKSLGEGIKDLVIDLQKKVPMKVVHEIQDFKVPKGIEDHLFRITQEAISNTLRHSNGTKVTVELFNKDDYLLLRIQDN
GKGFNVDEKLEQSYGLKNMRERALEIGATFHIVSLPDSGTRIEVKAPLNKEDSYDD
;
_struct_ref.pdbx_align_begin           212 
_struct_ref.pdbx_db_isoform            ? 
# 
_struct_ref_seq.align_id                      1 
_struct_ref_seq.ref_id                        1 
_struct_ref_seq.pdbx_PDB_id_code              4GT8 
_struct_ref_seq.pdbx_strand_id                A 
_struct_ref_seq.seq_align_beg                 4 
_struct_ref_seq.pdbx_seq_align_beg_ins_code   ? 
_struct_ref_seq.seq_align_end                 139 
_struct_ref_seq.pdbx_seq_align_end_ins_code   ? 
_struct_ref_seq.pdbx_db_accession             Q7A2Q0 
_struct_ref_seq.db_align_beg                  212 
_struct_ref_seq.pdbx_db_align_beg_ins_code    ? 
_struct_ref_seq.db_align_end                  347 
_struct_ref_seq.pdbx_db_align_end_ins_code    ? 
_struct_ref_seq.pdbx_auth_seq_align_beg       212 
_struct_ref_seq.pdbx_auth_seq_align_end       347 
# 
loop_
_struct_ref_seq_dif.align_id 
_struct_ref_seq_dif.pdbx_pdb_id_code 
_struct_ref_seq_dif.mon_id 
_struct_ref_seq_dif.pdbx_pdb_strand_id 
_struct_ref_seq_dif.seq_num 
_struct_ref_seq_dif.pdbx_pdb_ins_code 
_struct_ref_seq_dif.pdbx_seq_db_name 
_struct_ref_seq_dif.pdbx_seq_db_accession_code 
_struct_ref_seq_dif.db_mon_id 
_struct_ref_seq_dif.pdbx_seq_db_seq_num 
_struct_ref_seq_dif.details 
_struct_ref_seq_dif.pdbx_auth_seq_num 
_struct_ref_seq_dif.pdbx_ordinal 
1 4GT8 GLY A 1 ? UNP Q7A2Q0 ? ? 'expression tag' 209 1 
1 4GT8 ALA A 2 ? UNP Q7A2Q0 ? ? 'expression tag' 210 2 
1 4GT8 MET A 3 ? UNP Q7A2Q0 ? ? 'expression tag' 211 3 
# 
_pdbx_struct_assembly.id                   1 
_pdbx_struct_assembly.details              author_and_software_defined_assembly 
_pdbx_struct_assembly.method_details       PISA 
_pdbx_struct_assembly.oligomeric_details   monomeric 
_pdbx_struct_assembly.oligomeric_count     1 
# 
_pdbx_struct_assembly_gen.assembly_id       1 
_pdbx_struct_assembly_gen.oper_expression   1 
_pdbx_struct_assembly_gen.asym_id_list      A,B,C,D 
# 
_pdbx_struct_oper_list.id                   1 
_pdbx_struct_oper_list.type                 'identity operation' 
_pdbx_struct_oper_list.name                 1_555 
_pdbx_struct_oper_list.symmetry_operation   x,y,z 
_pdbx_struct_oper_list.matrix[1][1]         1.0000000000 
_pdbx_struct_oper_list.matrix[1][2]         0.0000000000 
_pdbx_struct_oper_list.matrix[1][3]         0.0000000000 
_pdbx_struct_oper_list.vector[1]            0.0000000000 
_pdbx_struct_oper_list.matrix[2][1]         0.0000000000 
_pdbx_struct_oper_list.matrix[2][2]         1.0000000000 
_pdbx_struct_oper_list.matrix[2][3]         0.0000000000 
_pdbx_struct_oper_list.vector[2]            0.0000000000 
_pdbx_struct_oper_list.matrix[3][1]         0.0000000000 
_pdbx_struct_oper_list.matrix[3][2]         0.0000000000 
_pdbx_struct_oper_list.matrix[3][3]         1.0000000000 
_pdbx_struct_oper_list.vector[3]            0.0000000000 
# 
_struct_biol.id        1 
_struct_biol.details   ? 
# 
loop_
_struct_conf.conf_type_id 
_struct_conf.id 
_struct_conf.pdbx_PDB_helix_id 
_struct_conf.beg_label_comp_id 
_struct_conf.beg_label_asym_id 
_struct_conf.beg_label_seq_id 
_struct_conf.pdbx_beg_PDB_ins_code 
_struct_conf.end_label_comp_id 
_struct_conf.end_label_asym_id 
_struct_conf.end_label_seq_id 
_struct_conf.pdbx_end_PDB_ins_code 
_struct_conf.beg_auth_comp_id 
_struct_conf.beg_auth_asym_id 
_struct_conf.beg_auth_seq_id 
_struct_conf.end_auth_comp_id 
_struct_conf.end_auth_asym_id 
_struct_conf.end_auth_seq_id 
_struct_conf.pdbx_PDB_helix_class 
_struct_conf.details 
_struct_conf.pdbx_PDB_helix_length 
HELX_P HELX_P1 1 SER A 8  ? LYS A 22  ? SER A 216 LYS A 230 1 ? 15 
HELX_P HELX_P2 2 PRO A 38 ? SER A 60  ? PRO A 246 SER A 268 1 ? 23 
HELX_P HELX_P3 3 ASN A 88 ? LEU A 93  ? ASN A 296 LEU A 301 1 ? 6  
HELX_P HELX_P4 4 SER A 96 ? ILE A 109 ? SER A 304 ILE A 317 1 ? 14 
# 
_struct_conf_type.id          HELX_P 
_struct_conf_type.criteria    ? 
_struct_conf_type.reference   ? 
# 
loop_
_struct_conn.id 
_struct_conn.conn_type_id 
_struct_conn.pdbx_leaving_atom_flag 
_struct_conn.pdbx_PDB_id 
_struct_conn.ptnr1_label_asym_id 
_struct_conn.ptnr1_label_comp_id 
_struct_conn.ptnr1_label_seq_id 
_struct_conn.ptnr1_label_atom_id 
_struct_conn.pdbx_ptnr1_label_alt_id 
_struct_conn.pdbx_ptnr1_PDB_ins_code 
_struct_conn.pdbx_ptnr1_standard_comp_id 
_struct_conn.ptnr1_symmetry 
_struct_conn.ptnr2_label_asym_id 
_struct_conn.ptnr2_label_comp_id 
_struct_conn.ptnr2_label_seq_id 
_struct_conn.ptnr2_label_atom_id 
_struct_conn.pdbx_ptnr2_label_alt_id 
_struct_conn.pdbx_ptnr2_PDB_ins_code 
_struct_conn.ptnr1_auth_asym_id 
_struct_conn.ptnr1_auth_comp_id 
_struct_conn.ptnr1_auth_seq_id 
_struct_conn.ptnr2_auth_asym_id 
_struct_conn.ptnr2_auth_comp_id 
_struct_conn.ptnr2_auth_seq_id 
_struct_conn.ptnr2_symmetry 
_struct_conn.pdbx_ptnr3_label_atom_id 
_struct_conn.pdbx_ptnr3_label_seq_id 
_struct_conn.pdbx_ptnr3_label_comp_id 
_struct_conn.pdbx_ptnr3_label_asym_id 
_struct_conn.pdbx_ptnr3_label_alt_id 
_struct_conn.pdbx_ptnr3_PDB_ins_code 
_struct_conn.details 
_struct_conn.pdbx_dist_value 
_struct_conn.pdbx_value_order 
_struct_conn.pdbx_role 
metalc1 metalc ? ? A GLU 51 OE2 ? ? ? 1_555 C MG  . MG ? ? A GLU 259 A MG  402 1_555 ? ? ? ? ? ? ? 2.043 ? ? 
metalc2 metalc ? ? A ASN 55 OD1 ? ? ? 1_555 C MG  . MG ? ? A ASN 263 A MG  402 1_555 ? ? ? ? ? ? ? 2.048 ? ? 
metalc3 metalc ? ? B ADP .  O2A ? ? ? 1_555 C MG  . MG ? ? A ADP 401 A MG  402 1_555 ? ? ? ? ? ? ? 1.947 ? ? 
metalc4 metalc ? ? B ADP .  O3B ? ? ? 1_555 C MG  . MG ? ? A ADP 401 A MG  402 1_555 ? ? ? ? ? ? ? 2.070 ? ? 
metalc5 metalc ? ? C MG  .  MG  ? ? ? 1_555 D HOH . O  ? ? A MG  402 A HOH 574 1_555 ? ? ? ? ? ? ? 2.071 ? ? 
metalc6 metalc ? ? C MG  .  MG  ? ? ? 1_555 D HOH . O  ? ? A MG  402 A HOH 576 1_555 ? ? ? ? ? ? ? 2.073 ? ? 
# 
_struct_conn_type.id          metalc 
_struct_conn_type.criteria    ? 
_struct_conn_type.reference   ? 
# 
loop_
_pdbx_struct_conn_angle.id 
_pdbx_struct_conn_angle.ptnr1_label_atom_id 
_pdbx_struct_conn_angle.ptnr1_label_alt_id 
_pdbx_struct_conn_angle.ptnr1_label_asym_id 
_pdbx_struct_conn_angle.ptnr1_label_comp_id 
_pdbx_struct_conn_angle.ptnr1_label_seq_id 
_pdbx_struct_conn_angle.ptnr1_auth_atom_id 
_pdbx_struct_conn_angle.ptnr1_auth_asym_id 
_pdbx_struct_conn_angle.ptnr1_auth_comp_id 
_pdbx_struct_conn_angle.ptnr1_auth_seq_id 
_pdbx_struct_conn_angle.ptnr1_PDB_ins_code 
_pdbx_struct_conn_angle.ptnr1_symmetry 
_pdbx_struct_conn_angle.ptnr2_label_atom_id 
_pdbx_struct_conn_angle.ptnr2_label_alt_id 
_pdbx_struct_conn_angle.ptnr2_label_asym_id 
_pdbx_struct_conn_angle.ptnr2_label_comp_id 
_pdbx_struct_conn_angle.ptnr2_label_seq_id 
_pdbx_struct_conn_angle.ptnr2_auth_atom_id 
_pdbx_struct_conn_angle.ptnr2_auth_asym_id 
_pdbx_struct_conn_angle.ptnr2_auth_comp_id 
_pdbx_struct_conn_angle.ptnr2_auth_seq_id 
_pdbx_struct_conn_angle.ptnr2_PDB_ins_code 
_pdbx_struct_conn_angle.ptnr2_symmetry 
_pdbx_struct_conn_angle.ptnr3_label_atom_id 
_pdbx_struct_conn_angle.ptnr3_label_alt_id 
_pdbx_struct_conn_angle.ptnr3_label_asym_id 
_pdbx_struct_conn_angle.ptnr3_label_comp_id 
_pdbx_struct_conn_angle.ptnr3_label_seq_id 
_pdbx_struct_conn_angle.ptnr3_auth_atom_id 
_pdbx_struct_conn_angle.ptnr3_auth_asym_id 
_pdbx_struct_conn_angle.ptnr3_auth_comp_id 
_pdbx_struct_conn_angle.ptnr3_auth_seq_id 
_pdbx_struct_conn_angle.ptnr3_PDB_ins_code 
_pdbx_struct_conn_angle.ptnr3_symmetry 
_pdbx_struct_conn_angle.value 
_pdbx_struct_conn_angle.value_esd 
1  OE2 ? A GLU 51 ? A GLU 259 ? 1_555 MG ? C MG . ? A MG 402 ? 1_555 OD1 ? A ASN 55 ? A ASN 263 ? 1_555 89.4  ? 
2  OE2 ? A GLU 51 ? A GLU 259 ? 1_555 MG ? C MG . ? A MG 402 ? 1_555 O2A ? B ADP .  ? A ADP 401 ? 1_555 86.7  ? 
3  OD1 ? A ASN 55 ? A ASN 263 ? 1_555 MG ? C MG . ? A MG 402 ? 1_555 O2A ? B ADP .  ? A ADP 401 ? 1_555 88.6  ? 
4  OE2 ? A GLU 51 ? A GLU 259 ? 1_555 MG ? C MG . ? A MG 402 ? 1_555 O3B ? B ADP .  ? A ADP 401 ? 1_555 175.5 ? 
5  OD1 ? A ASN 55 ? A ASN 263 ? 1_555 MG ? C MG . ? A MG 402 ? 1_555 O3B ? B ADP .  ? A ADP 401 ? 1_555 91.0  ? 
6  O2A ? B ADP .  ? A ADP 401 ? 1_555 MG ? C MG . ? A MG 402 ? 1_555 O3B ? B ADP .  ? A ADP 401 ? 1_555 88.8  ? 
7  OE2 ? A GLU 51 ? A GLU 259 ? 1_555 MG ? C MG . ? A MG 402 ? 1_555 O   ? D HOH .  ? A HOH 574 ? 1_555 86.6  ? 
8  OD1 ? A ASN 55 ? A ASN 263 ? 1_555 MG ? C MG . ? A MG 402 ? 1_555 O   ? D HOH .  ? A HOH 574 ? 1_555 86.9  ? 
9  O2A ? B ADP .  ? A ADP 401 ? 1_555 MG ? C MG . ? A MG 402 ? 1_555 O   ? D HOH .  ? A HOH 574 ? 1_555 172.0 ? 
10 O3B ? B ADP .  ? A ADP 401 ? 1_555 MG ? C MG . ? A MG 402 ? 1_555 O   ? D HOH .  ? A HOH 574 ? 1_555 97.9  ? 
11 OE2 ? A GLU 51 ? A GLU 259 ? 1_555 MG ? C MG . ? A MG 402 ? 1_555 O   ? D HOH .  ? A HOH 576 ? 1_555 89.2  ? 
12 OD1 ? A ASN 55 ? A ASN 263 ? 1_555 MG ? C MG . ? A MG 402 ? 1_555 O   ? D HOH .  ? A HOH 576 ? 1_555 176.3 ? 
13 O2A ? B ADP .  ? A ADP 401 ? 1_555 MG ? C MG . ? A MG 402 ? 1_555 O   ? D HOH .  ? A HOH 576 ? 1_555 94.7  ? 
14 O3B ? B ADP .  ? A ADP 401 ? 1_555 MG ? C MG . ? A MG 402 ? 1_555 O   ? D HOH .  ? A HOH 576 ? 1_555 90.7  ? 
15 O   ? D HOH .  ? A HOH 574 ? 1_555 MG ? C MG . ? A MG 402 ? 1_555 O   ? D HOH .  ? A HOH 576 ? 1_555 89.7  ? 
# 
_struct_sheet.id               A 
_struct_sheet.type             ? 
_struct_sheet.number_strands   5 
_struct_sheet.details          ? 
# 
loop_
_struct_sheet_order.sheet_id 
_struct_sheet_order.range_id_1 
_struct_sheet_order.range_id_2 
_struct_sheet_order.offset 
_struct_sheet_order.sense 
A 1 2 ? parallel      
A 2 3 ? anti-parallel 
A 3 4 ? anti-parallel 
A 4 5 ? anti-parallel 
# 
loop_
_struct_sheet_range.sheet_id 
_struct_sheet_range.id 
_struct_sheet_range.beg_label_comp_id 
_struct_sheet_range.beg_label_asym_id 
_struct_sheet_range.beg_label_seq_id 
_struct_sheet_range.pdbx_beg_PDB_ins_code 
_struct_sheet_range.end_label_comp_id 
_struct_sheet_range.end_label_asym_id 
_struct_sheet_range.end_label_seq_id 
_struct_sheet_range.pdbx_end_PDB_ins_code 
_struct_sheet_range.beg_auth_comp_id 
_struct_sheet_range.beg_auth_asym_id 
_struct_sheet_range.beg_auth_seq_id 
_struct_sheet_range.end_auth_comp_id 
_struct_sheet_range.end_auth_asym_id 
_struct_sheet_range.end_auth_seq_id 
A 1 LYS A 27  ? ILE A 32  ? LYS A 235 ILE A 240 
A 2 LYS A 64  ? ASN A 71  ? LYS A 272 ASN A 279 
A 3 TYR A 75  ? ASP A 82  ? TYR A 283 ASP A 290 
A 4 GLY A 122 ? PRO A 130 ? GLY A 330 PRO A 338 
A 5 THR A 112 ? LEU A 118 ? THR A 320 LEU A 326 
# 
loop_
_pdbx_struct_sheet_hbond.sheet_id 
_pdbx_struct_sheet_hbond.range_id_1 
_pdbx_struct_sheet_hbond.range_id_2 
_pdbx_struct_sheet_hbond.range_1_label_atom_id 
_pdbx_struct_sheet_hbond.range_1_label_comp_id 
_pdbx_struct_sheet_hbond.range_1_label_asym_id 
_pdbx_struct_sheet_hbond.range_1_label_seq_id 
_pdbx_struct_sheet_hbond.range_1_PDB_ins_code 
_pdbx_struct_sheet_hbond.range_1_auth_atom_id 
_pdbx_struct_sheet_hbond.range_1_auth_comp_id 
_pdbx_struct_sheet_hbond.range_1_auth_asym_id 
_pdbx_struct_sheet_hbond.range_1_auth_seq_id 
_pdbx_struct_sheet_hbond.range_2_label_atom_id 
_pdbx_struct_sheet_hbond.range_2_label_comp_id 
_pdbx_struct_sheet_hbond.range_2_label_asym_id 
_pdbx_struct_sheet_hbond.range_2_label_seq_id 
_pdbx_struct_sheet_hbond.range_2_PDB_ins_code 
_pdbx_struct_sheet_hbond.range_2_auth_atom_id 
_pdbx_struct_sheet_hbond.range_2_auth_comp_id 
_pdbx_struct_sheet_hbond.range_2_auth_asym_id 
_pdbx_struct_sheet_hbond.range_2_auth_seq_id 
A 1 2 N GLU A 31  ? N GLU A 239 O VAL A 67  ? O VAL A 275 
A 2 3 N GLU A 68  ? N GLU A 276 O ARG A 79  ? O ARG A 287 
A 3 4 N LEU A 78  ? N LEU A 286 O VAL A 127 ? O VAL A 335 
A 4 5 O ARG A 124 ? O ARG A 332 N VAL A 116 ? N VAL A 324 
# 
loop_
_struct_site.id 
_struct_site.pdbx_evidence_code 
_struct_site.pdbx_auth_asym_id 
_struct_site.pdbx_auth_comp_id 
_struct_site.pdbx_auth_seq_id 
_struct_site.pdbx_auth_ins_code 
_struct_site.pdbx_num_residues 
_struct_site.details 
AC1 Software A ADP 401 ? 25 'BINDING SITE FOR RESIDUE ADP A 401' 
AC2 Software A MG  402 ? 5  'BINDING SITE FOR RESIDUE MG A 402'  
# 
loop_
_struct_site_gen.id 
_struct_site_gen.site_id 
_struct_site_gen.pdbx_num_res 
_struct_site_gen.label_comp_id 
_struct_site_gen.label_asym_id 
_struct_site_gen.label_seq_id 
_struct_site_gen.pdbx_auth_ins_code 
_struct_site_gen.auth_comp_id 
_struct_site_gen.auth_asym_id 
_struct_site_gen.auth_seq_id 
_struct_site_gen.label_atom_id 
_struct_site_gen.label_alt_id 
_struct_site_gen.symmetry 
_struct_site_gen.details 
1  AC1 25 GLU A 51  ? GLU A 259 . ? 1_555 ? 
2  AC1 25 ASN A 55  ? ASN A 263 . ? 1_555 ? 
3  AC1 25 THR A 56  ? THR A 264 . ? 1_555 ? 
4  AC1 25 ARG A 58  ? ARG A 266 . ? 1_555 ? 
5  AC1 25 HIS A 59  ? HIS A 267 . ? 1_555 ? 
6  AC1 25 SER A 60  ? SER A 268 . ? 1_555 ? 
7  AC1 25 ASP A 82  ? ASP A 290 . ? 1_555 ? 
8  AC1 25 PHE A 87  ? PHE A 295 . ? 1_555 ? 
9  AC1 25 LYS A 92  ? LYS A 300 . ? 1_555 ? 
10 AC1 25 SER A 96  ? SER A 304 . ? 1_555 ? 
11 AC1 25 TYR A 97  ? TYR A 305 . ? 1_555 ? 
12 AC1 25 GLY A 98  ? GLY A 306 . ? 1_555 ? 
13 AC1 25 LEU A 99  ? LEU A 307 . ? 1_555 ? 
14 AC1 25 THR A 123 ? THR A 331 . ? 1_555 ? 
15 AC1 25 MG  C .   ? MG  A 402 . ? 1_555 ? 
16 AC1 25 HOH D .   ? HOH A 502 . ? 1_555 ? 
17 AC1 25 HOH D .   ? HOH A 503 . ? 1_555 ? 
18 AC1 25 HOH D .   ? HOH A 505 . ? 1_555 ? 
19 AC1 25 HOH D .   ? HOH A 528 . ? 1_555 ? 
20 AC1 25 HOH D .   ? HOH A 576 . ? 1_555 ? 
21 AC1 25 HOH D .   ? HOH A 582 . ? 1_555 ? 
22 AC1 25 HOH D .   ? HOH A 589 . ? 1_555 ? 
23 AC1 25 HOH D .   ? HOH A 602 . ? 1_555 ? 
24 AC1 25 HOH D .   ? HOH A 605 . ? 1_555 ? 
25 AC1 25 HOH D .   ? HOH A 629 . ? 1_555 ? 
26 AC2 5  GLU A 51  ? GLU A 259 . ? 1_555 ? 
27 AC2 5  ASN A 55  ? ASN A 263 . ? 1_555 ? 
28 AC2 5  ADP B .   ? ADP A 401 . ? 1_555 ? 
29 AC2 5  HOH D .   ? HOH A 574 . ? 1_555 ? 
30 AC2 5  HOH D .   ? HOH A 576 . ? 1_555 ? 
# 
loop_
_pdbx_validate_torsion.id 
_pdbx_validate_torsion.PDB_model_num 
_pdbx_validate_torsion.auth_comp_id 
_pdbx_validate_torsion.auth_asym_id 
_pdbx_validate_torsion.auth_seq_id 
_pdbx_validate_torsion.PDB_ins_code 
_pdbx_validate_torsion.label_alt_id 
_pdbx_validate_torsion.phi 
_pdbx_validate_torsion.psi 
1 1 LYS A 213 ? ? 50.98 -106.71 
2 1 ASP A 281 ? ? 68.85 -68.81  
# 
_pdbx_phasing_MR.entry_id                     4GT8 
_pdbx_phasing_MR.method_rotation              ? 
_pdbx_phasing_MR.method_translation           ? 
_pdbx_phasing_MR.model_details                ? 
_pdbx_phasing_MR.R_factor                     ? 
_pdbx_phasing_MR.R_rigid_body                 ? 
_pdbx_phasing_MR.correlation_coeff_Fo_to_Fc   ? 
_pdbx_phasing_MR.correlation_coeff_Io_to_Ic   ? 
_pdbx_phasing_MR.d_res_high_rotation          2.500 
_pdbx_phasing_MR.d_res_low_rotation           29.450 
_pdbx_phasing_MR.d_res_high_translation       2.500 
_pdbx_phasing_MR.d_res_low_translation        29.450 
_pdbx_phasing_MR.packing                      ? 
_pdbx_phasing_MR.reflns_percent_rotation      ? 
_pdbx_phasing_MR.reflns_percent_translation   ? 
_pdbx_phasing_MR.sigma_F_rotation             ? 
_pdbx_phasing_MR.sigma_F_translation          ? 
_pdbx_phasing_MR.sigma_I_rotation             ? 
_pdbx_phasing_MR.sigma_I_translation          ? 
# 
_phasing.method   MR 
# 
loop_
_pdbx_unobs_or_zero_occ_residues.id 
_pdbx_unobs_or_zero_occ_residues.PDB_model_num 
_pdbx_unobs_or_zero_occ_residues.polymer_flag 
_pdbx_unobs_or_zero_occ_residues.occupancy_flag 
_pdbx_unobs_or_zero_occ_residues.auth_asym_id 
_pdbx_unobs_or_zero_occ_residues.auth_comp_id 
_pdbx_unobs_or_zero_occ_residues.auth_seq_id 
_pdbx_unobs_or_zero_occ_residues.PDB_ins_code 
_pdbx_unobs_or_zero_occ_residues.label_asym_id 
_pdbx_unobs_or_zero_occ_residues.label_comp_id 
_pdbx_unobs_or_zero_occ_residues.label_seq_id 
1 1 Y 1 A GLU 342 ? A GLU 134 
2 1 Y 1 A ASP 343 ? A ASP 135 
3 1 Y 1 A SER 344 ? A SER 136 
4 1 Y 1 A TYR 345 ? A TYR 137 
5 1 Y 1 A ASP 346 ? A ASP 138 
6 1 Y 1 A ASP 347 ? A ASP 139 
# 
loop_
_chem_comp_atom.comp_id 
_chem_comp_atom.atom_id 
_chem_comp_atom.type_symbol 
_chem_comp_atom.pdbx_aromatic_flag 
_chem_comp_atom.pdbx_stereo_config 
_chem_comp_atom.pdbx_ordinal 
ADP PB     P  N N 1   
ADP O1B    O  N N 2   
ADP O2B    O  N N 3   
ADP O3B    O  N N 4   
ADP PA     P  N S 5   
ADP O1A    O  N N 6   
ADP O2A    O  N N 7   
ADP O3A    O  N N 8   
ADP "O5'"  O  N N 9   
ADP "C5'"  C  N N 10  
ADP "C4'"  C  N R 11  
ADP "O4'"  O  N N 12  
ADP "C3'"  C  N S 13  
ADP "O3'"  O  N N 14  
ADP "C2'"  C  N R 15  
ADP "O2'"  O  N N 16  
ADP "C1'"  C  N R 17  
ADP N9     N  Y N 18  
ADP C8     C  Y N 19  
ADP N7     N  Y N 20  
ADP C5     C  Y N 21  
ADP C6     C  Y N 22  
ADP N6     N  N N 23  
ADP N1     N  Y N 24  
ADP C2     C  Y N 25  
ADP N3     N  Y N 26  
ADP C4     C  Y N 27  
ADP HOB2   H  N N 28  
ADP HOB3   H  N N 29  
ADP HOA2   H  N N 30  
ADP "H5'1" H  N N 31  
ADP "H5'2" H  N N 32  
ADP "H4'"  H  N N 33  
ADP "H3'"  H  N N 34  
ADP "HO3'" H  N N 35  
ADP "H2'"  H  N N 36  
ADP "HO2'" H  N N 37  
ADP "H1'"  H  N N 38  
ADP H8     H  N N 39  
ADP HN61   H  N N 40  
ADP HN62   H  N N 41  
ADP H2     H  N N 42  
ALA N      N  N N 43  
ALA CA     C  N S 44  
ALA C      C  N N 45  
ALA O      O  N N 46  
ALA CB     C  N N 47  
ALA OXT    O  N N 48  
ALA H      H  N N 49  
ALA H2     H  N N 50  
ALA HA     H  N N 51  
ALA HB1    H  N N 52  
ALA HB2    H  N N 53  
ALA HB3    H  N N 54  
ALA HXT    H  N N 55  
ARG N      N  N N 56  
ARG CA     C  N S 57  
ARG C      C  N N 58  
ARG O      O  N N 59  
ARG CB     C  N N 60  
ARG CG     C  N N 61  
ARG CD     C  N N 62  
ARG NE     N  N N 63  
ARG CZ     C  N N 64  
ARG NH1    N  N N 65  
ARG NH2    N  N N 66  
ARG OXT    O  N N 67  
ARG H      H  N N 68  
ARG H2     H  N N 69  
ARG HA     H  N N 70  
ARG HB2    H  N N 71  
ARG HB3    H  N N 72  
ARG HG2    H  N N 73  
ARG HG3    H  N N 74  
ARG HD2    H  N N 75  
ARG HD3    H  N N 76  
ARG HE     H  N N 77  
ARG HH11   H  N N 78  
ARG HH12   H  N N 79  
ARG HH21   H  N N 80  
ARG HH22   H  N N 81  
ARG HXT    H  N N 82  
ASN N      N  N N 83  
ASN CA     C  N S 84  
ASN C      C  N N 85  
ASN O      O  N N 86  
ASN CB     C  N N 87  
ASN CG     C  N N 88  
ASN OD1    O  N N 89  
ASN ND2    N  N N 90  
ASN OXT    O  N N 91  
ASN H      H  N N 92  
ASN H2     H  N N 93  
ASN HA     H  N N 94  
ASN HB2    H  N N 95  
ASN HB3    H  N N 96  
ASN HD21   H  N N 97  
ASN HD22   H  N N 98  
ASN HXT    H  N N 99  
ASP N      N  N N 100 
ASP CA     C  N S 101 
ASP C      C  N N 102 
ASP O      O  N N 103 
ASP CB     C  N N 104 
ASP CG     C  N N 105 
ASP OD1    O  N N 106 
ASP OD2    O  N N 107 
ASP OXT    O  N N 108 
ASP H      H  N N 109 
ASP H2     H  N N 110 
ASP HA     H  N N 111 
ASP HB2    H  N N 112 
ASP HB3    H  N N 113 
ASP HD2    H  N N 114 
ASP HXT    H  N N 115 
GLN N      N  N N 116 
GLN CA     C  N S 117 
GLN C      C  N N 118 
GLN O      O  N N 119 
GLN CB     C  N N 120 
GLN CG     C  N N 121 
GLN CD     C  N N 122 
GLN OE1    O  N N 123 
GLN NE2    N  N N 124 
GLN OXT    O  N N 125 
GLN H      H  N N 126 
GLN H2     H  N N 127 
GLN HA     H  N N 128 
GLN HB2    H  N N 129 
GLN HB3    H  N N 130 
GLN HG2    H  N N 131 
GLN HG3    H  N N 132 
GLN HE21   H  N N 133 
GLN HE22   H  N N 134 
GLN HXT    H  N N 135 
GLU N      N  N N 136 
GLU CA     C  N S 137 
GLU C      C  N N 138 
GLU O      O  N N 139 
GLU CB     C  N N 140 
GLU CG     C  N N 141 
GLU CD     C  N N 142 
GLU OE1    O  N N 143 
GLU OE2    O  N N 144 
GLU OXT    O  N N 145 
GLU H      H  N N 146 
GLU H2     H  N N 147 
GLU HA     H  N N 148 
GLU HB2    H  N N 149 
GLU HB3    H  N N 150 
GLU HG2    H  N N 151 
GLU HG3    H  N N 152 
GLU HE2    H  N N 153 
GLU HXT    H  N N 154 
GLY N      N  N N 155 
GLY CA     C  N N 156 
GLY C      C  N N 157 
GLY O      O  N N 158 
GLY OXT    O  N N 159 
GLY H      H  N N 160 
GLY H2     H  N N 161 
GLY HA2    H  N N 162 
GLY HA3    H  N N 163 
GLY HXT    H  N N 164 
HIS N      N  N N 165 
HIS CA     C  N S 166 
HIS C      C  N N 167 
HIS O      O  N N 168 
HIS CB     C  N N 169 
HIS CG     C  Y N 170 
HIS ND1    N  Y N 171 
HIS CD2    C  Y N 172 
HIS CE1    C  Y N 173 
HIS NE2    N  Y N 174 
HIS OXT    O  N N 175 
HIS H      H  N N 176 
HIS H2     H  N N 177 
HIS HA     H  N N 178 
HIS HB2    H  N N 179 
HIS HB3    H  N N 180 
HIS HD1    H  N N 181 
HIS HD2    H  N N 182 
HIS HE1    H  N N 183 
HIS HE2    H  N N 184 
HIS HXT    H  N N 185 
HOH O      O  N N 186 
HOH H1     H  N N 187 
HOH H2     H  N N 188 
ILE N      N  N N 189 
ILE CA     C  N S 190 
ILE C      C  N N 191 
ILE O      O  N N 192 
ILE CB     C  N S 193 
ILE CG1    C  N N 194 
ILE CG2    C  N N 195 
ILE CD1    C  N N 196 
ILE OXT    O  N N 197 
ILE H      H  N N 198 
ILE H2     H  N N 199 
ILE HA     H  N N 200 
ILE HB     H  N N 201 
ILE HG12   H  N N 202 
ILE HG13   H  N N 203 
ILE HG21   H  N N 204 
ILE HG22   H  N N 205 
ILE HG23   H  N N 206 
ILE HD11   H  N N 207 
ILE HD12   H  N N 208 
ILE HD13   H  N N 209 
ILE HXT    H  N N 210 
LEU N      N  N N 211 
LEU CA     C  N S 212 
LEU C      C  N N 213 
LEU O      O  N N 214 
LEU CB     C  N N 215 
LEU CG     C  N N 216 
LEU CD1    C  N N 217 
LEU CD2    C  N N 218 
LEU OXT    O  N N 219 
LEU H      H  N N 220 
LEU H2     H  N N 221 
LEU HA     H  N N 222 
LEU HB2    H  N N 223 
LEU HB3    H  N N 224 
LEU HG     H  N N 225 
LEU HD11   H  N N 226 
LEU HD12   H  N N 227 
LEU HD13   H  N N 228 
LEU HD21   H  N N 229 
LEU HD22   H  N N 230 
LEU HD23   H  N N 231 
LEU HXT    H  N N 232 
LYS N      N  N N 233 
LYS CA     C  N S 234 
LYS C      C  N N 235 
LYS O      O  N N 236 
LYS CB     C  N N 237 
LYS CG     C  N N 238 
LYS CD     C  N N 239 
LYS CE     C  N N 240 
LYS NZ     N  N N 241 
LYS OXT    O  N N 242 
LYS H      H  N N 243 
LYS H2     H  N N 244 
LYS HA     H  N N 245 
LYS HB2    H  N N 246 
LYS HB3    H  N N 247 
LYS HG2    H  N N 248 
LYS HG3    H  N N 249 
LYS HD2    H  N N 250 
LYS HD3    H  N N 251 
LYS HE2    H  N N 252 
LYS HE3    H  N N 253 
LYS HZ1    H  N N 254 
LYS HZ2    H  N N 255 
LYS HZ3    H  N N 256 
LYS HXT    H  N N 257 
MET N      N  N N 258 
MET CA     C  N S 259 
MET C      C  N N 260 
MET O      O  N N 261 
MET CB     C  N N 262 
MET CG     C  N N 263 
MET SD     S  N N 264 
MET CE     C  N N 265 
MET OXT    O  N N 266 
MET H      H  N N 267 
MET H2     H  N N 268 
MET HA     H  N N 269 
MET HB2    H  N N 270 
MET HB3    H  N N 271 
MET HG2    H  N N 272 
MET HG3    H  N N 273 
MET HE1    H  N N 274 
MET HE2    H  N N 275 
MET HE3    H  N N 276 
MET HXT    H  N N 277 
MG  MG     MG N N 278 
PHE N      N  N N 279 
PHE CA     C  N S 280 
PHE C      C  N N 281 
PHE O      O  N N 282 
PHE CB     C  N N 283 
PHE CG     C  Y N 284 
PHE CD1    C  Y N 285 
PHE CD2    C  Y N 286 
PHE CE1    C  Y N 287 
PHE CE2    C  Y N 288 
PHE CZ     C  Y N 289 
PHE OXT    O  N N 290 
PHE H      H  N N 291 
PHE H2     H  N N 292 
PHE HA     H  N N 293 
PHE HB2    H  N N 294 
PHE HB3    H  N N 295 
PHE HD1    H  N N 296 
PHE HD2    H  N N 297 
PHE HE1    H  N N 298 
PHE HE2    H  N N 299 
PHE HZ     H  N N 300 
PHE HXT    H  N N 301 
PRO N      N  N N 302 
PRO CA     C  N S 303 
PRO C      C  N N 304 
PRO O      O  N N 305 
PRO CB     C  N N 306 
PRO CG     C  N N 307 
PRO CD     C  N N 308 
PRO OXT    O  N N 309 
PRO H      H  N N 310 
PRO HA     H  N N 311 
PRO HB2    H  N N 312 
PRO HB3    H  N N 313 
PRO HG2    H  N N 314 
PRO HG3    H  N N 315 
PRO HD2    H  N N 316 
PRO HD3    H  N N 317 
PRO HXT    H  N N 318 
SER N      N  N N 319 
SER CA     C  N S 320 
SER C      C  N N 321 
SER O      O  N N 322 
SER CB     C  N N 323 
SER OG     O  N N 324 
SER OXT    O  N N 325 
SER H      H  N N 326 
SER H2     H  N N 327 
SER HA     H  N N 328 
SER HB2    H  N N 329 
SER HB3    H  N N 330 
SER HG     H  N N 331 
SER HXT    H  N N 332 
THR N      N  N N 333 
THR CA     C  N S 334 
THR C      C  N N 335 
THR O      O  N N 336 
THR CB     C  N R 337 
THR OG1    O  N N 338 
THR CG2    C  N N 339 
THR OXT    O  N N 340 
THR H      H  N N 341 
THR H2     H  N N 342 
THR HA     H  N N 343 
THR HB     H  N N 344 
THR HG1    H  N N 345 
THR HG21   H  N N 346 
THR HG22   H  N N 347 
THR HG23   H  N N 348 
THR HXT    H  N N 349 
TYR N      N  N N 350 
TYR CA     C  N S 351 
TYR C      C  N N 352 
TYR O      O  N N 353 
TYR CB     C  N N 354 
TYR CG     C  Y N 355 
TYR CD1    C  Y N 356 
TYR CD2    C  Y N 357 
TYR CE1    C  Y N 358 
TYR CE2    C  Y N 359 
TYR CZ     C  Y N 360 
TYR OH     O  N N 361 
TYR OXT    O  N N 362 
TYR H      H  N N 363 
TYR H2     H  N N 364 
TYR HA     H  N N 365 
TYR HB2    H  N N 366 
TYR HB3    H  N N 367 
TYR HD1    H  N N 368 
TYR HD2    H  N N 369 
TYR HE1    H  N N 370 
TYR HE2    H  N N 371 
TYR HH     H  N N 372 
TYR HXT    H  N N 373 
VAL N      N  N N 374 
VAL CA     C  N S 375 
VAL C      C  N N 376 
VAL O      O  N N 377 
VAL CB     C  N N 378 
VAL CG1    C  N N 379 
VAL CG2    C  N N 380 
VAL OXT    O  N N 381 
VAL H      H  N N 382 
VAL H2     H  N N 383 
VAL HA     H  N N 384 
VAL HB     H  N N 385 
VAL HG11   H  N N 386 
VAL HG12   H  N N 387 
VAL HG13   H  N N 388 
VAL HG21   H  N N 389 
VAL HG22   H  N N 390 
VAL HG23   H  N N 391 
VAL HXT    H  N N 392 
# 
loop_
_chem_comp_bond.comp_id 
_chem_comp_bond.atom_id_1 
_chem_comp_bond.atom_id_2 
_chem_comp_bond.value_order 
_chem_comp_bond.pdbx_aromatic_flag 
_chem_comp_bond.pdbx_stereo_config 
_chem_comp_bond.pdbx_ordinal 
ADP PB    O1B    doub N N 1   
ADP PB    O2B    sing N N 2   
ADP PB    O3B    sing N N 3   
ADP PB    O3A    sing N N 4   
ADP O2B   HOB2   sing N N 5   
ADP O3B   HOB3   sing N N 6   
ADP PA    O1A    doub N N 7   
ADP PA    O2A    sing N N 8   
ADP PA    O3A    sing N N 9   
ADP PA    "O5'"  sing N N 10  
ADP O2A   HOA2   sing N N 11  
ADP "O5'" "C5'"  sing N N 12  
ADP "C5'" "C4'"  sing N N 13  
ADP "C5'" "H5'1" sing N N 14  
ADP "C5'" "H5'2" sing N N 15  
ADP "C4'" "O4'"  sing N N 16  
ADP "C4'" "C3'"  sing N N 17  
ADP "C4'" "H4'"  sing N N 18  
ADP "O4'" "C1'"  sing N N 19  
ADP "C3'" "O3'"  sing N N 20  
ADP "C3'" "C2'"  sing N N 21  
ADP "C3'" "H3'"  sing N N 22  
ADP "O3'" "HO3'" sing N N 23  
ADP "C2'" "O2'"  sing N N 24  
ADP "C2'" "C1'"  sing N N 25  
ADP "C2'" "H2'"  sing N N 26  
ADP "O2'" "HO2'" sing N N 27  
ADP "C1'" N9     sing N N 28  
ADP "C1'" "H1'"  sing N N 29  
ADP N9    C8     sing Y N 30  
ADP N9    C4     sing Y N 31  
ADP C8    N7     doub Y N 32  
ADP C8    H8     sing N N 33  
ADP N7    C5     sing Y N 34  
ADP C5    C6     sing Y N 35  
ADP C5    C4     doub Y N 36  
ADP C6    N6     sing N N 37  
ADP C6    N1     doub Y N 38  
ADP N6    HN61   sing N N 39  
ADP N6    HN62   sing N N 40  
ADP N1    C2     sing Y N 41  
ADP C2    N3     doub Y N 42  
ADP C2    H2     sing N N 43  
ADP N3    C4     sing Y N 44  
ALA N     CA     sing N N 45  
ALA N     H      sing N N 46  
ALA N     H2     sing N N 47  
ALA CA    C      sing N N 48  
ALA CA    CB     sing N N 49  
ALA CA    HA     sing N N 50  
ALA C     O      doub N N 51  
ALA C     OXT    sing N N 52  
ALA CB    HB1    sing N N 53  
ALA CB    HB2    sing N N 54  
ALA CB    HB3    sing N N 55  
ALA OXT   HXT    sing N N 56  
ARG N     CA     sing N N 57  
ARG N     H      sing N N 58  
ARG N     H2     sing N N 59  
ARG CA    C      sing N N 60  
ARG CA    CB     sing N N 61  
ARG CA    HA     sing N N 62  
ARG C     O      doub N N 63  
ARG C     OXT    sing N N 64  
ARG CB    CG     sing N N 65  
ARG CB    HB2    sing N N 66  
ARG CB    HB3    sing N N 67  
ARG CG    CD     sing N N 68  
ARG CG    HG2    sing N N 69  
ARG CG    HG3    sing N N 70  
ARG CD    NE     sing N N 71  
ARG CD    HD2    sing N N 72  
ARG CD    HD3    sing N N 73  
ARG NE    CZ     sing N N 74  
ARG NE    HE     sing N N 75  
ARG CZ    NH1    sing N N 76  
ARG CZ    NH2    doub N N 77  
ARG NH1   HH11   sing N N 78  
ARG NH1   HH12   sing N N 79  
ARG NH2   HH21   sing N N 80  
ARG NH2   HH22   sing N N 81  
ARG OXT   HXT    sing N N 82  
ASN N     CA     sing N N 83  
ASN N     H      sing N N 84  
ASN N     H2     sing N N 85  
ASN CA    C      sing N N 86  
ASN CA    CB     sing N N 87  
ASN CA    HA     sing N N 88  
ASN C     O      doub N N 89  
ASN C     OXT    sing N N 90  
ASN CB    CG     sing N N 91  
ASN CB    HB2    sing N N 92  
ASN CB    HB3    sing N N 93  
ASN CG    OD1    doub N N 94  
ASN CG    ND2    sing N N 95  
ASN ND2   HD21   sing N N 96  
ASN ND2   HD22   sing N N 97  
ASN OXT   HXT    sing N N 98  
ASP N     CA     sing N N 99  
ASP N     H      sing N N 100 
ASP N     H2     sing N N 101 
ASP CA    C      sing N N 102 
ASP CA    CB     sing N N 103 
ASP CA    HA     sing N N 104 
ASP C     O      doub N N 105 
ASP C     OXT    sing N N 106 
ASP CB    CG     sing N N 107 
ASP CB    HB2    sing N N 108 
ASP CB    HB3    sing N N 109 
ASP CG    OD1    doub N N 110 
ASP CG    OD2    sing N N 111 
ASP OD2   HD2    sing N N 112 
ASP OXT   HXT    sing N N 113 
GLN N     CA     sing N N 114 
GLN N     H      sing N N 115 
GLN N     H2     sing N N 116 
GLN CA    C      sing N N 117 
GLN CA    CB     sing N N 118 
GLN CA    HA     sing N N 119 
GLN C     O      doub N N 120 
GLN C     OXT    sing N N 121 
GLN CB    CG     sing N N 122 
GLN CB    HB2    sing N N 123 
GLN CB    HB3    sing N N 124 
GLN CG    CD     sing N N 125 
GLN CG    HG2    sing N N 126 
GLN CG    HG3    sing N N 127 
GLN CD    OE1    doub N N 128 
GLN CD    NE2    sing N N 129 
GLN NE2   HE21   sing N N 130 
GLN NE2   HE22   sing N N 131 
GLN OXT   HXT    sing N N 132 
GLU N     CA     sing N N 133 
GLU N     H      sing N N 134 
GLU N     H2     sing N N 135 
GLU CA    C      sing N N 136 
GLU CA    CB     sing N N 137 
GLU CA    HA     sing N N 138 
GLU C     O      doub N N 139 
GLU C     OXT    sing N N 140 
GLU CB    CG     sing N N 141 
GLU CB    HB2    sing N N 142 
GLU CB    HB3    sing N N 143 
GLU CG    CD     sing N N 144 
GLU CG    HG2    sing N N 145 
GLU CG    HG3    sing N N 146 
GLU CD    OE1    doub N N 147 
GLU CD    OE2    sing N N 148 
GLU OE2   HE2    sing N N 149 
GLU OXT   HXT    sing N N 150 
GLY N     CA     sing N N 151 
GLY N     H      sing N N 152 
GLY N     H2     sing N N 153 
GLY CA    C      sing N N 154 
GLY CA    HA2    sing N N 155 
GLY CA    HA3    sing N N 156 
GLY C     O      doub N N 157 
GLY C     OXT    sing N N 158 
GLY OXT   HXT    sing N N 159 
HIS N     CA     sing N N 160 
HIS N     H      sing N N 161 
HIS N     H2     sing N N 162 
HIS CA    C      sing N N 163 
HIS CA    CB     sing N N 164 
HIS CA    HA     sing N N 165 
HIS C     O      doub N N 166 
HIS C     OXT    sing N N 167 
HIS CB    CG     sing N N 168 
HIS CB    HB2    sing N N 169 
HIS CB    HB3    sing N N 170 
HIS CG    ND1    sing Y N 171 
HIS CG    CD2    doub Y N 172 
HIS ND1   CE1    doub Y N 173 
HIS ND1   HD1    sing N N 174 
HIS CD2   NE2    sing Y N 175 
HIS CD2   HD2    sing N N 176 
HIS CE1   NE2    sing Y N 177 
HIS CE1   HE1    sing N N 178 
HIS NE2   HE2    sing N N 179 
HIS OXT   HXT    sing N N 180 
HOH O     H1     sing N N 181 
HOH O     H2     sing N N 182 
ILE N     CA     sing N N 183 
ILE N     H      sing N N 184 
ILE N     H2     sing N N 185 
ILE CA    C      sing N N 186 
ILE CA    CB     sing N N 187 
ILE CA    HA     sing N N 188 
ILE C     O      doub N N 189 
ILE C     OXT    sing N N 190 
ILE CB    CG1    sing N N 191 
ILE CB    CG2    sing N N 192 
ILE CB    HB     sing N N 193 
ILE CG1   CD1    sing N N 194 
ILE CG1   HG12   sing N N 195 
ILE CG1   HG13   sing N N 196 
ILE CG2   HG21   sing N N 197 
ILE CG2   HG22   sing N N 198 
ILE CG2   HG23   sing N N 199 
ILE CD1   HD11   sing N N 200 
ILE CD1   HD12   sing N N 201 
ILE CD1   HD13   sing N N 202 
ILE OXT   HXT    sing N N 203 
LEU N     CA     sing N N 204 
LEU N     H      sing N N 205 
LEU N     H2     sing N N 206 
LEU CA    C      sing N N 207 
LEU CA    CB     sing N N 208 
LEU CA    HA     sing N N 209 
LEU C     O      doub N N 210 
LEU C     OXT    sing N N 211 
LEU CB    CG     sing N N 212 
LEU CB    HB2    sing N N 213 
LEU CB    HB3    sing N N 214 
LEU CG    CD1    sing N N 215 
LEU CG    CD2    sing N N 216 
LEU CG    HG     sing N N 217 
LEU CD1   HD11   sing N N 218 
LEU CD1   HD12   sing N N 219 
LEU CD1   HD13   sing N N 220 
LEU CD2   HD21   sing N N 221 
LEU CD2   HD22   sing N N 222 
LEU CD2   HD23   sing N N 223 
LEU OXT   HXT    sing N N 224 
LYS N     CA     sing N N 225 
LYS N     H      sing N N 226 
LYS N     H2     sing N N 227 
LYS CA    C      sing N N 228 
LYS CA    CB     sing N N 229 
LYS CA    HA     sing N N 230 
LYS C     O      doub N N 231 
LYS C     OXT    sing N N 232 
LYS CB    CG     sing N N 233 
LYS CB    HB2    sing N N 234 
LYS CB    HB3    sing N N 235 
LYS CG    CD     sing N N 236 
LYS CG    HG2    sing N N 237 
LYS CG    HG3    sing N N 238 
LYS CD    CE     sing N N 239 
LYS CD    HD2    sing N N 240 
LYS CD    HD3    sing N N 241 
LYS CE    NZ     sing N N 242 
LYS CE    HE2    sing N N 243 
LYS CE    HE3    sing N N 244 
LYS NZ    HZ1    sing N N 245 
LYS NZ    HZ2    sing N N 246 
LYS NZ    HZ3    sing N N 247 
LYS OXT   HXT    sing N N 248 
MET N     CA     sing N N 249 
MET N     H      sing N N 250 
MET N     H2     sing N N 251 
MET CA    C      sing N N 252 
MET CA    CB     sing N N 253 
MET CA    HA     sing N N 254 
MET C     O      doub N N 255 
MET C     OXT    sing N N 256 
MET CB    CG     sing N N 257 
MET CB    HB2    sing N N 258 
MET CB    HB3    sing N N 259 
MET CG    SD     sing N N 260 
MET CG    HG2    sing N N 261 
MET CG    HG3    sing N N 262 
MET SD    CE     sing N N 263 
MET CE    HE1    sing N N 264 
MET CE    HE2    sing N N 265 
MET CE    HE3    sing N N 266 
MET OXT   HXT    sing N N 267 
PHE N     CA     sing N N 268 
PHE N     H      sing N N 269 
PHE N     H2     sing N N 270 
PHE CA    C      sing N N 271 
PHE CA    CB     sing N N 272 
PHE CA    HA     sing N N 273 
PHE C     O      doub N N 274 
PHE C     OXT    sing N N 275 
PHE CB    CG     sing N N 276 
PHE CB    HB2    sing N N 277 
PHE CB    HB3    sing N N 278 
PHE CG    CD1    doub Y N 279 
PHE CG    CD2    sing Y N 280 
PHE CD1   CE1    sing Y N 281 
PHE CD1   HD1    sing N N 282 
PHE CD2   CE2    doub Y N 283 
PHE CD2   HD2    sing N N 284 
PHE CE1   CZ     doub Y N 285 
PHE CE1   HE1    sing N N 286 
PHE CE2   CZ     sing Y N 287 
PHE CE2   HE2    sing N N 288 
PHE CZ    HZ     sing N N 289 
PHE OXT   HXT    sing N N 290 
PRO N     CA     sing N N 291 
PRO N     CD     sing N N 292 
PRO N     H      sing N N 293 
PRO CA    C      sing N N 294 
PRO CA    CB     sing N N 295 
PRO CA    HA     sing N N 296 
PRO C     O      doub N N 297 
PRO C     OXT    sing N N 298 
PRO CB    CG     sing N N 299 
PRO CB    HB2    sing N N 300 
PRO CB    HB3    sing N N 301 
PRO CG    CD     sing N N 302 
PRO CG    HG2    sing N N 303 
PRO CG    HG3    sing N N 304 
PRO CD    HD2    sing N N 305 
PRO CD    HD3    sing N N 306 
PRO OXT   HXT    sing N N 307 
SER N     CA     sing N N 308 
SER N     H      sing N N 309 
SER N     H2     sing N N 310 
SER CA    C      sing N N 311 
SER CA    CB     sing N N 312 
SER CA    HA     sing N N 313 
SER C     O      doub N N 314 
SER C     OXT    sing N N 315 
SER CB    OG     sing N N 316 
SER CB    HB2    sing N N 317 
SER CB    HB3    sing N N 318 
SER OG    HG     sing N N 319 
SER OXT   HXT    sing N N 320 
THR N     CA     sing N N 321 
THR N     H      sing N N 322 
THR N     H2     sing N N 323 
THR CA    C      sing N N 324 
THR CA    CB     sing N N 325 
THR CA    HA     sing N N 326 
THR C     O      doub N N 327 
THR C     OXT    sing N N 328 
THR CB    OG1    sing N N 329 
THR CB    CG2    sing N N 330 
THR CB    HB     sing N N 331 
THR OG1   HG1    sing N N 332 
THR CG2   HG21   sing N N 333 
THR CG2   HG22   sing N N 334 
THR CG2   HG23   sing N N 335 
THR OXT   HXT    sing N N 336 
TYR N     CA     sing N N 337 
TYR N     H      sing N N 338 
TYR N     H2     sing N N 339 
TYR CA    C      sing N N 340 
TYR CA    CB     sing N N 341 
TYR CA    HA     sing N N 342 
TYR C     O      doub N N 343 
TYR C     OXT    sing N N 344 
TYR CB    CG     sing N N 345 
TYR CB    HB2    sing N N 346 
TYR CB    HB3    sing N N 347 
TYR CG    CD1    doub Y N 348 
TYR CG    CD2    sing Y N 349 
TYR CD1   CE1    sing Y N 350 
TYR CD1   HD1    sing N N 351 
TYR CD2   CE2    doub Y N 352 
TYR CD2   HD2    sing N N 353 
TYR CE1   CZ     doub Y N 354 
TYR CE1   HE1    sing N N 355 
TYR CE2   CZ     sing Y N 356 
TYR CE2   HE2    sing N N 357 
TYR CZ    OH     sing N N 358 
TYR OH    HH     sing N N 359 
TYR OXT   HXT    sing N N 360 
VAL N     CA     sing N N 361 
VAL N     H      sing N N 362 
VAL N     H2     sing N N 363 
VAL CA    C      sing N N 364 
VAL CA    CB     sing N N 365 
VAL CA    HA     sing N N 366 
VAL C     O      doub N N 367 
VAL C     OXT    sing N N 368 
VAL CB    CG1    sing N N 369 
VAL CB    CG2    sing N N 370 
VAL CB    HB     sing N N 371 
VAL CG1   HG11   sing N N 372 
VAL CG1   HG12   sing N N 373 
VAL CG1   HG13   sing N N 374 
VAL CG2   HG21   sing N N 375 
VAL CG2   HG22   sing N N 376 
VAL CG2   HG23   sing N N 377 
VAL OXT   HXT    sing N N 378 
# 
_atom_sites.entry_id                    4GT8 
_atom_sites.fract_transf_matrix[1][1]   -0.02223208 
_atom_sites.fract_transf_matrix[1][2]   0.00817102 
_atom_sites.fract_transf_matrix[1][3]   0.02160585 
_atom_sites.fract_transf_matrix[2][1]   0.01192415 
_atom_sites.fract_transf_matrix[2][2]   -0.00829116 
_atom_sites.fract_transf_matrix[2][3]   0.01540536 
_atom_sites.fract_transf_matrix[3][1]   0.00502656 
_atom_sites.fract_transf_matrix[3][2]   0.00988987 
_atom_sites.fract_transf_matrix[3][3]   0.00143204 
_atom_sites.fract_transf_vector[1]      0.484571 
_atom_sites.fract_transf_vector[2]      0.499635 
_atom_sites.fract_transf_vector[3]      0.547592 
# 
loop_
_atom_type.symbol 
C  
MG 
N  
O  
P  
S  
# 
loop_
_atom_site.group_PDB 
_atom_site.id 
_atom_site.type_symbol 
_atom_site.label_atom_id 
_atom_site.label_alt_id 
_atom_site.label_comp_id 
_atom_site.label_asym_id 
_atom_site.label_entity_id 
_atom_site.label_seq_id 
_atom_site.pdbx_PDB_ins_code 
_atom_site.Cartn_x 
_atom_site.Cartn_y 
_atom_site.Cartn_z 
_atom_site.occupancy 
_atom_site.B_iso_or_equiv 
_atom_site.pdbx_formal_charge 
_atom_site.auth_seq_id 
_atom_site.auth_comp_id 
_atom_site.auth_asym_id 
_atom_site.auth_atom_id 
_atom_site.pdbx_PDB_model_num 
ATOM   1    N  N     . GLY A 1 1   ? -1.686  -3.469  14.021  1.00 36.99 ? 209 GLY A N     1 
ATOM   2    C  CA    . GLY A 1 1   ? -1.396  -2.356  13.137  1.00 39.79 ? 209 GLY A CA    1 
ATOM   3    C  C     . GLY A 1 1   ? -0.947  -1.106  13.873  1.00 34.73 ? 209 GLY A C     1 
ATOM   4    O  O     . GLY A 1 1   ? -1.592  -0.657  14.820  1.00 32.60 ? 209 GLY A O     1 
ATOM   5    N  N     . ALA A 1 2   ? 0.169   -0.539  13.427  1.00 35.41 ? 210 ALA A N     1 
ATOM   6    C  CA    . ALA A 1 2   ? 0.658   0.721   13.964  1.00 31.92 ? 210 ALA A CA    1 
ATOM   7    C  C     . ALA A 1 2   ? -0.349  1.829   13.706  1.00 36.16 ? 210 ALA A C     1 
ATOM   8    O  O     . ALA A 1 2   ? -1.133  1.765   12.752  1.00 30.90 ? 210 ALA A O     1 
ATOM   9    C  CB    . ALA A 1 2   ? 1.986   1.078   13.326  1.00 35.28 ? 210 ALA A CB    1 
ATOM   10   N  N     . MET A 1 3   ? -0.304  2.855   14.546  1.00 36.24 ? 211 MET A N     1 
ATOM   11   C  CA    . MET A 1 3   ? -1.154  4.023   14.375  1.00 38.54 ? 211 MET A CA    1 
ATOM   12   C  C     . MET A 1 3   ? -0.296  5.274   14.200  1.00 33.82 ? 211 MET A C     1 
ATOM   13   O  O     . MET A 1 3   ? 0.764   5.401   14.810  1.00 37.91 ? 211 MET A O     1 
ATOM   14   C  CB    . MET A 1 3   ? -2.113  4.155   15.558  1.00 39.36 ? 211 MET A CB    1 
ATOM   15   C  CG    . MET A 1 3   ? -2.992  2.924   15.722  1.00 36.22 ? 211 MET A CG    1 
ATOM   16   S  SD    . MET A 1 3   ? -4.234  3.048   17.013  1.00 48.84 ? 211 MET A SD    1 
ATOM   17   C  CE    . MET A 1 3   ? -5.123  1.512   16.742  1.00 39.45 ? 211 MET A CE    1 
ATOM   18   N  N     . LEU A 1 4   ? -0.750  6.182   13.341  1.00 32.08 ? 212 LEU A N     1 
ATOM   19   C  CA    . LEU A 1 4   ? 0.020   7.377   12.999  1.00 35.35 ? 212 LEU A CA    1 
ATOM   20   C  C     . LEU A 1 4   ? 0.141   8.365   14.152  1.00 40.45 ? 212 LEU A C     1 
ATOM   21   O  O     . LEU A 1 4   ? 1.201   8.959   14.365  1.00 37.48 ? 212 LEU A O     1 
ATOM   22   C  CB    . LEU A 1 4   ? -0.629  8.103   11.820  1.00 31.25 ? 212 LEU A CB    1 
ATOM   23   C  CG    . LEU A 1 4   ? -0.427  7.572   10.404  1.00 25.68 ? 212 LEU A CG    1 
ATOM   24   C  CD1   . LEU A 1 4   ? -1.145  8.482   9.419   1.00 29.63 ? 212 LEU A CD1   1 
ATOM   25   C  CD2   . LEU A 1 4   ? 1.056   7.493   10.091  1.00 25.12 ? 212 LEU A CD2   1 
ATOM   26   N  N     . LYS A 1 5   ? -0.965  8.546   14.868  1.00 42.54 ? 213 LYS A N     1 
ATOM   27   C  CA    . LYS A 1 5   ? -1.085  9.579   15.898  1.00 47.84 ? 213 LYS A CA    1 
ATOM   28   C  C     . LYS A 1 5   ? -0.671  10.964  15.395  1.00 41.50 ? 213 LYS A C     1 
ATOM   29   O  O     . LYS A 1 5   ? -1.381  11.591  14.609  1.00 45.70 ? 213 LYS A O     1 
ATOM   30   C  CB    . LYS A 1 5   ? -0.300  9.200   17.158  1.00 47.01 ? 213 LYS A CB    1 
ATOM   31   C  CG    . LYS A 1 5   ? -0.932  8.068   17.959  1.00 51.17 ? 213 LYS A CG    1 
ATOM   32   C  CD    . LYS A 1 5   ? -0.947  8.370   19.456  1.00 51.82 ? 213 LYS A CD    1 
ATOM   33   C  CE    . LYS A 1 5   ? 0.459   8.392   20.033  1.00 54.66 ? 213 LYS A CE    1 
ATOM   34   N  NZ    . LYS A 1 5   ? 0.450   8.631   21.504  1.00 55.77 ? 213 LYS A NZ    1 
ATOM   35   N  N     . ASP A 1 6   ? 0.493   11.418  15.843  1.00 41.71 ? 214 ASP A N     1 
ATOM   36   C  CA    . ASP A 1 6   ? 0.987   12.755  15.537  1.00 46.30 ? 214 ASP A CA    1 
ATOM   37   C  C     . ASP A 1 6   ? 1.684   12.861  14.175  1.00 43.87 ? 214 ASP A C     1 
ATOM   38   O  O     . ASP A 1 6   ? 1.862   13.960  13.649  1.00 46.24 ? 214 ASP A O     1 
ATOM   39   C  CB    . ASP A 1 6   ? 1.948   13.199  16.643  1.00 51.17 ? 214 ASP A CB    1 
ATOM   40   C  CG    . ASP A 1 6   ? 2.901   12.089  17.063  1.00 56.43 ? 214 ASP A CG    1 
ATOM   41   O  OD1   . ASP A 1 6   ? 4.065   12.395  17.404  1.00 62.69 ? 214 ASP A OD1   1 
ATOM   42   O  OD2   . ASP A 1 6   ? 2.485   10.910  17.046  1.00 52.16 ? 214 ASP A OD2   1 
ATOM   43   N  N     . LYS A 1 7   ? 2.072   11.723  13.607  1.00 39.17 ? 215 LYS A N     1 
ATOM   44   C  CA    . LYS A 1 7   ? 2.918   11.715  12.412  1.00 34.76 ? 215 LYS A CA    1 
ATOM   45   C  C     . LYS A 1 7   ? 2.178   11.886  11.090  1.00 29.53 ? 215 LYS A C     1 
ATOM   46   O  O     . LYS A 1 7   ? 1.001   11.542  10.963  1.00 31.18 ? 215 LYS A O     1 
ATOM   47   C  CB    . LYS A 1 7   ? 3.735   10.428  12.354  1.00 33.47 ? 215 LYS A CB    1 
ATOM   48   C  CG    . LYS A 1 7   ? 4.715   10.283  13.496  1.00 34.75 ? 215 LYS A CG    1 
ATOM   49   C  CD    . LYS A 1 7   ? 5.598   9.069   13.309  1.00 41.42 ? 215 LYS A CD    1 
ATOM   50   C  CE    . LYS A 1 7   ? 4.841   7.801   13.631  1.00 40.15 ? 215 LYS A CE    1 
ATOM   51   N  NZ    . LYS A 1 7   ? 5.778   6.682   13.947  1.00 41.13 ? 215 LYS A NZ    1 
ATOM   52   N  N     . SER A 1 8   ? 2.888   12.415  10.103  1.00 30.88 ? 216 SER A N     1 
ATOM   53   C  CA    . SER A 1 8   ? 2.368   12.462  8.750   1.00 32.21 ? 216 SER A CA    1 
ATOM   54   C  C     . SER A 1 8   ? 2.377   11.050  8.179   1.00 29.07 ? 216 SER A C     1 
ATOM   55   O  O     . SER A 1 8   ? 3.044   10.164  8.707   1.00 25.39 ? 216 SER A O     1 
ATOM   56   C  CB    . SER A 1 8   ? 3.222   13.378  7.881   1.00 31.85 ? 216 SER A CB    1 
ATOM   57   O  OG    . SER A 1 8   ? 4.517   12.830  7.722   1.00 33.15 ? 216 SER A OG    1 
ATOM   58   N  N     . LEU A 1 9   ? 1.625   10.841  7.107   1.00 26.23 ? 217 LEU A N     1 
ATOM   59   C  CA    . LEU A 1 9   ? 1.581   9.544   6.450   1.00 24.65 ? 217 LEU A CA    1 
ATOM   60   C  C     . LEU A 1 9   ? 2.974   9.090   6.042   1.00 26.73 ? 217 LEU A C     1 
ATOM   61   O  O     . LEU A 1 9   ? 3.349   7.939   6.270   1.00 22.62 ? 217 LEU A O     1 
ATOM   62   C  CB    . LEU A 1 9   ? 0.680   9.610   5.212   1.00 24.96 ? 217 LEU A CB    1 
ATOM   63   C  CG    . LEU A 1 9   ? 0.634   8.365   4.322   1.00 24.34 ? 217 LEU A CG    1 
ATOM   64   C  CD1   . LEU A 1 9   ? 0.150   7.159   5.121   1.00 25.06 ? 217 LEU A CD1   1 
ATOM   65   C  CD2   . LEU A 1 9   ? -0.260  8.635   3.117   1.00 23.08 ? 217 LEU A CD2   1 
ATOM   66   N  N     . GLY A 1 10  ? 3.730   9.999   5.427   1.00 24.99 ? 218 GLY A N     1 
ATOM   67   C  CA    . GLY A 1 10  ? 5.086   9.705   5.008   1.00 22.58 ? 218 GLY A CA    1 
ATOM   68   C  C     . GLY A 1 10  ? 5.966   9.260   6.166   1.00 26.10 ? 218 GLY A C     1 
ATOM   69   O  O     . GLY A 1 10  ? 6.676   8.260   6.062   1.00 26.22 ? 218 GLY A O     1 
ATOM   70   N  N     . GLU A 1 11  ? 5.910   9.991   7.276   1.00 25.50 ? 219 GLU A N     1 
ATOM   71   C  CA    . GLU A 1 11  ? 6.706   9.643   8.454   1.00 25.65 ? 219 GLU A CA    1 
ATOM   72   C  C     . GLU A 1 11  ? 6.316   8.293   9.041   1.00 27.70 ? 219 GLU A C     1 
ATOM   73   O  O     . GLU A 1 11  ? 7.182   7.517   9.461   1.00 25.40 ? 219 GLU A O     1 
ATOM   74   C  CB    . GLU A 1 11  ? 6.606   10.743  9.509   1.00 31.77 ? 219 GLU A CB    1 
ATOM   75   C  CG    . GLU A 1 11  ? 7.272   12.040  9.078   1.00 35.62 ? 219 GLU A CG    1 
ATOM   76   C  CD    . GLU A 1 11  ? 6.791   13.240  9.877   1.00 49.56 ? 219 GLU A CD    1 
ATOM   77   O  OE1   . GLU A 1 11  ? 6.129   13.042  10.923  1.00 49.11 ? 219 GLU A OE1   1 
ATOM   78   O  OE2   . GLU A 1 11  ? 7.072   14.382  9.448   1.00 57.60 ? 219 GLU A OE2   1 
ATOM   79   N  N     . GLY A 1 12  ? 5.019   8.008   9.068   1.00 22.28 ? 220 GLY A N     1 
ATOM   80   C  CA    . GLY A 1 12  ? 4.540   6.736   9.583   1.00 24.09 ? 220 GLY A CA    1 
ATOM   81   C  C     . GLY A 1 12  ? 5.033   5.571   8.737   1.00 24.72 ? 220 GLY A C     1 
ATOM   82   O  O     . GLY A 1 12  ? 5.433   4.529   9.265   1.00 23.49 ? 220 GLY A O     1 
ATOM   83   N  N     . ILE A 1 13  ? 5.005   5.749   7.419   1.00 21.59 ? 221 ILE A N     1 
ATOM   84   C  CA    . ILE A 1 13  ? 5.476   4.726   6.495   1.00 18.95 ? 221 ILE A CA    1 
ATOM   85   C  C     . ILE A 1 13  ? 6.976   4.506   6.661   1.00 22.50 ? 221 ILE A C     1 
ATOM   86   O  O     . ILE A 1 13  ? 7.447   3.370   6.750   1.00 21.30 ? 221 ILE A O     1 
ATOM   87   C  CB    . ILE A 1 13  ? 5.158   5.096   5.031   1.00 20.16 ? 221 ILE A CB    1 
ATOM   88   C  CG1   . ILE A 1 13  ? 3.644   5.038   4.787   1.00 24.49 ? 221 ILE A CG1   1 
ATOM   89   C  CG2   . ILE A 1 13  ? 5.910   4.173   4.068   1.00 23.36 ? 221 ILE A CG2   1 
ATOM   90   C  CD1   . ILE A 1 13  ? 3.213   5.540   3.415   1.00 21.27 ? 221 ILE A CD1   1 
ATOM   91   N  N     . LYS A 1 14  ? 7.733   5.595   6.708   1.00 23.85 ? 222 LYS A N     1 
ATOM   92   C  CA    . LYS A 1 14  ? 9.180   5.481   6.846   1.00 24.13 ? 222 LYS A CA    1 
ATOM   93   C  C     . LYS A 1 14  ? 9.567   4.792   8.148   1.00 24.96 ? 222 LYS A C     1 
ATOM   94   O  O     . LYS A 1 14  ? 10.444  3.936   8.158   1.00 26.55 ? 222 LYS A O     1 
ATOM   95   C  CB    . LYS A 1 14  ? 9.843   6.850   6.756   1.00 26.56 ? 222 LYS A CB    1 
ATOM   96   C  CG    . LYS A 1 14  ? 9.665   7.507   5.415   1.00 30.45 ? 222 LYS A CG    1 
ATOM   97   C  CD    . LYS A 1 14  ? 10.361  8.846   5.370   1.00 33.52 ? 222 LYS A CD    1 
ATOM   98   C  CE    . LYS A 1 14  ? 10.064  9.550   4.069   1.00 31.36 ? 222 LYS A CE    1 
ATOM   99   N  NZ    . LYS A 1 14  ? 10.869  10.791  3.938   1.00 38.06 ? 222 LYS A NZ    1 
ATOM   100  N  N     . ASP A 1 15  ? 8.901   5.154   9.239   1.00 22.96 ? 223 ASP A N     1 
ATOM   101  C  CA    . ASP A 1 15  ? 9.185   4.533   10.529  1.00 21.40 ? 223 ASP A CA    1 
ATOM   102  C  C     . ASP A 1 15  ? 8.856   3.046   10.530  1.00 25.36 ? 223 ASP A C     1 
ATOM   103  O  O     . ASP A 1 15  ? 9.604   2.237   11.092  1.00 24.60 ? 223 ASP A O     1 
ATOM   104  C  CB    . ASP A 1 15  ? 8.422   5.233   11.651  1.00 24.43 ? 223 ASP A CB    1 
ATOM   105  C  CG    . ASP A 1 15  ? 8.954   6.623   11.943  1.00 34.73 ? 223 ASP A CG    1 
ATOM   106  O  OD1   . ASP A 1 15  ? 10.017  6.986   11.389  1.00 38.90 ? 223 ASP A OD1   1 
ATOM   107  O  OD2   . ASP A 1 15  ? 8.311   7.343   12.739  1.00 37.31 ? 223 ASP A OD2   1 
ATOM   108  N  N     . LEU A 1 16  ? 7.742   2.685   9.903   1.00 24.50 ? 224 LEU A N     1 
ATOM   109  C  CA    . LEU A 1 16  ? 7.350   1.287   9.828   1.00 22.37 ? 224 LEU A CA    1 
ATOM   110  C  C     . LEU A 1 16  ? 8.374   0.488   9.035   1.00 22.74 ? 224 LEU A C     1 
ATOM   111  O  O     . LEU A 1 16  ? 8.773   -0.598  9.441   1.00 25.14 ? 224 LEU A O     1 
ATOM   112  C  CB    . LEU A 1 16  ? 5.980   1.156   9.174   1.00 23.52 ? 224 LEU A CB    1 
ATOM   113  C  CG    . LEU A 1 16  ? 5.496   -0.271  8.910   1.00 25.26 ? 224 LEU A CG    1 
ATOM   114  C  CD1   . LEU A 1 16  ? 5.232   -1.016  10.205  1.00 30.03 ? 224 LEU A CD1   1 
ATOM   115  C  CD2   . LEU A 1 16  ? 4.245   -0.253  8.027   1.00 28.11 ? 224 LEU A CD2   1 
ATOM   116  N  N     . VAL A 1 17  ? 8.796   1.039   7.907   1.00 24.12 ? 225 VAL A N     1 
ATOM   117  C  CA    . VAL A 1 17  ? 9.788   0.381   7.069   1.00 23.87 ? 225 VAL A CA    1 
ATOM   118  C  C     . VAL A 1 17  ? 11.102  0.165   7.826   1.00 26.03 ? 225 VAL A C     1 
ATOM   119  O  O     . VAL A 1 17  ? 11.698  -0.908  7.745   1.00 23.28 ? 225 VAL A O     1 
ATOM   120  C  CB    . VAL A 1 17  ? 10.023  1.160   5.750   1.00 22.07 ? 225 VAL A CB    1 
ATOM   121  C  CG1   . VAL A 1 17  ? 11.253  0.630   5.025   1.00 25.21 ? 225 VAL A CG1   1 
ATOM   122  C  CG2   . VAL A 1 17  ? 8.797   1.057   4.851   1.00 24.33 ? 225 VAL A CG2   1 
ATOM   123  N  N     . ILE A 1 18  ? 11.538  1.176   8.572   1.00 22.89 ? 226 ILE A N     1 
ATOM   124  C  CA    . ILE A 1 18  ? 12.754  1.062   9.385   1.00 24.53 ? 226 ILE A CA    1 
ATOM   125  C  C     . ILE A 1 18  ? 12.704  -0.157  10.296  1.00 23.96 ? 226 ILE A C     1 
ATOM   126  O  O     . ILE A 1 18  ? 13.671  -0.921  10.383  1.00 24.00 ? 226 ILE A O     1 
ATOM   127  C  CB    . ILE A 1 18  ? 12.999  2.337   10.218  1.00 27.67 ? 226 ILE A CB    1 
ATOM   128  C  CG1   . ILE A 1 18  ? 13.575  3.439   9.323   1.00 28.98 ? 226 ILE A CG1   1 
ATOM   129  C  CG2   . ILE A 1 18  ? 13.934  2.047   11.403  1.00 27.29 ? 226 ILE A CG2   1 
ATOM   130  C  CD1   . ILE A 1 18  ? 13.643  4.805   9.977   1.00 31.31 ? 226 ILE A CD1   1 
ATOM   131  N  N     . ASP A 1 19  ? 11.566  -0.353  10.961  1.00 23.38 ? 227 ASP A N     1 
ATOM   132  C  CA    . ASP A 1 19  ? 11.400  -1.495  11.844  1.00 22.18 ? 227 ASP A CA    1 
ATOM   133  C  C     . ASP A 1 19  ? 11.332  -2.810  11.082  1.00 23.34 ? 227 ASP A C     1 
ATOM   134  O  O     . ASP A 1 19  ? 12.003  -3.776  11.445  1.00 23.76 ? 227 ASP A O     1 
ATOM   135  C  CB    . ASP A 1 19  ? 10.159  -1.335  12.719  1.00 27.52 ? 227 ASP A CB    1 
ATOM   136  C  CG    . ASP A 1 19  ? 10.327  -0.260  13.773  1.00 30.81 ? 227 ASP A CG    1 
ATOM   137  O  OD1   . ASP A 1 19  ? 11.483  0.058   14.125  1.00 32.19 ? 227 ASP A OD1   1 
ATOM   138  O  OD2   . ASP A 1 19  ? 9.300   0.267   14.250  1.00 34.31 ? 227 ASP A OD2   1 
ATOM   139  N  N     . LEU A 1 20  ? 10.531  -2.849  10.021  1.00 23.49 ? 228 LEU A N     1 
ATOM   140  C  CA    . LEU A 1 20  ? 10.422  -4.061  9.207   1.00 23.05 ? 228 LEU A CA    1 
ATOM   141  C  C     . LEU A 1 20  ? 11.737  -4.539  8.611   1.00 25.27 ? 228 LEU A C     1 
ATOM   142  O  O     . LEU A 1 20  ? 12.004  -5.744  8.578   1.00 23.36 ? 228 LEU A O     1 
ATOM   143  C  CB    . LEU A 1 20  ? 9.414   -3.857  8.071   1.00 23.55 ? 228 LEU A CB    1 
ATOM   144  C  CG    . LEU A 1 20  ? 7.961   -3.826  8.524   1.00 22.17 ? 228 LEU A CG    1 
ATOM   145  C  CD1   . LEU A 1 20  ? 7.066   -3.461  7.339   1.00 29.13 ? 228 LEU A CD1   1 
ATOM   146  C  CD2   . LEU A 1 20  ? 7.556   -5.170  9.091   1.00 25.08 ? 228 LEU A CD2   1 
ATOM   147  N  N     . GLN A 1 21  ? 12.552  -3.600  8.134   1.00 20.60 ? 229 GLN A N     1 
ATOM   148  C  CA    A GLN A 1 21  ? 13.826  -3.901  7.473   0.54 22.89 ? 229 GLN A CA    1 
ATOM   149  C  CA    B GLN A 1 21  ? 13.775  -3.983  7.451   0.46 22.92 ? 229 GLN A CA    1 
ATOM   150  C  C     . GLN A 1 21  ? 14.763  -4.718  8.350   1.00 24.31 ? 229 GLN A C     1 
ATOM   151  O  O     . GLN A 1 21  ? 15.604  -5.472  7.856   1.00 26.56 ? 229 GLN A O     1 
ATOM   152  C  CB    A GLN A 1 21  ? 14.531  -2.604  7.055   0.54 22.66 ? 229 GLN A CB    1 
ATOM   153  C  CB    B GLN A 1 21  ? 14.438  -2.787  6.777   0.46 23.75 ? 229 GLN A CB    1 
ATOM   154  C  CG    A GLN A 1 21  ? 14.003  -1.985  5.763   0.54 25.02 ? 229 GLN A CG    1 
ATOM   155  C  CG    B GLN A 1 21  ? 15.423  -3.181  5.685   0.46 25.99 ? 229 GLN A CG    1 
ATOM   156  C  CD    A GLN A 1 21  ? 14.696  -0.683  5.393   0.54 27.41 ? 229 GLN A CD    1 
ATOM   157  C  CD    B GLN A 1 21  ? 14.763  -3.803  4.450   0.46 25.62 ? 229 GLN A CD    1 
ATOM   158  O  OE1   A GLN A 1 21  ? 15.395  -0.076  6.209   0.54 29.17 ? 229 GLN A OE1   1 
ATOM   159  O  OE1   B GLN A 1 21  ? 14.750  -3.198  3.384   0.46 24.05 ? 229 GLN A OE1   1 
ATOM   160  N  NE2   A GLN A 1 21  ? 14.499  -0.246  4.153   0.54 23.76 ? 229 GLN A NE2   1 
ATOM   161  N  NE2   B GLN A 1 21  ? 14.247  -5.021  4.585   0.46 22.30 ? 229 GLN A NE2   1 
ATOM   162  N  N     . LYS A 1 22  ? 14.641  -4.533  9.661   1.00 21.96 ? 230 LYS A N     1 
ATOM   163  C  CA    . LYS A 1 22  ? 15.504  -5.237  10.599  1.00 23.13 ? 230 LYS A CA    1 
ATOM   164  C  C     . LYS A 1 22  ? 15.129  -6.708  10.730  1.00 22.52 ? 230 LYS A C     1 
ATOM   165  O  O     . LYS A 1 22  ? 15.924  -7.512  11.219  1.00 25.20 ? 230 LYS A O     1 
ATOM   166  C  CB    . LYS A 1 22  ? 15.440  -4.579  11.977  1.00 22.94 ? 230 LYS A CB    1 
ATOM   167  C  CG    . LYS A 1 22  ? 15.868  -3.134  11.976  1.00 23.55 ? 230 LYS A CG    1 
ATOM   168  C  CD    . LYS A 1 22  ? 15.700  -2.507  13.341  1.00 26.79 ? 230 LYS A CD    1 
ATOM   169  C  CE    . LYS A 1 22  ? 16.002  -1.025  13.286  1.00 30.64 ? 230 LYS A CE    1 
ATOM   170  N  NZ    . LYS A 1 22  ? 15.836  -0.397  14.620  1.00 37.84 ? 230 LYS A NZ    1 
ATOM   171  N  N     . LYS A 1 23  ? 13.928  -7.064  10.291  1.00 19.99 ? 231 LYS A N     1 
ATOM   172  C  CA    . LYS A 1 23  ? 13.384  -8.385  10.576  1.00 19.88 ? 231 LYS A CA    1 
ATOM   173  C  C     . LYS A 1 23  ? 13.093  -9.242  9.350   1.00 22.91 ? 231 LYS A C     1 
ATOM   174  O  O     . LYS A 1 23  ? 13.034  -10.464 9.446   1.00 27.92 ? 231 LYS A O     1 
ATOM   175  C  CB    . LYS A 1 23  ? 12.097  -8.257  11.397  1.00 25.39 ? 231 LYS A CB    1 
ATOM   176  C  CG    . LYS A 1 23  ? 12.290  -7.698  12.794  1.00 20.99 ? 231 LYS A CG    1 
ATOM   177  C  CD    . LYS A 1 23  ? 13.083  -8.674  13.658  1.00 24.03 ? 231 LYS A CD    1 
ATOM   178  C  CE    . LYS A 1 23  ? 12.972  -8.322  15.118  1.00 27.29 ? 231 LYS A CE    1 
ATOM   179  N  NZ    . LYS A 1 23  ? 13.641  -9.364  15.967  1.00 25.27 ? 231 LYS A NZ    1 
ATOM   180  N  N     . VAL A 1 24  ? 12.889  -8.622  8.192   1.00 17.50 ? 232 VAL A N     1 
ATOM   181  C  CA    . VAL A 1 24  ? 12.370  -9.384  7.060   1.00 19.23 ? 232 VAL A CA    1 
ATOM   182  C  C     . VAL A 1 24  ? 13.392  -9.594  5.942   1.00 17.63 ? 232 VAL A C     1 
ATOM   183  O  O     . VAL A 1 24  ? 14.284  -8.762  5.746   1.00 19.22 ? 232 VAL A O     1 
ATOM   184  C  CB    . VAL A 1 24  ? 11.076  -8.731  6.484   1.00 19.88 ? 232 VAL A CB    1 
ATOM   185  C  CG1   . VAL A 1 24  ? 10.069  -8.477  7.602   1.00 19.77 ? 232 VAL A CG1   1 
ATOM   186  C  CG2   . VAL A 1 24  ? 11.399  -7.444  5.743   1.00 20.55 ? 232 VAL A CG2   1 
ATOM   187  N  N     . PRO A 1 25  ? 13.277  -10.713 5.208   1.00 19.96 ? 233 PRO A N     1 
ATOM   188  C  CA    . PRO A 1 25  ? 14.233  -11.053 4.141   1.00 20.31 ? 233 PRO A CA    1 
ATOM   189  C  C     . PRO A 1 25  ? 14.043  -10.261 2.837   1.00 20.63 ? 233 PRO A C     1 
ATOM   190  O  O     . PRO A 1 25  ? 14.988  -10.107 2.073   1.00 23.42 ? 233 PRO A O     1 
ATOM   191  C  CB    . PRO A 1 25  ? 13.983  -12.548 3.910   1.00 21.88 ? 233 PRO A CB    1 
ATOM   192  C  CG    . PRO A 1 25  ? 12.564  -12.763 4.357   1.00 21.26 ? 233 PRO A CG    1 
ATOM   193  C  CD    . PRO A 1 25  ? 12.379  -11.839 5.525   1.00 21.90 ? 233 PRO A CD    1 
ATOM   194  N  N     . MET A 1 26  ? 12.846  -9.752  2.586   1.00 22.46 ? 234 MET A N     1 
ATOM   195  C  CA    . MET A 1 26  ? 12.632  -8.926  1.412   1.00 21.73 ? 234 MET A CA    1 
ATOM   196  C  C     . MET A 1 26  ? 13.191  -7.531  1.637   1.00 24.77 ? 234 MET A C     1 
ATOM   197  O  O     . MET A 1 26  ? 13.177  -7.032  2.762   1.00 22.70 ? 234 MET A O     1 
ATOM   198  C  CB    . MET A 1 26  ? 11.147  -8.855  1.096   1.00 25.03 ? 234 MET A CB    1 
ATOM   199  C  CG    . MET A 1 26  ? 10.561  -10.180 0.630   1.00 25.96 ? 234 MET A CG    1 
ATOM   200  S  SD    . MET A 1 26  ? 8.847   -9.957  0.134   1.00 30.24 ? 234 MET A SD    1 
ATOM   201  C  CE    . MET A 1 26  ? 8.983   -8.272  -0.431  1.00 27.69 ? 234 MET A CE    1 
ATOM   202  N  N     . LYS A 1 27  ? 13.694  -6.909  0.575   1.00 22.87 ? 235 LYS A N     1 
ATOM   203  C  CA    . LYS A 1 27  ? 14.101  -5.516  0.639   1.00 18.48 ? 235 LYS A CA    1 
ATOM   204  C  C     . LYS A 1 27  ? 12.825  -4.684  0.586   1.00 20.47 ? 235 LYS A C     1 
ATOM   205  O  O     . LYS A 1 27  ? 12.021  -4.852  -0.329  1.00 22.24 ? 235 LYS A O     1 
ATOM   206  C  CB    . LYS A 1 27  ? 15.016  -5.167  -0.535  1.00 23.80 ? 235 LYS A CB    1 
ATOM   207  C  CG    . LYS A 1 27  ? 15.739  -3.839  -0.381  1.00 29.97 ? 235 LYS A CG    1 
ATOM   208  C  CD    . LYS A 1 27  ? 16.684  -3.891  0.810   1.00 38.40 ? 235 LYS A CD    1 
ATOM   209  C  CE    . LYS A 1 27  ? 17.135  -2.504  1.239   1.00 41.53 ? 235 LYS A CE    1 
ATOM   210  N  NZ    . LYS A 1 27  ? 17.756  -2.546  2.600   1.00 45.01 ? 235 LYS A NZ    1 
ATOM   211  N  N     . VAL A 1 28  ? 12.633  -3.807  1.566   1.00 20.65 ? 236 VAL A N     1 
ATOM   212  C  CA    . VAL A 1 28  ? 11.457  -2.950  1.607   1.00 21.38 ? 236 VAL A CA    1 
ATOM   213  C  C     . VAL A 1 28  ? 11.912  -1.517  1.409   1.00 24.72 ? 236 VAL A C     1 
ATOM   214  O  O     . VAL A 1 28  ? 12.665  -0.986  2.225   1.00 27.92 ? 236 VAL A O     1 
ATOM   215  C  CB    . VAL A 1 28  ? 10.729  -3.051  2.964   1.00 20.75 ? 236 VAL A CB    1 
ATOM   216  C  CG1   . VAL A 1 28  ? 9.503   -2.139  2.987   1.00 24.55 ? 236 VAL A CG1   1 
ATOM   217  C  CG2   . VAL A 1 28  ? 10.335  -4.496  3.259   1.00 22.81 ? 236 VAL A CG2   1 
ATOM   218  N  N     . VAL A 1 29  ? 11.467  -0.890  0.325   1.00 22.29 ? 237 VAL A N     1 
ATOM   219  C  CA    . VAL A 1 29  ? 11.916  0.462   0.022   1.00 24.72 ? 237 VAL A CA    1 
ATOM   220  C  C     . VAL A 1 29  ? 10.743  1.400   -0.162  1.00 24.94 ? 237 VAL A C     1 
ATOM   221  O  O     . VAL A 1 29  ? 9.638   0.967   -0.476  1.00 23.29 ? 237 VAL A O     1 
ATOM   222  C  CB    . VAL A 1 29  ? 12.818  0.525   -1.230  1.00 26.56 ? 237 VAL A CB    1 
ATOM   223  C  CG1   . VAL A 1 29  ? 14.049  -0.348  -1.041  1.00 32.86 ? 237 VAL A CG1   1 
ATOM   224  C  CG2   . VAL A 1 29  ? 12.064  0.114   -2.464  1.00 32.10 ? 237 VAL A CG2   1 
ATOM   225  N  N     . HIS A 1 30  ? 10.990  2.683   0.054   1.00 29.30 ? 238 HIS A N     1 
ATOM   226  C  CA    . HIS A 1 30  ? 9.953   3.681   -0.141  1.00 25.05 ? 238 HIS A CA    1 
ATOM   227  C  C     . HIS A 1 30  ? 10.434  4.838   -0.999  1.00 28.04 ? 238 HIS A C     1 
ATOM   228  O  O     . HIS A 1 30  ? 11.605  5.211   -0.984  1.00 26.95 ? 238 HIS A O     1 
ATOM   229  C  CB    . HIS A 1 30  ? 9.416   4.181   1.201   1.00 25.36 ? 238 HIS A CB    1 
ATOM   230  C  CG    . HIS A 1 30  ? 10.472  4.709   2.120   1.00 29.37 ? 238 HIS A CG    1 
ATOM   231  N  ND1   . HIS A 1 30  ? 11.115  5.908   1.907   1.00 27.55 ? 238 HIS A ND1   1 
ATOM   232  C  CD2   . HIS A 1 30  ? 10.988  4.203   3.266   1.00 27.23 ? 238 HIS A CD2   1 
ATOM   233  C  CE1   . HIS A 1 30  ? 11.989  6.116   2.878   1.00 29.16 ? 238 HIS A CE1   1 
ATOM   234  N  NE2   . HIS A 1 30  ? 11.929  5.097   3.718   1.00 31.69 ? 238 HIS A NE2   1 
ATOM   235  N  N     . GLU A 1 31  ? 9.513   5.386   -1.774  1.00 24.11 ? 239 GLU A N     1 
ATOM   236  C  CA    . GLU A 1 31  ? 9.759   6.609   -2.513  1.00 26.30 ? 239 GLU A CA    1 
ATOM   237  C  C     . GLU A 1 31  ? 8.593   7.540   -2.193  1.00 25.25 ? 239 GLU A C     1 
ATOM   238  O  O     . GLU A 1 31  ? 7.536   7.475   -2.820  1.00 24.65 ? 239 GLU A O     1 
ATOM   239  C  CB    . GLU A 1 31  ? 9.859   6.336   -4.012  1.00 31.64 ? 239 GLU A CB    1 
ATOM   240  C  CG    . GLU A 1 31  ? 10.000  7.589   -4.860  1.00 39.31 ? 239 GLU A CG    1 
ATOM   241  C  CD    . GLU A 1 31  ? 11.210  8.429   -4.478  1.00 48.77 ? 239 GLU A CD    1 
ATOM   242  O  OE1   . GLU A 1 31  ? 11.038  9.653   -4.272  1.00 51.15 ? 239 GLU A OE1   1 
ATOM   243  O  OE2   . GLU A 1 31  ? 12.328  7.871   -4.389  1.00 56.69 ? 239 GLU A OE2   1 
ATOM   244  N  N     . ILE A 1 32  ? 8.791   8.381   -1.185  1.00 24.38 ? 240 ILE A N     1 
ATOM   245  C  CA    . ILE A 1 32  ? 7.727   9.230   -0.668  1.00 25.36 ? 240 ILE A CA    1 
ATOM   246  C  C     . ILE A 1 32  ? 8.012   10.661  -1.057  1.00 30.32 ? 240 ILE A C     1 
ATOM   247  O  O     . ILE A 1 32  ? 8.991   11.243  -0.598  1.00 30.08 ? 240 ILE A O     1 
ATOM   248  C  CB    . ILE A 1 32  ? 7.660   9.189   0.867   1.00 28.62 ? 240 ILE A CB    1 
ATOM   249  C  CG1   . ILE A 1 32  ? 7.585   7.751   1.378   1.00 27.38 ? 240 ILE A CG1   1 
ATOM   250  C  CG2   . ILE A 1 32  ? 6.463   9.988   1.356   1.00 27.69 ? 240 ILE A CG2   1 
ATOM   251  C  CD1   . ILE A 1 32  ? 6.338   7.026   0.945   1.00 30.15 ? 240 ILE A CD1   1 
ATOM   252  N  N     . GLN A 1 33  ? 7.162   11.226  -1.904  1.00 26.56 ? 241 GLN A N     1 
ATOM   253  C  CA    . GLN A 1 33  ? 7.317   12.613  -2.304  1.00 32.14 ? 241 GLN A CA    1 
ATOM   254  C  C     . GLN A 1 33  ? 6.951   13.524  -1.143  1.00 32.14 ? 241 GLN A C     1 
ATOM   255  O  O     . GLN A 1 33  ? 6.057   13.217  -0.355  1.00 32.43 ? 241 GLN A O     1 
ATOM   256  C  CB    . GLN A 1 33  ? 6.442   12.912  -3.517  1.00 28.25 ? 241 GLN A CB    1 
ATOM   257  C  CG    . GLN A 1 33  ? 6.577   14.320  -4.054  1.00 37.68 ? 241 GLN A CG    1 
ATOM   258  C  CD    . GLN A 1 33  ? 5.620   14.583  -5.193  1.00 37.16 ? 241 GLN A CD    1 
ATOM   259  O  OE1   . GLN A 1 33  ? 5.158   13.653  -5.852  1.00 35.96 ? 241 GLN A OE1   1 
ATOM   260  N  NE2   . GLN A 1 33  ? 5.312   15.854  -5.430  1.00 45.54 ? 241 GLN A NE2   1 
ATOM   261  N  N     . ASP A 1 34  ? 7.653   14.645  -1.034  1.00 37.04 ? 242 ASP A N     1 
ATOM   262  C  CA    . ASP A 1 34  ? 7.450   15.555  0.078   1.00 39.68 ? 242 ASP A CA    1 
ATOM   263  C  C     . ASP A 1 34  ? 6.302   16.508  -0.223  1.00 39.21 ? 242 ASP A C     1 
ATOM   264  O  O     . ASP A 1 34  ? 6.479   17.510  -0.913  1.00 40.11 ? 242 ASP A O     1 
ATOM   265  C  CB    . ASP A 1 34  ? 8.736   16.333  0.370   1.00 45.86 ? 242 ASP A CB    1 
ATOM   266  C  CG    . ASP A 1 34  ? 8.686   17.063  1.701   1.00 54.56 ? 242 ASP A CG    1 
ATOM   267  O  OD1   . ASP A 1 34  ? 7.772   16.778  2.507   1.00 54.34 ? 242 ASP A OD1   1 
ATOM   268  O  OD2   . ASP A 1 34  ? 9.571   17.913  1.944   1.00 57.52 ? 242 ASP A OD2   1 
ATOM   269  N  N     . PHE A 1 35  ? 5.121   16.173  0.280   1.00 37.55 ? 243 PHE A N     1 
ATOM   270  C  CA    . PHE A 1 35  ? 3.954   17.031  0.125   1.00 33.15 ? 243 PHE A CA    1 
ATOM   271  C  C     . PHE A 1 35  ? 2.964   16.752  1.238   1.00 37.84 ? 243 PHE A C     1 
ATOM   272  O  O     . PHE A 1 35  ? 3.006   15.696  1.871   1.00 35.23 ? 243 PHE A O     1 
ATOM   273  C  CB    . PHE A 1 35  ? 3.301   16.844  -1.250  1.00 36.09 ? 243 PHE A CB    1 
ATOM   274  C  CG    . PHE A 1 35  ? 2.557   15.543  -1.410  1.00 35.50 ? 243 PHE A CG    1 
ATOM   275  C  CD1   . PHE A 1 35  ? 3.244   14.358  -1.631  1.00 31.31 ? 243 PHE A CD1   1 
ATOM   276  C  CD2   . PHE A 1 35  ? 1.172   15.511  -1.370  1.00 29.88 ? 243 PHE A CD2   1 
ATOM   277  C  CE1   . PHE A 1 35  ? 2.560   13.160  -1.789  1.00 28.32 ? 243 PHE A CE1   1 
ATOM   278  C  CE2   . PHE A 1 35  ? 0.481   14.317  -1.528  1.00 29.25 ? 243 PHE A CE2   1 
ATOM   279  C  CZ    . PHE A 1 35  ? 1.175   13.141  -1.738  1.00 27.58 ? 243 PHE A CZ    1 
ATOM   280  N  N     . LYS A 1 36  ? 2.082   17.711  1.490   1.00 36.64 ? 244 LYS A N     1 
ATOM   281  C  CA    . LYS A 1 36  ? 1.117   17.571  2.568   1.00 33.19 ? 244 LYS A CA    1 
ATOM   282  C  C     . LYS A 1 36  ? -0.080  16.726  2.143   1.00 35.12 ? 244 LYS A C     1 
ATOM   283  O  O     . LYS A 1 36  ? -0.809  17.077  1.214   1.00 32.62 ? 244 LYS A O     1 
ATOM   284  C  CB    . LYS A 1 36  ? 0.654   18.943  3.060   1.00 38.70 ? 244 LYS A CB    1 
ATOM   285  C  CG    . LYS A 1 36  ? -0.271  18.881  4.259   1.00 46.14 ? 244 LYS A CG    1 
ATOM   286  C  CD    . LYS A 1 36  ? -0.593  20.274  4.779   1.00 49.29 ? 244 LYS A CD    1 
ATOM   287  C  CE    . LYS A 1 36  ? -1.681  20.224  5.840   1.00 51.78 ? 244 LYS A CE    1 
ATOM   288  N  NZ    . LYS A 1 36  ? -2.955  19.683  5.290   1.00 56.51 ? 244 LYS A NZ    1 
ATOM   289  N  N     . VAL A 1 37  ? -0.261  15.599  2.821   1.00 31.34 ? 245 VAL A N     1 
ATOM   290  C  CA    . VAL A 1 37  ? -1.417  14.747  2.609   1.00 29.64 ? 245 VAL A CA    1 
ATOM   291  C  C     . VAL A 1 37  ? -2.505  15.249  3.552   1.00 29.85 ? 245 VAL A C     1 
ATOM   292  O  O     . VAL A 1 37  ? -2.234  15.502  4.725   1.00 32.50 ? 245 VAL A O     1 
ATOM   293  C  CB    . VAL A 1 37  ? -1.082  13.267  2.916   1.00 27.62 ? 245 VAL A CB    1 
ATOM   294  C  CG1   . VAL A 1 37  ? -2.321  12.395  2.779   1.00 27.19 ? 245 VAL A CG1   1 
ATOM   295  C  CG2   . VAL A 1 37  ? 0.041   12.767  1.995   1.00 24.60 ? 245 VAL A CG2   1 
ATOM   296  N  N     . PRO A 1 38  ? -3.736  15.423  3.046   1.00 31.92 ? 246 PRO A N     1 
ATOM   297  C  CA    . PRO A 1 38  ? -4.812  15.911  3.917   1.00 32.32 ? 246 PRO A CA    1 
ATOM   298  C  C     . PRO A 1 38  ? -4.987  15.005  5.132   1.00 32.30 ? 246 PRO A C     1 
ATOM   299  O  O     . PRO A 1 38  ? -5.007  13.783  4.987   1.00 28.01 ? 246 PRO A O     1 
ATOM   300  C  CB    . PRO A 1 38  ? -6.045  15.836  3.021   1.00 33.43 ? 246 PRO A CB    1 
ATOM   301  C  CG    . PRO A 1 38  ? -5.511  15.958  1.642   1.00 35.90 ? 246 PRO A CG    1 
ATOM   302  C  CD    . PRO A 1 38  ? -4.188  15.252  1.654   1.00 28.92 ? 246 PRO A CD    1 
ATOM   303  N  N     . LYS A 1 39  ? -5.097  15.605  6.313   1.00 30.83 ? 247 LYS A N     1 
ATOM   304  C  CA    . LYS A 1 39  ? -5.151  14.848  7.562   1.00 33.35 ? 247 LYS A CA    1 
ATOM   305  C  C     . LYS A 1 39  ? -6.282  13.821  7.561   1.00 31.10 ? 247 LYS A C     1 
ATOM   306  O  O     . LYS A 1 39  ? -6.147  12.733  8.126   1.00 34.36 ? 247 LYS A O     1 
ATOM   307  C  CB    . LYS A 1 39  ? -5.312  15.800  8.752   1.00 35.66 ? 247 LYS A CB    1 
ATOM   308  C  CG    . LYS A 1 39  ? -5.014  15.180  10.106  1.00 43.16 ? 247 LYS A CG    1 
ATOM   309  C  CD    . LYS A 1 39  ? -3.565  15.419  10.508  1.00 45.95 ? 247 LYS A CD    1 
ATOM   310  C  CE    . LYS A 1 39  ? -3.250  14.798  11.862  1.00 52.09 ? 247 LYS A CE    1 
ATOM   311  N  NZ    . LYS A 1 39  ? -1.849  15.078  12.293  1.00 54.41 ? 247 LYS A NZ    1 
ATOM   312  N  N     . GLY A 1 40  ? -7.387  14.172  6.911   1.00 30.56 ? 248 GLY A N     1 
ATOM   313  C  CA    . GLY A 1 40  ? -8.573  13.338  6.877   1.00 26.40 ? 248 GLY A CA    1 
ATOM   314  C  C     . GLY A 1 40  ? -8.426  11.981  6.207   1.00 28.63 ? 248 GLY A C     1 
ATOM   315  O  O     . GLY A 1 40  ? -9.228  11.081  6.455   1.00 33.03 ? 248 GLY A O     1 
ATOM   316  N  N     . ILE A 1 41  ? -7.421  11.823  5.354   1.00 27.99 ? 249 ILE A N     1 
ATOM   317  C  CA    . ILE A 1 41  ? -7.273  10.567  4.618   1.00 24.50 ? 249 ILE A CA    1 
ATOM   318  C  C     . ILE A 1 41  ? -6.015  9.789   4.999   1.00 24.88 ? 249 ILE A C     1 
ATOM   319  O  O     . ILE A 1 41  ? -5.814  8.669   4.537   1.00 23.14 ? 249 ILE A O     1 
ATOM   320  C  CB    . ILE A 1 41  ? -7.313  10.779  3.091   1.00 27.26 ? 249 ILE A CB    1 
ATOM   321  C  CG1   . ILE A 1 41  ? -6.077  11.543  2.608   1.00 21.97 ? 249 ILE A CG1   1 
ATOM   322  C  CG2   . ILE A 1 41  ? -8.581  11.504  2.719   1.00 22.02 ? 249 ILE A CG2   1 
ATOM   323  C  CD1   . ILE A 1 41  ? -5.959  11.628  1.093   1.00 24.95 ? 249 ILE A CD1   1 
ATOM   324  N  N     . GLU A 1 42  ? -5.182  10.383  5.845   1.00 21.54 ? 250 GLU A N     1 
ATOM   325  C  CA    . GLU A 1 42  ? -3.905  9.767   6.209   1.00 21.88 ? 250 GLU A CA    1 
ATOM   326  C  C     . GLU A 1 42  ? -4.027  8.397   6.871   1.00 23.25 ? 250 GLU A C     1 
ATOM   327  O  O     . GLU A 1 42  ? -3.326  7.464   6.482   1.00 22.81 ? 250 GLU A O     1 
ATOM   328  C  CB    . GLU A 1 42  ? -3.064  10.709  7.071   1.00 25.37 ? 250 GLU A CB    1 
ATOM   329  C  CG    . GLU A 1 42  ? -2.485  11.869  6.292   1.00 29.10 ? 250 GLU A CG    1 
ATOM   330  C  CD    . GLU A 1 42  ? -1.497  12.681  7.097   1.00 30.96 ? 250 GLU A CD    1 
ATOM   331  O  OE1   . GLU A 1 42  ? -1.844  13.090  8.223   1.00 35.94 ? 250 GLU A OE1   1 
ATOM   332  O  OE2   . GLU A 1 42  ? -0.373  12.906  6.596   1.00 30.97 ? 250 GLU A OE2   1 
ATOM   333  N  N     . ASP A 1 43  ? -4.910  8.270   7.857   1.00 22.16 ? 251 ASP A N     1 
ATOM   334  C  CA    A ASP A 1 43  ? -5.073  7.002   8.558   0.46 25.29 ? 251 ASP A CA    1 
ATOM   335  C  CA    B ASP A 1 43  ? -5.096  7.006   8.566   0.54 25.30 ? 251 ASP A CA    1 
ATOM   336  C  C     . ASP A 1 43  ? -5.540  5.887   7.627   1.00 23.12 ? 251 ASP A C     1 
ATOM   337  O  O     . ASP A 1 43  ? -5.056  4.764   7.718   1.00 21.10 ? 251 ASP A O     1 
ATOM   338  C  CB    A ASP A 1 43  ? -6.037  7.144   9.737   0.46 26.45 ? 251 ASP A CB    1 
ATOM   339  C  CB    B ASP A 1 43  ? -6.116  7.166   9.700   0.54 26.42 ? 251 ASP A CB    1 
ATOM   340  C  CG    A ASP A 1 43  ? -6.281  5.827   10.447  0.46 28.16 ? 251 ASP A CG    1 
ATOM   341  C  CG    B ASP A 1 43  ? -5.570  7.962   10.876  0.54 31.52 ? 251 ASP A CG    1 
ATOM   342  O  OD1   A ASP A 1 43  ? -5.387  5.372   11.191  0.46 35.71 ? 251 ASP A OD1   1 
ATOM   343  O  OD1   B ASP A 1 43  ? -4.353  7.881   11.144  0.54 32.64 ? 251 ASP A OD1   1 
ATOM   344  O  OD2   A ASP A 1 43  ? -7.372  5.247   10.265  0.46 33.34 ? 251 ASP A OD2   1 
ATOM   345  O  OD2   B ASP A 1 43  ? -6.370  8.662   11.537  0.54 34.79 ? 251 ASP A OD2   1 
ATOM   346  N  N     . HIS A 1 44  ? -6.476  6.197   6.732   1.00 21.61 ? 252 HIS A N     1 
ATOM   347  C  CA    . HIS A 1 44  ? -6.964  5.206   5.782   1.00 20.54 ? 252 HIS A CA    1 
ATOM   348  C  C     . HIS A 1 44  ? -5.831  4.725   4.881   1.00 18.75 ? 252 HIS A C     1 
ATOM   349  O  O     . HIS A 1 44  ? -5.658  3.529   4.669   1.00 19.50 ? 252 HIS A O     1 
ATOM   350  C  CB    . HIS A 1 44  ? -8.080  5.787   4.916   1.00 18.84 ? 252 HIS A CB    1 
ATOM   351  C  CG    . HIS A 1 44  ? -9.386  5.916   5.625   1.00 24.03 ? 252 HIS A CG    1 
ATOM   352  N  ND1   . HIS A 1 44  ? -9.632  6.902   6.558   1.00 29.63 ? 252 HIS A ND1   1 
ATOM   353  C  CD2   . HIS A 1 44  ? -10.521 5.184   5.540   1.00 23.72 ? 252 HIS A CD2   1 
ATOM   354  C  CE1   . HIS A 1 44  ? -10.863 6.770   7.016   1.00 29.98 ? 252 HIS A CE1   1 
ATOM   355  N  NE2   . HIS A 1 44  ? -11.425 5.736   6.415   1.00 25.37 ? 252 HIS A NE2   1 
ATOM   356  N  N     . LEU A 1 45  ? -5.053  5.658   4.352   1.00 18.67 ? 253 LEU A N     1 
ATOM   357  C  CA    . LEU A 1 45  ? -3.949  5.290   3.470   1.00 18.25 ? 253 LEU A CA    1 
ATOM   358  C  C     . LEU A 1 45  ? -2.889  4.474   4.211   1.00 18.06 ? 253 LEU A C     1 
ATOM   359  O  O     . LEU A 1 45  ? -2.269  3.591   3.626   1.00 18.42 ? 253 LEU A O     1 
ATOM   360  C  CB    . LEU A 1 45  ? -3.322  6.527   2.833   1.00 17.95 ? 253 LEU A CB    1 
ATOM   361  C  CG    . LEU A 1 45  ? -4.233  7.290   1.869   1.00 17.69 ? 253 LEU A CG    1 
ATOM   362  C  CD1   . LEU A 1 45  ? -3.621  8.637   1.543   1.00 20.38 ? 253 LEU A CD1   1 
ATOM   363  C  CD2   . LEU A 1 45  ? -4.438  6.468   0.606   1.00 19.34 ? 253 LEU A CD2   1 
ATOM   364  N  N     . PHE A 1 46  ? -2.673  4.774   5.490   1.00 18.95 ? 254 PHE A N     1 
ATOM   365  C  CA    . PHE A 1 46  ? -1.711  4.020   6.291   1.00 18.96 ? 254 PHE A CA    1 
ATOM   366  C  C     . PHE A 1 46  ? -2.217  2.592   6.524   1.00 19.22 ? 254 PHE A C     1 
ATOM   367  O  O     . PHE A 1 46  ? -1.444  1.641   6.453   1.00 19.44 ? 254 PHE A O     1 
ATOM   368  C  CB    . PHE A 1 46  ? -1.450  4.738   7.618   1.00 19.21 ? 254 PHE A CB    1 
ATOM   369  C  CG    . PHE A 1 46  ? -0.251  4.240   8.361   1.00 22.68 ? 254 PHE A CG    1 
ATOM   370  C  CD1   . PHE A 1 46  ? 0.962   4.048   7.712   1.00 21.79 ? 254 PHE A CD1   1 
ATOM   371  C  CD2   . PHE A 1 46  ? -0.324  4.005   9.722   1.00 23.91 ? 254 PHE A CD2   1 
ATOM   372  C  CE1   . PHE A 1 46  ? 2.074   3.607   8.420   1.00 21.70 ? 254 PHE A CE1   1 
ATOM   373  C  CE2   . PHE A 1 46  ? 0.790   3.554   10.425  1.00 25.39 ? 254 PHE A CE2   1 
ATOM   374  C  CZ    . PHE A 1 46  ? 1.981   3.361   9.769   1.00 23.94 ? 254 PHE A CZ    1 
ATOM   375  N  N     . ARG A 1 47  ? -3.516  2.431   6.759   1.00 18.29 ? 255 ARG A N     1 
ATOM   376  C  CA    . ARG A 1 47  ? -4.089  1.093   6.938   1.00 18.43 ? 255 ARG A CA    1 
ATOM   377  C  C     . ARG A 1 47  ? -3.987  0.269   5.652   1.00 18.14 ? 255 ARG A C     1 
ATOM   378  O  O     . ARG A 1 47  ? -3.693  -0.924  5.690   1.00 20.52 ? 255 ARG A O     1 
ATOM   379  C  CB    . ARG A 1 47  ? -5.548  1.175   7.397   1.00 20.49 ? 255 ARG A CB    1 
ATOM   380  C  CG    . ARG A 1 47  ? -5.716  1.592   8.856   1.00 21.42 ? 255 ARG A CG    1 
ATOM   381  C  CD    . ARG A 1 47  ? -6.996  2.361   9.068   1.00 33.33 ? 255 ARG A CD    1 
ATOM   382  N  NE    . ARG A 1 47  ? -8.161  1.514   9.279   1.00 39.68 ? 255 ARG A NE    1 
ATOM   383  C  CZ    . ARG A 1 47  ? -9.409  1.982   9.342   1.00 38.29 ? 255 ARG A CZ    1 
ATOM   384  N  NH1   . ARG A 1 47  ? -9.641  3.282   9.182   1.00 39.67 ? 255 ARG A NH1   1 
ATOM   385  N  NH2   . ARG A 1 47  ? -10.424 1.154   9.543   1.00 36.71 ? 255 ARG A NH2   1 
ATOM   386  N  N     . ILE A 1 48  ? -4.222  0.906   4.504   1.00 19.72 ? 256 ILE A N     1 
ATOM   387  C  CA    . ILE A 1 48  ? -4.034  0.223   3.228   1.00 19.37 ? 256 ILE A CA    1 
ATOM   388  C  C     . ILE A 1 48  ? -2.580  -0.206  3.033   1.00 18.78 ? 256 ILE A C     1 
ATOM   389  O  O     . ILE A 1 48  ? -2.304  -1.337  2.658   1.00 19.35 ? 256 ILE A O     1 
ATOM   390  C  CB    . ILE A 1 48  ? -4.484  1.109   2.054   1.00 16.69 ? 256 ILE A CB    1 
ATOM   391  C  CG1   . ILE A 1 48  ? -5.985  1.342   2.156   1.00 17.44 ? 256 ILE A CG1   1 
ATOM   392  C  CG2   . ILE A 1 48  ? -4.132  0.455   0.718   1.00 20.49 ? 256 ILE A CG2   1 
ATOM   393  C  CD1   . ILE A 1 48  ? -6.493  2.431   1.216   1.00 18.41 ? 256 ILE A CD1   1 
ATOM   394  N  N     . THR A 1 49  ? -1.655  0.701   3.328   1.00 19.42 ? 257 THR A N     1 
ATOM   395  C  CA    . THR A 1 49  ? -0.235  0.440   3.142   1.00 18.82 ? 257 THR A CA    1 
ATOM   396  C  C     . THR A 1 49  ? 0.226   -0.739  3.997   1.00 18.02 ? 257 THR A C     1 
ATOM   397  O  O     . THR A 1 49  ? 0.965   -1.609  3.519   1.00 19.84 ? 257 THR A O     1 
ATOM   398  C  CB    . THR A 1 49  ? 0.601   1.686   3.481   1.00 18.19 ? 257 THR A CB    1 
ATOM   399  O  OG1   . THR A 1 49  ? 0.200   2.771   2.634   1.00 19.45 ? 257 THR A OG1   1 
ATOM   400  C  CG2   . THR A 1 49  ? 2.094   1.410   3.239   1.00 18.96 ? 257 THR A CG2   1 
ATOM   401  N  N     . GLN A 1 50  ? -0.239  -0.786  5.242   1.00 20.24 ? 258 GLN A N     1 
ATOM   402  C  CA    . GLN A 1 50  ? 0.165   -1.860  6.147   1.00 17.62 ? 258 GLN A CA    1 
ATOM   403  C  C     . GLN A 1 50  ? -0.328  -3.218  5.664   1.00 18.03 ? 258 GLN A C     1 
ATOM   404  O  O     . GLN A 1 50  ? 0.399   -4.212  5.734   1.00 19.74 ? 258 GLN A O     1 
ATOM   405  C  CB    . GLN A 1 50  ? -0.316  -1.596  7.571   1.00 20.72 ? 258 GLN A CB    1 
ATOM   406  C  CG    . GLN A 1 50  ? 0.434   -0.477  8.234   1.00 20.98 ? 258 GLN A CG    1 
ATOM   407  C  CD    . GLN A 1 50  ? 0.071   -0.335  9.684   1.00 30.55 ? 258 GLN A CD    1 
ATOM   408  O  OE1   . GLN A 1 50  ? 0.565   -1.077  10.533  1.00 35.19 ? 258 GLN A OE1   1 
ATOM   409  N  NE2   . GLN A 1 50  ? -0.801  0.613   9.980   1.00 30.58 ? 258 GLN A NE2   1 
ATOM   410  N  N     . GLU A 1 51  ? -1.557  -3.264  5.155   1.00 18.64 ? 259 GLU A N     1 
ATOM   411  C  CA    . GLU A 1 51  ? -2.076  -4.527  4.649   1.00 18.71 ? 259 GLU A CA    1 
ATOM   412  C  C     . GLU A 1 51  ? -1.347  -4.976  3.372   1.00 18.32 ? 259 GLU A C     1 
ATOM   413  O  O     . GLU A 1 51  ? -0.999  -6.151  3.219   1.00 18.12 ? 259 GLU A O     1 
ATOM   414  C  CB    . GLU A 1 51  ? -3.582  -4.432  4.401   1.00 20.10 ? 259 GLU A CB    1 
ATOM   415  C  CG    . GLU A 1 51  ? -4.181  -5.671  3.766   1.00 21.86 ? 259 GLU A CG    1 
ATOM   416  C  CD    . GLU A 1 51  ? -4.044  -6.907  4.635   1.00 19.67 ? 259 GLU A CD    1 
ATOM   417  O  OE1   . GLU A 1 51  ? -3.855  -6.773  5.868   1.00 22.60 ? 259 GLU A OE1   1 
ATOM   418  O  OE2   . GLU A 1 51  ? -4.123  -8.022  4.079   1.00 22.57 ? 259 GLU A OE2   1 
ATOM   419  N  N     . ALA A 1 52  ? -1.106  -4.036  2.469   1.00 18.89 ? 260 ALA A N     1 
ATOM   420  C  CA    . ALA A 1 52  ? -0.410  -4.341  1.238   1.00 17.28 ? 260 ALA A CA    1 
ATOM   421  C  C     . ALA A 1 52  ? 0.992   -4.871  1.530   1.00 16.56 ? 260 ALA A C     1 
ATOM   422  O  O     . ALA A 1 52  ? 1.433   -5.866  0.941   1.00 17.97 ? 260 ALA A O     1 
ATOM   423  C  CB    . ALA A 1 52  ? -0.356  -3.098  0.343   1.00 16.47 ? 260 ALA A CB    1 
ATOM   424  N  N     . ILE A 1 53  ? 1.684   -4.233  2.472   1.00 17.55 ? 261 ILE A N     1 
ATOM   425  C  CA    . ILE A 1 53  ? 3.015   -4.700  2.850   1.00 18.25 ? 261 ILE A CA    1 
ATOM   426  C  C     . ILE A 1 53  ? 2.940   -6.087  3.493   1.00 17.73 ? 261 ILE A C     1 
ATOM   427  O  O     . ILE A 1 53  ? 3.714   -6.988  3.139   1.00 18.49 ? 261 ILE A O     1 
ATOM   428  C  CB    . ILE A 1 53  ? 3.701   -3.676  3.776   1.00 17.84 ? 261 ILE A CB    1 
ATOM   429  C  CG1   . ILE A 1 53  ? 3.935   -2.379  2.999   1.00 22.09 ? 261 ILE A CG1   1 
ATOM   430  C  CG2   . ILE A 1 53  ? 5.003   -4.220  4.351   1.00 20.81 ? 261 ILE A CG2   1 
ATOM   431  C  CD1   . ILE A 1 53  ? 4.603   -1.288  3.794   1.00 23.59 ? 261 ILE A CD1   1 
ATOM   432  N  N     . SER A 1 54  ? 1.997   -6.256  4.418   1.00 18.74 ? 262 SER A N     1 
ATOM   433  C  CA    . SER A 1 54  ? 1.802   -7.537  5.091   1.00 18.91 ? 262 SER A CA    1 
ATOM   434  C  C     . SER A 1 54  ? 1.607   -8.680  4.102   1.00 21.00 ? 262 SER A C     1 
ATOM   435  O  O     . SER A 1 54  ? 2.203   -9.751  4.238   1.00 18.07 ? 262 SER A O     1 
ATOM   436  C  CB    . SER A 1 54  ? 0.593   -7.467  6.033   1.00 20.65 ? 262 SER A CB    1 
ATOM   437  O  OG    . SER A 1 54  ? 0.262   -8.767  6.502   1.00 27.07 ? 262 SER A OG    1 
ATOM   438  N  N     . ASN A 1 55  ? 0.768   -8.453  3.101   1.00 20.02 ? 263 ASN A N     1 
ATOM   439  C  CA    . ASN A 1 55  ? 0.499   -9.483  2.115   1.00 18.21 ? 263 ASN A CA    1 
ATOM   440  C  C     . ASN A 1 55  ? 1.718   -9.797  1.262   1.00 19.20 ? 263 ASN A C     1 
ATOM   441  O  O     . ASN A 1 55  ? 1.970   -10.954 0.930   1.00 19.61 ? 263 ASN A O     1 
ATOM   442  C  CB    . ASN A 1 55  ? -0.654  -9.067  1.221   1.00 15.88 ? 263 ASN A CB    1 
ATOM   443  C  CG    . ASN A 1 55  ? -1.979  -9.121  1.924   1.00 18.00 ? 263 ASN A CG    1 
ATOM   444  O  OD1   . ASN A 1 55  ? -2.112  -9.756  2.971   1.00 19.27 ? 263 ASN A OD1   1 
ATOM   445  N  ND2   . ASN A 1 55  ? -2.980  -8.478  1.334   1.00 19.41 ? 263 ASN A ND2   1 
ATOM   446  N  N     . THR A 1 56  ? 2.465   -8.769  0.882   1.00 17.37 ? 264 THR A N     1 
ATOM   447  C  CA    A THR A 1 56  ? 3.681   -8.984  0.118   0.80 17.03 ? 264 THR A CA    1 
ATOM   448  C  CA    B THR A 1 56  ? 3.699   -8.984  0.123   0.20 17.11 ? 264 THR A CA    1 
ATOM   449  C  C     . THR A 1 56  ? 4.688   -9.840  0.909   1.00 17.74 ? 264 THR A C     1 
ATOM   450  O  O     . THR A 1 56  ? 5.236   -10.808 0.381   1.00 18.36 ? 264 THR A O     1 
ATOM   451  C  CB    A THR A 1 56  ? 4.295   -7.645  -0.286  0.80 18.62 ? 264 THR A CB    1 
ATOM   452  C  CB    B THR A 1 56  ? 4.410   -7.666  -0.287  0.20 18.64 ? 264 THR A CB    1 
ATOM   453  O  OG1   A THR A 1 56  ? 3.532   -7.075  -1.362  0.80 19.82 ? 264 THR A OG1   1 
ATOM   454  O  OG1   B THR A 1 56  ? 4.804   -6.931  0.877   0.20 18.87 ? 264 THR A OG1   1 
ATOM   455  C  CG2   A THR A 1 56  ? 5.680   -7.859  -0.774  0.80 18.18 ? 264 THR A CG2   1 
ATOM   456  C  CG2   B THR A 1 56  ? 3.519   -6.802  -1.155  0.20 19.59 ? 264 THR A CG2   1 
ATOM   457  N  N     . LEU A 1 57  ? 4.909   -9.486  2.174   1.00 15.89 ? 265 LEU A N     1 
ATOM   458  C  CA    . LEU A 1 57  ? 5.888   -10.191 3.010   1.00 19.22 ? 265 LEU A CA    1 
ATOM   459  C  C     . LEU A 1 57  ? 5.487   -11.641 3.237   1.00 20.05 ? 265 LEU A C     1 
ATOM   460  O  O     . LEU A 1 57  ? 6.331   -12.533 3.192   1.00 24.33 ? 265 LEU A O     1 
ATOM   461  C  CB    . LEU A 1 57  ? 6.059   -9.482  4.357   1.00 17.16 ? 265 LEU A CB    1 
ATOM   462  C  CG    . LEU A 1 57  ? 6.615   -8.058  4.288   1.00 20.79 ? 265 LEU A CG    1 
ATOM   463  C  CD1   . LEU A 1 57  ? 6.649   -7.408  5.668   1.00 21.45 ? 265 LEU A CD1   1 
ATOM   464  C  CD2   . LEU A 1 57  ? 8.001   -8.066  3.641   1.00 25.25 ? 265 LEU A CD2   1 
ATOM   465  N  N     . ARG A 1 58  ? 4.198   -11.880 3.458   1.00 20.10 ? 266 ARG A N     1 
ATOM   466  C  CA    . ARG A 1 58  ? 3.735   -13.235 3.738   1.00 22.09 ? 266 ARG A CA    1 
ATOM   467  C  C     . ARG A 1 58  ? 3.553   -14.110 2.507   1.00 23.95 ? 266 ARG A C     1 
ATOM   468  O  O     . ARG A 1 58  ? 3.832   -15.309 2.557   1.00 24.87 ? 266 ARG A O     1 
ATOM   469  C  CB    . ARG A 1 58  ? 2.422   -13.208 4.510   1.00 22.62 ? 266 ARG A CB    1 
ATOM   470  C  CG    . ARG A 1 58  ? 2.132   -14.501 5.259   1.00 31.89 ? 266 ARG A CG    1 
ATOM   471  C  CD    . ARG A 1 58  ? 0.809   -14.426 6.019   1.00 33.66 ? 266 ARG A CD    1 
ATOM   472  N  NE    . ARG A 1 58  ? 0.746   -13.244 6.872   1.00 35.56 ? 266 ARG A NE    1 
ATOM   473  C  CZ    . ARG A 1 58  ? -0.385  -12.621 7.198   1.00 36.46 ? 266 ARG A CZ    1 
ATOM   474  N  NH1   . ARG A 1 58  ? -1.548  -13.066 6.737   1.00 36.30 ? 266 ARG A NH1   1 
ATOM   475  N  NH2   . ARG A 1 58  ? -0.350  -11.548 7.977   1.00 31.08 ? 266 ARG A NH2   1 
ATOM   476  N  N     . HIS A 1 59  ? 3.077   -13.516 1.407   1.00 18.87 ? 267 HIS A N     1 
ATOM   477  C  CA    . HIS A 1 59  ? 2.552   -14.294 0.287   1.00 21.52 ? 267 HIS A CA    1 
ATOM   478  C  C     . HIS A 1 59  ? 3.371   -14.262 -1.015  1.00 20.89 ? 267 HIS A C     1 
ATOM   479  O  O     . HIS A 1 59  ? 3.244   -15.166 -1.835  1.00 23.58 ? 267 HIS A O     1 
ATOM   480  C  CB    . HIS A 1 59  ? 1.126   -13.838 -0.071  1.00 19.46 ? 267 HIS A CB    1 
ATOM   481  C  CG    . HIS A 1 59  ? 0.156   -13.842 1.073   1.00 22.52 ? 267 HIS A CG    1 
ATOM   482  N  ND1   . HIS A 1 59  ? -0.194  -14.985 1.756   1.00 24.12 ? 267 HIS A ND1   1 
ATOM   483  C  CD2   . HIS A 1 59  ? -0.586  -12.843 1.610   1.00 24.45 ? 267 HIS A CD2   1 
ATOM   484  C  CE1   . HIS A 1 59  ? -1.086  -14.689 2.682   1.00 22.68 ? 267 HIS A CE1   1 
ATOM   485  N  NE2   . HIS A 1 59  ? -1.346  -13.396 2.610   1.00 26.10 ? 267 HIS A NE2   1 
ATOM   486  N  N     . SER A 1 60  ? 4.164   -13.218 -1.230  1.00 17.17 ? 268 SER A N     1 
ATOM   487  C  CA    . SER A 1 60  ? 4.757   -13.017 -2.561  1.00 20.46 ? 268 SER A CA    1 
ATOM   488  C  C     . SER A 1 60  ? 5.971   -13.885 -2.858  1.00 23.67 ? 268 SER A C     1 
ATOM   489  O  O     . SER A 1 60  ? 6.206   -14.234 -4.012  1.00 21.87 ? 268 SER A O     1 
ATOM   490  C  CB    . SER A 1 60  ? 5.107   -11.548 -2.810  1.00 19.67 ? 268 SER A CB    1 
ATOM   491  O  OG    . SER A 1 60  ? 6.288   -11.174 -2.122  1.00 19.97 ? 268 SER A OG    1 
ATOM   492  N  N     . ASN A 1 61  ? 6.740   -14.225 -1.823  1.00 22.39 ? 269 ASN A N     1 
ATOM   493  C  CA    . ASN A 1 61  ? 8.051   -14.859 -2.016  1.00 24.81 ? 269 ASN A CA    1 
ATOM   494  C  C     . ASN A 1 61  ? 8.958   -14.063 -2.953  1.00 23.23 ? 269 ASN A C     1 
ATOM   495  O  O     . ASN A 1 61  ? 9.831   -14.628 -3.618  1.00 24.43 ? 269 ASN A O     1 
ATOM   496  C  CB    . ASN A 1 61  ? 7.917   -16.307 -2.502  1.00 24.95 ? 269 ASN A CB    1 
ATOM   497  C  CG    . ASN A 1 61  ? 7.513   -17.262 -1.394  1.00 27.47 ? 269 ASN A CG    1 
ATOM   498  O  OD1   . ASN A 1 61  ? 7.683   -16.962 -0.213  1.00 32.23 ? 269 ASN A OD1   1 
ATOM   499  N  ND2   . ASN A 1 61  ? 6.969   -18.417 -1.772  1.00 25.69 ? 269 ASN A ND2   1 
ATOM   500  N  N     . GLY A 1 62  ? 8.749   -12.752 -3.011  1.00 22.21 ? 270 GLY A N     1 
ATOM   501  C  CA    . GLY A 1 62  ? 9.579   -11.884 -3.823  1.00 21.55 ? 270 GLY A CA    1 
ATOM   502  C  C     . GLY A 1 62  ? 10.844  -11.451 -3.106  1.00 21.78 ? 270 GLY A C     1 
ATOM   503  O  O     . GLY A 1 62  ? 11.102  -11.870 -1.978  1.00 27.27 ? 270 GLY A O     1 
ATOM   504  N  N     . THR A 1 63  ? 11.638  -10.613 -3.764  1.00 18.85 ? 271 THR A N     1 
ATOM   505  C  CA    . THR A 1 63  ? 12.866  -10.107 -3.163  1.00 20.55 ? 271 THR A CA    1 
ATOM   506  C  C     . THR A 1 63  ? 12.781  -8.620  -2.860  1.00 21.86 ? 271 THR A C     1 
ATOM   507  O  O     . THR A 1 63  ? 13.618  -8.093  -2.121  1.00 21.96 ? 271 THR A O     1 
ATOM   508  C  CB    . THR A 1 63  ? 14.123  -10.345 -4.057  1.00 20.03 ? 271 THR A CB    1 
ATOM   509  O  OG1   . THR A 1 63  ? 13.987  -9.620  -5.289  1.00 21.04 ? 271 THR A OG1   1 
ATOM   510  C  CG2   . THR A 1 63  ? 14.319  -11.833 -4.348  1.00 25.78 ? 271 THR A CG2   1 
ATOM   511  N  N     . LYS A 1 64  ? 11.788  -7.938  -3.425  1.00 21.08 ? 272 LYS A N     1 
ATOM   512  C  CA    . LYS A 1 64  ? 11.685  -6.501  -3.217  1.00 19.21 ? 272 LYS A CA    1 
ATOM   513  C  C     . LYS A 1 64  ? 10.262  -5.986  -3.262  1.00 19.37 ? 272 LYS A C     1 
ATOM   514  O  O     . LYS A 1 64  ? 9.483   -6.365  -4.126  1.00 22.69 ? 272 LYS A O     1 
ATOM   515  C  CB    . LYS A 1 64  ? 12.526  -5.754  -4.244  1.00 21.52 ? 272 LYS A CB    1 
ATOM   516  C  CG    . LYS A 1 64  ? 12.680  -4.265  -3.988  1.00 25.25 ? 272 LYS A CG    1 
ATOM   517  C  CD    . LYS A 1 64  ? 13.487  -3.652  -5.127  1.00 32.34 ? 272 LYS A CD    1 
ATOM   518  C  CE    . LYS A 1 64  ? 13.800  -2.183  -4.905  1.00 48.13 ? 272 LYS A CE    1 
ATOM   519  N  NZ    . LYS A 1 64  ? 14.776  -1.692  -5.928  1.00 48.08 ? 272 LYS A NZ    1 
ATOM   520  N  N     . VAL A 1 65  ? 9.932   -5.121  -2.312  1.00 18.94 ? 273 VAL A N     1 
ATOM   521  C  CA    . VAL A 1 65  ? 8.671   -4.394  -2.380  1.00 18.05 ? 273 VAL A CA    1 
ATOM   522  C  C     . VAL A 1 65  ? 8.944   -2.896  -2.269  1.00 20.05 ? 273 VAL A C     1 
ATOM   523  O  O     . VAL A 1 65  ? 9.776   -2.464  -1.470  1.00 18.88 ? 273 VAL A O     1 
ATOM   524  C  CB    . VAL A 1 65  ? 7.674   -4.873  -1.299  1.00 20.02 ? 273 VAL A CB    1 
ATOM   525  C  CG1   . VAL A 1 65  ? 8.255   -4.722  0.109   1.00 23.02 ? 273 VAL A CG1   1 
ATOM   526  C  CG2   . VAL A 1 65  ? 6.331   -4.149  -1.451  1.00 23.44 ? 273 VAL A CG2   1 
ATOM   527  N  N     . THR A 1 66  ? 8.251   -2.114  -3.092  1.00 19.46 ? 274 THR A N     1 
ATOM   528  C  CA    . THR A 1 66  ? 8.414   -0.669  -3.094  1.00 18.77 ? 274 THR A CA    1 
ATOM   529  C  C     . THR A 1 66  ? 7.080   0.007   -2.749  1.00 21.21 ? 274 THR A C     1 
ATOM   530  O  O     . THR A 1 66  ? 6.039   -0.365  -3.285  1.00 22.80 ? 274 THR A O     1 
ATOM   531  C  CB    . THR A 1 66  ? 8.899   -0.171  -4.468  1.00 23.53 ? 274 THR A CB    1 
ATOM   532  O  OG1   . THR A 1 66  ? 10.115  -0.845  -4.814  1.00 24.96 ? 274 THR A OG1   1 
ATOM   533  C  CG2   . THR A 1 66  ? 9.149   1.329   -4.443  1.00 28.98 ? 274 THR A CG2   1 
ATOM   534  N  N     . VAL A 1 67  ? 7.121   0.978   -1.844  1.00 19.02 ? 275 VAL A N     1 
ATOM   535  C  CA    . VAL A 1 67  ? 5.957   1.800   -1.516  1.00 21.47 ? 275 VAL A CA    1 
ATOM   536  C  C     . VAL A 1 67  ? 6.215   3.193   -2.051  1.00 23.01 ? 275 VAL A C     1 
ATOM   537  O  O     . VAL A 1 67  ? 7.209   3.831   -1.690  1.00 23.23 ? 275 VAL A O     1 
ATOM   538  C  CB    . VAL A 1 67  ? 5.707   1.877   0.010   1.00 23.02 ? 275 VAL A CB    1 
ATOM   539  C  CG1   . VAL A 1 67  ? 4.500   2.776   0.314   1.00 24.25 ? 275 VAL A CG1   1 
ATOM   540  C  CG2   . VAL A 1 67  ? 5.504   0.487   0.569   1.00 24.95 ? 275 VAL A CG2   1 
ATOM   541  N  N     . GLU A 1 68  ? 5.333   3.661   -2.930  1.00 18.86 ? 276 GLU A N     1 
ATOM   542  C  CA    . GLU A 1 68  ? 5.484   4.976   -3.531  1.00 22.13 ? 276 GLU A CA    1 
ATOM   543  C  C     . GLU A 1 68  ? 4.310   5.849   -3.142  1.00 22.02 ? 276 GLU A C     1 
ATOM   544  O  O     . GLU A 1 68  ? 3.178   5.376   -3.082  1.00 21.21 ? 276 GLU A O     1 
ATOM   545  C  CB    . GLU A 1 68  ? 5.547   4.873   -5.055  1.00 25.49 ? 276 GLU A CB    1 
ATOM   546  C  CG    . GLU A 1 68  ? 6.817   4.208   -5.570  1.00 25.66 ? 276 GLU A CG    1 
ATOM   547  C  CD    . GLU A 1 68  ? 6.797   3.970   -7.067  1.00 35.54 ? 276 GLU A CD    1 
ATOM   548  O  OE1   . GLU A 1 68  ? 5.780   3.456   -7.575  1.00 37.39 ? 276 GLU A OE1   1 
ATOM   549  O  OE2   . GLU A 1 68  ? 7.802   4.296   -7.736  1.00 42.38 ? 276 GLU A OE2   1 
ATOM   550  N  N     . LEU A 1 69  ? 4.580   7.120   -2.870  1.00 21.43 ? 277 LEU A N     1 
ATOM   551  C  CA    . LEU A 1 69  ? 3.518   8.078   -2.574  1.00 24.51 ? 277 LEU A CA    1 
ATOM   552  C  C     . LEU A 1 69  ? 3.811   9.363   -3.339  1.00 26.88 ? 277 LEU A C     1 
ATOM   553  O  O     . LEU A 1 69  ? 4.779   10.057  -3.029  1.00 26.83 ? 277 LEU A O     1 
ATOM   554  C  CB    . LEU A 1 69  ? 3.452   8.339   -1.071  1.00 23.78 ? 277 LEU A CB    1 
ATOM   555  C  CG    . LEU A 1 69  ? 2.406   9.322   -0.552  1.00 26.81 ? 277 LEU A CG    1 
ATOM   556  C  CD1   . LEU A 1 69  ? 1.012   8.804   -0.825  1.00 22.19 ? 277 LEU A CD1   1 
ATOM   557  C  CD2   . LEU A 1 69  ? 2.608   9.548   0.938   1.00 31.06 ? 277 LEU A CD2   1 
ATOM   558  N  N     . PHE A 1 70  ? 2.972   9.662   -4.336  1.00 25.89 ? 278 PHE A N     1 
ATOM   559  C  CA    . PHE A 1 70  ? 3.202   10.739  -5.305  1.00 26.48 ? 278 PHE A CA    1 
ATOM   560  C  C     . PHE A 1 70  ? 2.051   11.729  -5.334  1.00 27.64 ? 278 PHE A C     1 
ATOM   561  O  O     . PHE A 1 70  ? 0.895   11.346  -5.207  1.00 24.55 ? 278 PHE A O     1 
ATOM   562  C  CB    . PHE A 1 70  ? 3.294   10.183  -6.728  1.00 27.86 ? 278 PHE A CB    1 
ATOM   563  C  CG    . PHE A 1 70  ? 4.393   9.196   -6.938  1.00 32.09 ? 278 PHE A CG    1 
ATOM   564  C  CD1   . PHE A 1 70  ? 5.592   9.305   -6.246  1.00 38.48 ? 278 PHE A CD1   1 
ATOM   565  C  CD2   . PHE A 1 70  ? 4.233   8.158   -7.843  1.00 33.95 ? 278 PHE A CD2   1 
ATOM   566  C  CE1   . PHE A 1 70  ? 6.617   8.390   -6.451  1.00 40.48 ? 278 PHE A CE1   1 
ATOM   567  C  CE2   . PHE A 1 70  ? 5.252   7.243   -8.058  1.00 36.62 ? 278 PHE A CE2   1 
ATOM   568  C  CZ    . PHE A 1 70  ? 6.445   7.361   -7.361  1.00 38.84 ? 278 PHE A CZ    1 
ATOM   569  N  N     . ASN A 1 71  ? 2.376   12.995  -5.559  1.00 23.80 ? 279 ASN A N     1 
ATOM   570  C  CA    . ASN A 1 71  ? 1.375   14.043  -5.706  1.00 30.54 ? 279 ASN A CA    1 
ATOM   571  C  C     . ASN A 1 71  ? 1.144   14.372  -7.179  1.00 31.84 ? 279 ASN A C     1 
ATOM   572  O  O     . ASN A 1 71  ? 2.073   14.750  -7.889  1.00 31.82 ? 279 ASN A O     1 
ATOM   573  C  CB    . ASN A 1 71  ? 1.832   15.286  -4.937  1.00 30.94 ? 279 ASN A CB    1 
ATOM   574  C  CG    . ASN A 1 71  ? 1.034   16.524  -5.289  1.00 37.98 ? 279 ASN A CG    1 
ATOM   575  O  OD1   . ASN A 1 71  ? -0.189  16.484  -5.389  1.00 40.91 ? 279 ASN A OD1   1 
ATOM   576  N  ND2   . ASN A 1 71  ? 1.730   17.635  -5.480  1.00 45.33 ? 279 ASN A ND2   1 
ATOM   577  N  N     . LYS A 1 72  ? -0.092  14.215  -7.646  1.00 30.60 ? 280 LYS A N     1 
ATOM   578  C  CA    . LYS A 1 72  ? -0.439  14.600  -9.013  1.00 39.53 ? 280 LYS A CA    1 
ATOM   579  C  C     . LYS A 1 72  ? -1.501  15.689  -9.063  1.00 38.74 ? 280 LYS A C     1 
ATOM   580  O  O     . LYS A 1 72  ? -2.363  15.669  -9.941  1.00 40.84 ? 280 LYS A O     1 
ATOM   581  C  CB    . LYS A 1 72  ? -0.916  13.398  -9.825  1.00 39.20 ? 280 LYS A CB    1 
ATOM   582  C  CG    . LYS A 1 72  ? 0.198   12.570  -10.435 1.00 44.76 ? 280 LYS A CG    1 
ATOM   583  C  CD    . LYS A 1 72  ? 0.511   11.366  -9.578  1.00 39.10 ? 280 LYS A CD    1 
ATOM   584  C  CE    . LYS A 1 72  ? 1.370   10.373  -10.333 1.00 43.10 ? 280 LYS A CE    1 
ATOM   585  N  NZ    . LYS A 1 72  ? 1.729   9.200   -9.483  1.00 49.46 ? 280 LYS A NZ    1 
ATOM   586  N  N     . ASP A 1 73  ? -1.436  16.624  -8.116  1.00 39.93 ? 281 ASP A N     1 
ATOM   587  C  CA    . ASP A 1 73  ? -2.289  17.822  -8.113  1.00 43.35 ? 281 ASP A CA    1 
ATOM   588  C  C     . ASP A 1 73  ? -3.772  17.555  -7.847  1.00 35.37 ? 281 ASP A C     1 
ATOM   589  O  O     . ASP A 1 73  ? -4.298  17.945  -6.807  1.00 39.96 ? 281 ASP A O     1 
ATOM   590  C  CB    . ASP A 1 73  ? -2.125  18.622  -9.414  1.00 45.77 ? 281 ASP A CB    1 
ATOM   591  C  CG    . ASP A 1 73  ? -0.843  19.433  -9.443  1.00 58.35 ? 281 ASP A CG    1 
ATOM   592  O  OD1   . ASP A 1 73  ? 0.211   18.877  -9.827  1.00 55.93 ? 281 ASP A OD1   1 
ATOM   593  O  OD2   . ASP A 1 73  ? -0.894  20.631  -9.085  1.00 62.12 ? 281 ASP A OD2   1 
ATOM   594  N  N     . ASP A 1 74  ? -4.439  16.909  -8.800  1.00 33.14 ? 282 ASP A N     1 
ATOM   595  C  CA    . ASP A 1 74  ? -5.854  16.568  -8.666  1.00 36.65 ? 282 ASP A CA    1 
ATOM   596  C  C     . ASP A 1 74  ? -6.050  15.318  -7.813  1.00 32.15 ? 282 ASP A C     1 
ATOM   597  O  O     . ASP A 1 74  ? -7.159  15.026  -7.362  1.00 28.66 ? 282 ASP A O     1 
ATOM   598  C  CB    . ASP A 1 74  ? -6.483  16.351  -10.047 1.00 36.65 ? 282 ASP A CB    1 
ATOM   599  C  CG    . ASP A 1 74  ? -6.730  17.648  -10.791 1.00 47.50 ? 282 ASP A CG    1 
ATOM   600  O  OD1   . ASP A 1 74  ? -7.076  18.654  -10.135 1.00 51.30 ? 282 ASP A OD1   1 
ATOM   601  O  OD2   . ASP A 1 74  ? -6.579  17.659  -12.030 1.00 49.43 ? 282 ASP A OD2   1 
ATOM   602  N  N     . TYR A 1 75  ? -4.969  14.573  -7.606  1.00 29.30 ? 283 TYR A N     1 
ATOM   603  C  CA    . TYR A 1 75  ? -5.028  13.358  -6.803  1.00 28.03 ? 283 TYR A CA    1 
ATOM   604  C  C     . TYR A 1 75  ? -3.642  12.973  -6.296  1.00 26.19 ? 283 TYR A C     1 
ATOM   605  O  O     . TYR A 1 75  ? -2.628  13.450  -6.806  1.00 27.65 ? 283 TYR A O     1 
ATOM   606  C  CB    . TYR A 1 75  ? -5.658  12.208  -7.609  1.00 27.00 ? 283 TYR A CB    1 
ATOM   607  C  CG    . TYR A 1 75  ? -4.848  11.728  -8.798  1.00 29.43 ? 283 TYR A CG    1 
ATOM   608  C  CD1   . TYR A 1 75  ? -3.876  10.748  -8.647  1.00 31.24 ? 283 TYR A CD1   1 
ATOM   609  C  CD2   . TYR A 1 75  ? -5.065  12.240  -10.075 1.00 33.66 ? 283 TYR A CD2   1 
ATOM   610  C  CE1   . TYR A 1 75  ? -3.130  10.302  -9.723  1.00 34.66 ? 283 TYR A CE1   1 
ATOM   611  C  CE2   . TYR A 1 75  ? -4.324  11.789  -11.161 1.00 38.06 ? 283 TYR A CE2   1 
ATOM   612  C  CZ    . TYR A 1 75  ? -3.357  10.822  -10.974 1.00 39.19 ? 283 TYR A CZ    1 
ATOM   613  O  OH    . TYR A 1 75  ? -2.604  10.365  -12.035 1.00 41.66 ? 283 TYR A OH    1 
ATOM   614  N  N     . LEU A 1 76  ? -3.597  12.125  -5.274  1.00 20.84 ? 284 LEU A N     1 
ATOM   615  C  CA    . LEU A 1 76  ? -2.343  11.504  -4.888  1.00 21.59 ? 284 LEU A CA    1 
ATOM   616  C  C     . LEU A 1 76  ? -2.391  10.059  -5.324  1.00 22.25 ? 284 LEU A C     1 
ATOM   617  O  O     . LEU A 1 76  ? -3.470  9.482   -5.481  1.00 20.69 ? 284 LEU A O     1 
ATOM   618  C  CB    . LEU A 1 76  ? -2.075  11.634  -3.385  1.00 25.18 ? 284 LEU A CB    1 
ATOM   619  C  CG    . LEU A 1 76  ? -2.853  10.880  -2.300  1.00 27.01 ? 284 LEU A CG    1 
ATOM   620  C  CD1   . LEU A 1 76  ? -2.655  9.365   -2.311  1.00 20.69 ? 284 LEU A CD1   1 
ATOM   621  C  CD2   . LEU A 1 76  ? -2.446  11.434  -0.948  1.00 27.51 ? 284 LEU A CD2   1 
ATOM   622  N  N     . LEU A 1 77  ? -1.218  9.475   -5.520  1.00 19.95 ? 285 LEU A N     1 
ATOM   623  C  CA    . LEU A 1 77  ? -1.132  8.081   -5.894  1.00 19.46 ? 285 LEU A CA    1 
ATOM   624  C  C     . LEU A 1 77  ? -0.325  7.361   -4.824  1.00 22.70 ? 285 LEU A C     1 
ATOM   625  O  O     . LEU A 1 77  ? 0.792   7.782   -4.471  1.00 21.81 ? 285 LEU A O     1 
ATOM   626  C  CB    . LEU A 1 77  ? -0.453  7.947   -7.258  1.00 23.28 ? 285 LEU A CB    1 
ATOM   627  C  CG    . LEU A 1 77  ? -0.388  6.589   -7.975  1.00 27.71 ? 285 LEU A CG    1 
ATOM   628  C  CD1   . LEU A 1 77  ? 0.682   5.687   -7.417  1.00 31.43 ? 285 LEU A CD1   1 
ATOM   629  C  CD2   . LEU A 1 77  ? -1.723  5.876   -7.970  1.00 32.24 ? 285 LEU A CD2   1 
ATOM   630  N  N     . LEU A 1 78  ? -0.906  6.289   -4.301  1.00 17.93 ? 286 LEU A N     1 
ATOM   631  C  CA    . LEU A 1 78  ? -0.209  5.373   -3.405  1.00 17.38 ? 286 LEU A CA    1 
ATOM   632  C  C     . LEU A 1 78  ? -0.028  4.054   -4.142  1.00 20.91 ? 286 LEU A C     1 
ATOM   633  O  O     . LEU A 1 78  ? -1.000  3.455   -4.602  1.00 18.49 ? 286 LEU A O     1 
ATOM   634  C  CB    . LEU A 1 78  ? -1.023  5.140   -2.132  1.00 17.95 ? 286 LEU A CB    1 
ATOM   635  C  CG    . LEU A 1 78  ? -0.521  4.046   -1.186  1.00 19.92 ? 286 LEU A CG    1 
ATOM   636  C  CD1   . LEU A 1 78  ? 0.796   4.455   -0.561  1.00 20.99 ? 286 LEU A CD1   1 
ATOM   637  C  CD2   . LEU A 1 78  ? -1.569  3.755   -0.121  1.00 20.57 ? 286 LEU A CD2   1 
ATOM   638  N  N     . ARG A 1 79  ? 1.213   3.601   -4.282  1.00 21.13 ? 287 ARG A N     1 
ATOM   639  C  CA    . ARG A 1 79  ? 1.459   2.350   -4.981  1.00 20.02 ? 287 ARG A CA    1 
ATOM   640  C  C     . ARG A 1 79  ? 2.316   1.425   -4.111  1.00 22.21 ? 287 ARG A C     1 
ATOM   641  O  O     . ARG A 1 79  ? 3.303   1.859   -3.530  1.00 20.97 ? 287 ARG A O     1 
ATOM   642  C  CB    . ARG A 1 79  ? 2.108   2.607   -6.350  1.00 23.03 ? 287 ARG A CB    1 
ATOM   643  C  CG    . ARG A 1 79  ? 2.417   1.341   -7.122  1.00 24.27 ? 287 ARG A CG    1 
ATOM   644  C  CD    . ARG A 1 79  ? 3.229   1.622   -8.374  1.00 26.33 ? 287 ARG A CD    1 
ATOM   645  N  NE    . ARG A 1 79  ? 2.438   2.303   -9.387  1.00 26.41 ? 287 ARG A NE    1 
ATOM   646  C  CZ    . ARG A 1 79  ? 2.766   3.464   -9.939  1.00 28.96 ? 287 ARG A CZ    1 
ATOM   647  N  NH1   . ARG A 1 79  ? 3.881   4.081   -9.581  1.00 32.50 ? 287 ARG A NH1   1 
ATOM   648  N  NH2   . ARG A 1 79  ? 1.981   4.002   -10.862 1.00 29.19 ? 287 ARG A NH2   1 
ATOM   649  N  N     . ILE A 1 80  ? 1.906   0.167   -3.995  1.00 17.59 ? 288 ILE A N     1 
ATOM   650  C  CA    . ILE A 1 80  ? 2.715   -0.851  -3.321  1.00 16.43 ? 288 ILE A CA    1 
ATOM   651  C  C     . ILE A 1 80  ? 2.929   -1.975  -4.320  1.00 19.15 ? 288 ILE A C     1 
ATOM   652  O  O     . ILE A 1 80  ? 1.981   -2.641  -4.729  1.00 19.92 ? 288 ILE A O     1 
ATOM   653  C  CB    . ILE A 1 80  ? 2.042   -1.409  -2.047  1.00 18.14 ? 288 ILE A CB    1 
ATOM   654  C  CG1   . ILE A 1 80  ? 1.731   -0.291  -1.040  1.00 21.04 ? 288 ILE A CG1   1 
ATOM   655  C  CG2   . ILE A 1 80  ? 2.939   -2.468  -1.389  1.00 18.28 ? 288 ILE A CG2   1 
ATOM   656  C  CD1   . ILE A 1 80  ? 0.313   0.214   -1.083  1.00 17.68 ? 288 ILE A CD1   1 
ATOM   657  N  N     . GLN A 1 81  ? 4.185   -2.195  -4.694  1.00 21.59 ? 289 GLN A N     1 
ATOM   658  C  CA    . GLN A 1 81  ? 4.512   -3.083  -5.797  1.00 19.09 ? 289 GLN A CA    1 
ATOM   659  C  C     . GLN A 1 81  ? 5.557   -4.082  -5.359  1.00 22.14 ? 289 GLN A C     1 
ATOM   660  O  O     . GLN A 1 81  ? 6.592   -3.690  -4.837  1.00 25.22 ? 289 GLN A O     1 
ATOM   661  C  CB    . GLN A 1 81  ? 5.073   -2.256  -6.949  1.00 20.97 ? 289 GLN A CB    1 
ATOM   662  C  CG    . GLN A 1 81  ? 5.543   -3.051  -8.129  1.00 26.74 ? 289 GLN A CG    1 
ATOM   663  C  CD    . GLN A 1 81  ? 5.261   -2.331  -9.424  1.00 38.22 ? 289 GLN A CD    1 
ATOM   664  O  OE1   . GLN A 1 81  ? 4.682   -2.900  -10.352 1.00 43.29 ? 289 GLN A OE1   1 
ATOM   665  N  NE2   . GLN A 1 81  ? 5.655   -1.063  -9.493  1.00 37.97 ? 289 GLN A NE2   1 
ATOM   666  N  N     . ASP A 1 82  ? 5.289   -5.365  -5.571  1.00 18.02 ? 290 ASP A N     1 
ATOM   667  C  CA    . ASP A 1 82  ? 6.300   -6.380  -5.299  1.00 16.31 ? 290 ASP A CA    1 
ATOM   668  C  C     . ASP A 1 82  ? 6.715   -7.125  -6.565  1.00 20.17 ? 290 ASP A C     1 
ATOM   669  O  O     . ASP A 1 82  ? 6.014   -7.078  -7.575  1.00 19.61 ? 290 ASP A O     1 
ATOM   670  C  CB    . ASP A 1 82  ? 5.872   -7.328  -4.161  1.00 19.23 ? 290 ASP A CB    1 
ATOM   671  C  CG    . ASP A 1 82  ? 4.776   -8.320  -4.557  1.00 19.66 ? 290 ASP A CG    1 
ATOM   672  O  OD1   . ASP A 1 82  ? 4.917   -9.041  -5.561  1.00 20.53 ? 290 ASP A OD1   1 
ATOM   673  O  OD2   . ASP A 1 82  ? 3.768   -8.423  -3.822  1.00 19.71 ? 290 ASP A OD2   1 
ATOM   674  N  N     . ASN A 1 83  ? 7.861   -7.799  -6.503  1.00 20.84 ? 291 ASN A N     1 
ATOM   675  C  CA    . ASN A 1 83  ? 8.333   -8.593  -7.632  1.00 20.45 ? 291 ASN A CA    1 
ATOM   676  C  C     . ASN A 1 83  ? 8.181   -10.091 -7.408  1.00 18.84 ? 291 ASN A C     1 
ATOM   677  O  O     . ASN A 1 83  ? 8.973   -10.891 -7.924  1.00 21.62 ? 291 ASN A O     1 
ATOM   678  C  CB    . ASN A 1 83  ? 9.785   -8.248  -7.971  1.00 21.33 ? 291 ASN A CB    1 
ATOM   679  C  CG    . ASN A 1 83  ? 10.727  -8.488  -6.809  1.00 22.94 ? 291 ASN A CG    1 
ATOM   680  O  OD1   . ASN A 1 83  ? 10.314  -8.984  -5.764  1.00 19.20 ? 291 ASN A OD1   1 
ATOM   681  N  ND2   . ASN A 1 83  ? 12.000  -8.143  -6.990  1.00 25.06 ? 291 ASN A ND2   1 
ATOM   682  N  N     . GLY A 1 84  ? 7.164   -10.470 -6.646  1.00 18.81 ? 292 GLY A N     1 
ATOM   683  C  CA    . GLY A 1 84  ? 6.940   -11.863 -6.316  1.00 20.12 ? 292 GLY A CA    1 
ATOM   684  C  C     . GLY A 1 84  ? 6.071   -12.617 -7.312  1.00 21.63 ? 292 GLY A C     1 
ATOM   685  O  O     . GLY A 1 84  ? 5.981   -12.261 -8.489  1.00 21.38 ? 292 GLY A O     1 
ATOM   686  N  N     . LYS A 1 85  ? 5.406   -13.656 -6.813  1.00 20.67 ? 293 LYS A N     1 
ATOM   687  C  CA    . LYS A 1 85  ? 4.811   -14.693 -7.653  1.00 21.39 ? 293 LYS A CA    1 
ATOM   688  C  C     . LYS A 1 85  ? 3.474   -14.306 -8.285  1.00 24.58 ? 293 LYS A C     1 
ATOM   689  O  O     . LYS A 1 85  ? 3.030   -14.937 -9.244  1.00 24.43 ? 293 LYS A O     1 
ATOM   690  C  CB    . LYS A 1 85  ? 4.635   -15.975 -6.828  1.00 22.36 ? 293 LYS A CB    1 
ATOM   691  C  CG    . LYS A 1 85  ? 3.656   -15.849 -5.675  1.00 21.88 ? 293 LYS A CG    1 
ATOM   692  C  CD    . LYS A 1 85  ? 3.806   -16.980 -4.671  1.00 29.67 ? 293 LYS A CD    1 
ATOM   693  C  CE    . LYS A 1 85  ? 3.418   -18.320 -5.264  1.00 33.63 ? 293 LYS A CE    1 
ATOM   694  N  NZ    . LYS A 1 85  ? 3.677   -19.427 -4.293  1.00 33.02 ? 293 LYS A NZ    1 
ATOM   695  N  N     . GLY A 1 86  ? 2.831   -13.283 -7.740  1.00 21.80 ? 294 GLY A N     1 
ATOM   696  C  CA    . GLY A 1 86  ? 1.524   -12.872 -8.228  1.00 23.04 ? 294 GLY A CA    1 
ATOM   697  C  C     . GLY A 1 86  ? 0.431   -13.829 -7.794  1.00 24.52 ? 294 GLY A C     1 
ATOM   698  O  O     . GLY A 1 86  ? 0.704   -14.901 -7.248  1.00 27.35 ? 294 GLY A O     1 
ATOM   699  N  N     . PHE A 1 87  ? -0.815  -13.428 -8.022  1.00 19.69 ? 295 PHE A N     1 
ATOM   700  C  CA    . PHE A 1 87  ? -1.972  -14.264 -7.717  1.00 21.31 ? 295 PHE A CA    1 
ATOM   701  C  C     . PHE A 1 87  ? -3.158  -13.824 -8.558  1.00 23.61 ? 295 PHE A C     1 
ATOM   702  O  O     . PHE A 1 87  ? -3.120  -12.767 -9.196  1.00 23.15 ? 295 PHE A O     1 
ATOM   703  C  CB    . PHE A 1 87  ? -2.322  -14.252 -6.214  1.00 24.36 ? 295 PHE A CB    1 
ATOM   704  C  CG    . PHE A 1 87  ? -2.923  -12.958 -5.717  1.00 20.02 ? 295 PHE A CG    1 
ATOM   705  C  CD1   . PHE A 1 87  ? -2.131  -11.837 -5.514  1.00 18.83 ? 295 PHE A CD1   1 
ATOM   706  C  CD2   . PHE A 1 87  ? -4.283  -12.865 -5.439  1.00 19.88 ? 295 PHE A CD2   1 
ATOM   707  C  CE1   . PHE A 1 87  ? -2.682  -10.657 -5.038  1.00 18.02 ? 295 PHE A CE1   1 
ATOM   708  C  CE2   . PHE A 1 87  ? -4.834  -11.687 -4.980  1.00 21.56 ? 295 PHE A CE2   1 
ATOM   709  C  CZ    . PHE A 1 87  ? -4.028  -10.580 -4.786  1.00 19.74 ? 295 PHE A CZ    1 
ATOM   710  N  N     . ASN A 1 88  ? -4.206  -14.637 -8.566  1.00 20.96 ? 296 ASN A N     1 
ATOM   711  C  CA    . ASN A 1 88  ? -5.428  -14.264 -9.272  1.00 20.99 ? 296 ASN A CA    1 
ATOM   712  C  C     . ASN A 1 88  ? -6.416  -13.617 -8.311  1.00 24.14 ? 296 ASN A C     1 
ATOM   713  O  O     . ASN A 1 88  ? -6.968  -14.280 -7.432  1.00 25.63 ? 296 ASN A O     1 
ATOM   714  C  CB    . ASN A 1 88  ? -6.058  -15.480 -9.953  1.00 26.94 ? 296 ASN A CB    1 
ATOM   715  C  CG    . ASN A 1 88  ? -7.255  -15.107 -10.810 1.00 28.29 ? 296 ASN A CG    1 
ATOM   716  O  OD1   . ASN A 1 88  ? -8.377  -14.982 -10.314 1.00 25.41 ? 296 ASN A OD1   1 
ATOM   717  N  ND2   . ASN A 1 88  ? -7.021  -14.921 -12.107 1.00 25.40 ? 296 ASN A ND2   1 
ATOM   718  N  N     . VAL A 1 89  ? -6.617  -12.315 -8.476  1.00 20.11 ? 297 VAL A N     1 
ATOM   719  C  CA    . VAL A 1 89  ? -7.450  -11.526 -7.579  1.00 21.90 ? 297 VAL A CA    1 
ATOM   720  C  C     . VAL A 1 89  ? -8.892  -12.021 -7.544  1.00 28.47 ? 297 VAL A C     1 
ATOM   721  O  O     . VAL A 1 89  ? -9.490  -12.127 -6.476  1.00 31.09 ? 297 VAL A O     1 
ATOM   722  C  CB    . VAL A 1 89  ? -7.444  -10.038 -7.989  1.00 25.02 ? 297 VAL A CB    1 
ATOM   723  C  CG1   . VAL A 1 89  ? -8.448  -9.238  -7.166  1.00 25.71 ? 297 VAL A CG1   1 
ATOM   724  C  CG2   . VAL A 1 89  ? -6.044  -9.465  -7.858  1.00 21.59 ? 297 VAL A CG2   1 
ATOM   725  N  N     . ASP A 1 90  ? -9.439  -12.323 -8.715  1.00 26.78 ? 298 ASP A N     1 
ATOM   726  C  CA    . ASP A 1 90  ? -10.800 -12.838 -8.839  1.00 28.65 ? 298 ASP A CA    1 
ATOM   727  C  C     . ASP A 1 90  ? -11.030 -14.087 -7.988  1.00 27.94 ? 298 ASP A C     1 
ATOM   728  O  O     . ASP A 1 90  ? -12.069 -14.225 -7.341  1.00 31.73 ? 298 ASP A O     1 
ATOM   729  C  CB    . ASP A 1 90  ? -11.117 -13.144 -10.306 1.00 28.12 ? 298 ASP A CB    1 
ATOM   730  C  CG    . ASP A 1 90  ? -12.518 -13.690 -10.503 1.00 43.60 ? 298 ASP A CG    1 
ATOM   731  O  OD1   . ASP A 1 90  ? -13.454 -12.878 -10.638 1.00 46.21 ? 298 ASP A OD1   1 
ATOM   732  O  OD2   . ASP A 1 90  ? -12.681 -14.930 -10.523 1.00 45.37 ? 298 ASP A OD2   1 
ATOM   733  N  N     . GLU A 1 91  ? -10.060 -14.992 -8.000  1.00 29.40 ? 299 GLU A N     1 
ATOM   734  C  CA    A GLU A 1 91  ? -10.176 -16.228 -7.237  0.43 32.46 ? 299 GLU A CA    1 
ATOM   735  C  CA    B GLU A 1 91  ? -10.116 -16.235 -7.235  0.57 32.44 ? 299 GLU A CA    1 
ATOM   736  C  C     . GLU A 1 91  ? -10.175 -15.981 -5.724  1.00 36.25 ? 299 GLU A C     1 
ATOM   737  O  O     . GLU A 1 91  ? -10.765 -16.757 -4.967  1.00 37.72 ? 299 GLU A O     1 
ATOM   738  C  CB    A GLU A 1 91  ? -9.073  -17.215 -7.639  0.43 34.58 ? 299 GLU A CB    1 
ATOM   739  C  CB    B GLU A 1 91  ? -8.890  -17.094 -7.576  0.57 34.62 ? 299 GLU A CB    1 
ATOM   740  C  CG    A GLU A 1 91  ? -9.064  -18.533 -6.870  0.43 37.18 ? 299 GLU A CG    1 
ATOM   741  C  CG    B GLU A 1 91  ? -8.790  -18.408 -6.821  0.57 37.17 ? 299 GLU A CG    1 
ATOM   742  C  CD    A GLU A 1 91  ? -10.313 -19.378 -7.089  0.43 37.90 ? 299 GLU A CD    1 
ATOM   743  C  CD    B GLU A 1 91  ? -7.509  -19.168 -7.126  0.57 39.32 ? 299 GLU A CD    1 
ATOM   744  O  OE1   A GLU A 1 91  ? -11.100 -19.083 -8.014  0.43 37.94 ? 299 GLU A OE1   1 
ATOM   745  O  OE1   B GLU A 1 91  ? -6.540  -18.552 -7.625  0.57 39.31 ? 299 GLU A OE1   1 
ATOM   746  O  OE2   A GLU A 1 91  ? -10.510 -20.346 -6.325  0.43 40.55 ? 299 GLU A OE2   1 
ATOM   747  O  OE2   B GLU A 1 91  ? -7.471  -20.389 -6.864  0.57 44.85 ? 299 GLU A OE2   1 
ATOM   748  N  N     . LYS A 1 92  ? -9.552  -14.890 -5.286  1.00 31.51 ? 300 LYS A N     1 
ATOM   749  C  CA    . LYS A 1 92  ? -9.416  -14.610 -3.853  1.00 34.17 ? 300 LYS A CA    1 
ATOM   750  C  C     . LYS A 1 92  ? -10.381 -13.550 -3.317  1.00 42.12 ? 300 LYS A C     1 
ATOM   751  O  O     . LYS A 1 92  ? -10.861 -13.658 -2.186  1.00 38.69 ? 300 LYS A O     1 
ATOM   752  C  CB    . LYS A 1 92  ? -7.984  -14.164 -3.530  1.00 26.97 ? 300 LYS A CB    1 
ATOM   753  C  CG    . LYS A 1 92  ? -6.894  -15.095 -4.015  1.00 28.64 ? 300 LYS A CG    1 
ATOM   754  C  CD    . LYS A 1 92  ? -6.890  -16.413 -3.264  1.00 33.61 ? 300 LYS A CD    1 
ATOM   755  C  CE    . LYS A 1 92  ? -5.652  -17.226 -3.608  1.00 37.03 ? 300 LYS A CE    1 
ATOM   756  N  NZ    . LYS A 1 92  ? -5.652  -18.550 -2.930  1.00 41.23 ? 300 LYS A NZ    1 
ATOM   757  N  N     . LEU A 1 93  ? -10.653 -12.537 -4.136  1.00 37.71 ? 301 LEU A N     1 
ATOM   758  C  CA    . LEU A 1 93  ? -11.235 -11.263 -3.692  1.00 40.31 ? 301 LEU A CA    1 
ATOM   759  C  C     . LEU A 1 93  ? -12.430 -11.350 -2.742  1.00 45.30 ? 301 LEU A C     1 
ATOM   760  O  O     . LEU A 1 93  ? -12.437 -10.713 -1.685  1.00 47.33 ? 301 LEU A O     1 
ATOM   761  C  CB    . LEU A 1 93  ? -11.591 -10.389 -4.902  1.00 41.37 ? 301 LEU A CB    1 
ATOM   762  C  CG    . LEU A 1 93  ? -12.063 -8.964  -4.602  1.00 44.97 ? 301 LEU A CG    1 
ATOM   763  C  CD1   . LEU A 1 93  ? -11.084 -8.254  -3.673  1.00 38.11 ? 301 LEU A CD1   1 
ATOM   764  C  CD2   . LEU A 1 93  ? -12.248 -8.177  -5.898  1.00 45.30 ? 301 LEU A CD2   1 
ATOM   765  N  N     . GLU A 1 94  ? -13.437 -12.129 -3.112  1.00 45.71 ? 302 GLU A N     1 
ATOM   766  C  CA    . GLU A 1 94  ? -14.673 -12.130 -2.340  1.00 46.10 ? 302 GLU A CA    1 
ATOM   767  C  C     . GLU A 1 94  ? -14.632 -13.013 -1.093  1.00 44.88 ? 302 GLU A C     1 
ATOM   768  O  O     . GLU A 1 94  ? -15.532 -12.952 -0.255  1.00 50.09 ? 302 GLU A O     1 
ATOM   769  C  CB    . GLU A 1 94  ? -15.874 -12.462 -3.231  1.00 52.46 ? 302 GLU A CB    1 
ATOM   770  C  CG    . GLU A 1 94  ? -16.229 -11.350 -4.218  1.00 45.07 ? 302 GLU A CG    1 
ATOM   771  C  CD    . GLU A 1 94  ? -16.601 -10.037 -3.530  1.00 57.92 ? 302 GLU A CD    1 
ATOM   772  O  OE1   . GLU A 1 94  ? -17.021 -10.067 -2.350  1.00 60.05 ? 302 GLU A OE1   1 
ATOM   773  O  OE2   . GLU A 1 94  ? -16.470 -8.971  -4.171  1.00 54.38 ? 302 GLU A OE2   1 
ATOM   774  N  N     . GLN A 1 95  ? -13.583 -13.818 -0.959  1.00 41.41 ? 303 GLN A N     1 
ATOM   775  C  CA    . GLN A 1 95  ? -13.413 -14.642 0.233   1.00 42.16 ? 303 GLN A CA    1 
ATOM   776  C  C     . GLN A 1 95  ? -12.307 -14.086 1.134   1.00 43.98 ? 303 GLN A C     1 
ATOM   777  O  O     . GLN A 1 95  ? -11.974 -14.674 2.162   1.00 43.64 ? 303 GLN A O     1 
ATOM   778  C  CB    . GLN A 1 95  ? -13.082 -16.082 -0.162  1.00 47.63 ? 303 GLN A CB    1 
ATOM   779  C  CG    . GLN A 1 95  ? -11.615 -16.303 -0.493  1.00 52.89 ? 303 GLN A CG    1 
ATOM   780  C  CD    . GLN A 1 95  ? -11.396 -17.415 -1.498  1.00 51.96 ? 303 GLN A CD    1 
ATOM   781  O  OE1   . GLN A 1 95  ? -12.184 -17.590 -2.430  1.00 50.92 ? 303 GLN A OE1   1 
ATOM   782  N  NE2   . GLN A 1 95  ? -10.316 -18.173 -1.319  1.00 56.26 ? 303 GLN A NE2   1 
ATOM   783  N  N     . SER A 1 96  ? -11.756 -12.936 0.749   1.00 39.83 ? 304 SER A N     1 
ATOM   784  C  CA    . SER A 1 96  ? -10.528 -12.419 1.356   1.00 32.36 ? 304 SER A CA    1 
ATOM   785  C  C     . SER A 1 96  ? -10.741 -11.129 2.145   1.00 34.91 ? 304 SER A C     1 
ATOM   786  O  O     . SER A 1 96  ? -11.081 -10.092 1.576   1.00 30.91 ? 304 SER A O     1 
ATOM   787  C  CB    . SER A 1 96  ? -9.495  -12.171 0.260   1.00 35.23 ? 304 SER A CB    1 
ATOM   788  O  OG    . SER A 1 96  ? -9.266  -13.353 -0.488  1.00 44.51 ? 304 SER A OG    1 
ATOM   789  N  N     . TYR A 1 97  ? -10.507 -11.173 3.450   1.00 23.52 ? 305 TYR A N     1 
ATOM   790  C  CA    . TYR A 1 97  ? -10.827 -10.012 4.276   1.00 24.34 ? 305 TYR A CA    1 
ATOM   791  C  C     . TYR A 1 97  ? -9.820  -8.877  4.124   1.00 21.22 ? 305 TYR A C     1 
ATOM   792  O  O     . TYR A 1 97  ? -10.191 -7.706  4.211   1.00 21.56 ? 305 TYR A O     1 
ATOM   793  C  CB    . TYR A 1 97  ? -10.960 -10.406 5.746   1.00 23.97 ? 305 TYR A CB    1 
ATOM   794  C  CG    . TYR A 1 97  ? -12.125 -11.324 5.999   1.00 26.69 ? 305 TYR A CG    1 
ATOM   795  C  CD1   . TYR A 1 97  ? -13.390 -10.813 6.240   1.00 33.54 ? 305 TYR A CD1   1 
ATOM   796  C  CD2   . TYR A 1 97  ? -11.959 -12.704 5.997   1.00 30.14 ? 305 TYR A CD2   1 
ATOM   797  C  CE1   . TYR A 1 97  ? -14.467 -11.652 6.470   1.00 36.89 ? 305 TYR A CE1   1 
ATOM   798  C  CE2   . TYR A 1 97  ? -13.026 -13.550 6.222   1.00 35.70 ? 305 TYR A CE2   1 
ATOM   799  C  CZ    . TYR A 1 97  ? -14.278 -13.019 6.460   1.00 34.68 ? 305 TYR A CZ    1 
ATOM   800  O  OH    . TYR A 1 97  ? -15.346 -13.856 6.693   1.00 42.84 ? 305 TYR A OH    1 
ATOM   801  N  N     . GLY A 1 98  ? -8.552  -9.226  3.914   1.00 20.02 ? 306 GLY A N     1 
ATOM   802  C  CA    . GLY A 1 98  ? -7.520  -8.227  3.691   1.00 19.97 ? 306 GLY A CA    1 
ATOM   803  C  C     . GLY A 1 98  ? -7.781  -7.380  2.454   1.00 19.23 ? 306 GLY A C     1 
ATOM   804  O  O     . GLY A 1 98  ? -7.739  -6.148  2.507   1.00 20.31 ? 306 GLY A O     1 
ATOM   805  N  N     . LEU A 1 99  ? -8.065  -8.033  1.333   1.00 22.17 ? 307 LEU A N     1 
ATOM   806  C  CA    . LEU A 1 99  ? -8.325  -7.304  0.098   1.00 20.64 ? 307 LEU A CA    1 
ATOM   807  C  C     . LEU A 1 99  ? -9.600  -6.478  0.233   1.00 21.23 ? 307 LEU A C     1 
ATOM   808  O  O     . LEU A 1 99  ? -9.636  -5.301  -0.149  1.00 20.62 ? 307 LEU A O     1 
ATOM   809  C  CB    . LEU A 1 99  ? -8.442  -8.276  -1.069  1.00 22.67 ? 307 LEU A CB    1 
ATOM   810  C  CG    . LEU A 1 99  ? -7.229  -9.184  -1.298  1.00 24.82 ? 307 LEU A CG    1 
ATOM   811  C  CD1   . LEU A 1 99  ? -7.455  -10.046 -2.532  1.00 27.95 ? 307 LEU A CD1   1 
ATOM   812  C  CD2   . LEU A 1 99  ? -5.922  -8.396  -1.424  1.00 21.57 ? 307 LEU A CD2   1 
ATOM   813  N  N     . LYS A 1 100 ? -10.646 -7.096  0.777   1.00 19.93 ? 308 LYS A N     1 
ATOM   814  C  CA    . LYS A 1 100 ? -11.917 -6.411  0.986   1.00 22.83 ? 308 LYS A CA    1 
ATOM   815  C  C     . LYS A 1 100 ? -11.758 -5.188  1.871   1.00 20.54 ? 308 LYS A C     1 
ATOM   816  O  O     . LYS A 1 100 ? -12.323 -4.144  1.595   1.00 19.48 ? 308 LYS A O     1 
ATOM   817  C  CB    . LYS A 1 100 ? -12.965 -7.366  1.562   1.00 26.09 ? 308 LYS A CB    1 
ATOM   818  C  CG    . LYS A 1 100 ? -13.589 -8.277  0.512   1.00 36.53 ? 308 LYS A CG    1 
ATOM   819  C  CD    . LYS A 1 100 ? -14.817 -9.001  1.049   1.00 39.34 ? 308 LYS A CD    1 
ATOM   820  C  CE    . LYS A 1 100 ? -14.428 -10.086 2.026   1.00 39.67 ? 308 LYS A CE    1 
ATOM   821  N  NZ    . LYS A 1 100 ? -15.620 -10.780 2.585   1.00 47.41 ? 308 LYS A NZ    1 
ATOM   822  N  N     . ASN A 1 101 ? -10.953 -5.293  2.922   1.00 19.60 ? 309 ASN A N     1 
ATOM   823  C  CA    . ASN A 1 101 ? -10.753 -4.127  3.769   1.00 19.03 ? 309 ASN A CA    1 
ATOM   824  C  C     . ASN A 1 101 ? -9.959  -2.988  3.124   1.00 20.70 ? 309 ASN A C     1 
ATOM   825  O  O     . ASN A 1 101 ? -10.296 -1.815  3.317   1.00 19.15 ? 309 ASN A O     1 
ATOM   826  C  CB    . ASN A 1 101 ? -10.243 -4.521  5.153   1.00 19.86 ? 309 ASN A CB    1 
ATOM   827  C  CG    . ASN A 1 101 ? -11.389 -4.967  6.073   1.00 20.93 ? 309 ASN A CG    1 
ATOM   828  O  OD1   . ASN A 1 101 ? -12.070 -4.141  6.690   1.00 23.53 ? 309 ASN A OD1   1 
ATOM   829  N  ND2   . ASN A 1 101 ? -11.622 -6.270  6.131   1.00 24.53 ? 309 ASN A ND2   1 
ATOM   830  N  N     . MET A 1 102 ? -8.940  -3.312  2.331   1.00 19.49 ? 310 MET A N     1 
ATOM   831  C  CA    . MET A 1 102 ? -8.240  -2.270  1.600   1.00 17.14 ? 310 MET A CA    1 
ATOM   832  C  C     . MET A 1 102 ? -9.207  -1.548  0.670   1.00 16.87 ? 310 MET A C     1 
ATOM   833  O  O     . MET A 1 102 ? -9.194  -0.323  0.579   1.00 18.84 ? 310 MET A O     1 
ATOM   834  C  CB    . MET A 1 102 ? -7.072  -2.847  0.788   1.00 15.92 ? 310 MET A CB    1 
ATOM   835  C  CG    . MET A 1 102 ? -5.844  -3.208  1.639   1.00 17.49 ? 310 MET A CG    1 
ATOM   836  S  SD    . MET A 1 102 ? -4.393  -3.651  0.651   1.00 19.75 ? 310 MET A SD    1 
ATOM   837  C  CE    . MET A 1 102 ? -4.926  -5.220  -0.004  1.00 20.78 ? 310 MET A CE    1 
ATOM   838  N  N     . ARG A 1 103 ? -10.032 -2.315  -0.035  1.00 17.04 ? 311 ARG A N     1 
ATOM   839  C  CA    . ARG A 1 103 ? -10.978 -1.716  -0.968  1.00 16.78 ? 311 ARG A CA    1 
ATOM   840  C  C     . ARG A 1 103 ? -11.939 -0.788  -0.221  1.00 18.68 ? 311 ARG A C     1 
ATOM   841  O  O     . ARG A 1 103 ? -12.251 0.309   -0.694  1.00 20.24 ? 311 ARG A O     1 
ATOM   842  C  CB    . ARG A 1 103 ? -11.760 -2.795  -1.703  1.00 19.01 ? 311 ARG A CB    1 
ATOM   843  C  CG    . ARG A 1 103 ? -12.677 -2.220  -2.802  1.00 21.60 ? 311 ARG A CG    1 
ATOM   844  C  CD    . ARG A 1 103 ? -13.351 -3.335  -3.565  1.00 29.64 ? 311 ARG A CD    1 
ATOM   845  N  NE    . ARG A 1 103 ? -14.059 -4.247  -2.672  1.00 32.40 ? 311 ARG A NE    1 
ATOM   846  C  CZ    . ARG A 1 103 ? -14.694 -5.345  -3.074  1.00 43.15 ? 311 ARG A CZ    1 
ATOM   847  N  NH1   . ARG A 1 103 ? -14.715 -5.671  -4.363  1.00 43.24 ? 311 ARG A NH1   1 
ATOM   848  N  NH2   . ARG A 1 103 ? -15.309 -6.117  -2.186  1.00 45.52 ? 311 ARG A NH2   1 
ATOM   849  N  N     . GLU A 1 104 ? -12.400 -1.217  0.948   1.00 18.38 ? 312 GLU A N     1 
ATOM   850  C  CA    . GLU A 1 104 ? -13.321 -0.399  1.729   1.00 19.46 ? 312 GLU A CA    1 
ATOM   851  C  C     . GLU A 1 104 ? -12.687 0.895   2.253   1.00 17.69 ? 312 GLU A C     1 
ATOM   852  O  O     . GLU A 1 104 ? -13.319 1.946   2.211   1.00 19.34 ? 312 GLU A O     1 
ATOM   853  C  CB    . GLU A 1 104 ? -13.942 -1.213  2.872   1.00 21.15 ? 312 GLU A CB    1 
ATOM   854  C  CG    . GLU A 1 104 ? -15.160 -0.564  3.495   1.00 23.79 ? 312 GLU A CG    1 
ATOM   855  C  CD    . GLU A 1 104 ? -16.352 -0.525  2.558   1.00 27.03 ? 312 GLU A CD    1 
ATOM   856  O  OE1   . GLU A 1 104 ? -16.361 -1.272  1.559   1.00 28.14 ? 312 GLU A OE1   1 
ATOM   857  O  OE2   . GLU A 1 104 ? -17.294 0.249   2.835   1.00 31.79 ? 312 GLU A OE2   1 
ATOM   858  N  N     . ARG A 1 105 ? -11.445 0.831   2.745   1.00 17.19 ? 313 ARG A N     1 
ATOM   859  C  CA    . ARG A 1 105 ? -10.749 2.055   3.144   1.00 18.13 ? 313 ARG A CA    1 
ATOM   860  C  C     . ARG A 1 105 ? -10.655 3.035   1.976   1.00 17.48 ? 313 ARG A C     1 
ATOM   861  O  O     . ARG A 1 105 ? -10.863 4.235   2.148   1.00 18.47 ? 313 ARG A O     1 
ATOM   862  C  CB    . ARG A 1 105 ? -9.332  1.760   3.644   1.00 17.90 ? 313 ARG A CB    1 
ATOM   863  C  CG    . ARG A 1 105 ? -9.250  0.777   4.817   1.00 21.21 ? 313 ARG A CG    1 
ATOM   864  C  CD    . ARG A 1 105 ? -9.982  1.231   6.091   1.00 20.63 ? 313 ARG A CD    1 
ATOM   865  N  NE    . ARG A 1 105 ? -11.430 1.006   6.066   1.00 21.15 ? 313 ARG A NE    1 
ATOM   866  C  CZ    . ARG A 1 105 ? -12.025 -0.158  6.326   1.00 20.82 ? 313 ARG A CZ    1 
ATOM   867  N  NH1   . ARG A 1 105 ? -11.307 -1.236  6.629   1.00 22.01 ? 313 ARG A NH1   1 
ATOM   868  N  NH2   . ARG A 1 105 ? -13.351 -0.243  6.277   1.00 22.19 ? 313 ARG A NH2   1 
ATOM   869  N  N     . ALA A 1 106 ? -10.307 2.535   0.788   1.00 18.01 ? 314 ALA A N     1 
ATOM   870  C  CA    . ALA A 1 106 ? -10.252 3.391   -0.393  1.00 17.10 ? 314 ALA A CA    1 
ATOM   871  C  C     . ALA A 1 106 ? -11.602 4.054   -0.683  1.00 17.81 ? 314 ALA A C     1 
ATOM   872  O  O     . ALA A 1 106 ? -11.676 5.258   -0.921  1.00 19.96 ? 314 ALA A O     1 
ATOM   873  C  CB    . ALA A 1 106 ? -9.800  2.586   -1.594  1.00 16.46 ? 314 ALA A CB    1 
ATOM   874  N  N     . LEU A 1 107 ? -12.666 3.263   -0.651  1.00 17.99 ? 315 LEU A N     1 
ATOM   875  C  CA    . LEU A 1 107 ? -14.004 3.797   -0.894  1.00 18.39 ? 315 LEU A CA    1 
ATOM   876  C  C     . LEU A 1 107 ? -14.338 4.905   0.100   1.00 21.49 ? 315 LEU A C     1 
ATOM   877  O  O     . LEU A 1 107 ? -14.877 5.953   -0.279  1.00 20.48 ? 315 LEU A O     1 
ATOM   878  C  CB    . LEU A 1 107 ? -15.049 2.684   -0.814  1.00 20.67 ? 315 LEU A CB    1 
ATOM   879  C  CG    . LEU A 1 107 ? -15.102 1.720   -1.994  1.00 23.39 ? 315 LEU A CG    1 
ATOM   880  C  CD1   . LEU A 1 107 ? -15.832 0.447   -1.627  1.00 26.65 ? 315 LEU A CD1   1 
ATOM   881  C  CD2   . LEU A 1 107 ? -15.778 2.394   -3.175  1.00 22.23 ? 315 LEU A CD2   1 
ATOM   882  N  N     . GLU A 1 108 ? -13.990 4.676   1.366   1.00 17.56 ? 316 GLU A N     1 
ATOM   883  C  CA    . GLU A 1 108 ? -14.303 5.622   2.436   1.00 18.92 ? 316 GLU A CA    1 
ATOM   884  C  C     . GLU A 1 108 ? -13.667 6.989   2.221   1.00 20.72 ? 316 GLU A C     1 
ATOM   885  O  O     . GLU A 1 108 ? -14.199 8.001   2.681   1.00 22.87 ? 316 GLU A O     1 
ATOM   886  C  CB    . GLU A 1 108 ? -13.913 5.039   3.802   1.00 18.88 ? 316 GLU A CB    1 
ATOM   887  C  CG    . GLU A 1 108 ? -14.805 3.874   4.200   1.00 20.61 ? 316 GLU A CG    1 
ATOM   888  C  CD    . GLU A 1 108 ? -14.258 3.054   5.351   1.00 22.42 ? 316 GLU A CD    1 
ATOM   889  O  OE1   . GLU A 1 108 ? -13.098 3.288   5.767   1.00 23.52 ? 316 GLU A OE1   1 
ATOM   890  O  OE2   . GLU A 1 108 ? -15.002 2.167   5.829   1.00 23.48 ? 316 GLU A OE2   1 
ATOM   891  N  N     . ILE A 1 109 ? -12.537 7.021   1.520   1.00 18.45 ? 317 ILE A N     1 
ATOM   892  C  CA    . ILE A 1 109 ? -11.892 8.289   1.189   1.00 18.32 ? 317 ILE A CA    1 
ATOM   893  C  C     . ILE A 1 109 ? -12.071 8.704   -0.286  1.00 18.45 ? 317 ILE A C     1 
ATOM   894  O  O     . ILE A 1 109 ? -11.355 9.573   -0.785  1.00 21.03 ? 317 ILE A O     1 
ATOM   895  C  CB    . ILE A 1 109 ? -10.397 8.312   1.575   1.00 19.38 ? 317 ILE A CB    1 
ATOM   896  C  CG1   . ILE A 1 109 ? -9.628  7.218   0.825   1.00 20.66 ? 317 ILE A CG1   1 
ATOM   897  C  CG2   . ILE A 1 109 ? -10.237 8.162   3.089   1.00 20.58 ? 317 ILE A CG2   1 
ATOM   898  C  CD1   . ILE A 1 109 ? -8.117  7.327   0.966   1.00 22.44 ? 317 ILE A CD1   1 
ATOM   899  N  N     . GLY A 1 110 ? -13.050 8.112   -0.972  1.00 18.82 ? 318 GLY A N     1 
ATOM   900  C  CA    . GLY A 1 110 ? -13.367 8.498   -2.338  1.00 18.79 ? 318 GLY A CA    1 
ATOM   901  C  C     . GLY A 1 110 ? -12.313 8.153   -3.376  1.00 17.25 ? 318 GLY A C     1 
ATOM   902  O  O     . GLY A 1 110 ? -12.215 8.789   -4.429  1.00 19.60 ? 318 GLY A O     1 
ATOM   903  N  N     . ALA A 1 111 ? -11.536 7.116   -3.087  1.00 17.28 ? 319 ALA A N     1 
ATOM   904  C  CA    . ALA A 1 111 ? -10.390 6.768   -3.909  1.00 17.65 ? 319 ALA A CA    1 
ATOM   905  C  C     . ALA A 1 111 ? -10.629 5.511   -4.723  1.00 18.24 ? 319 ALA A C     1 
ATOM   906  O  O     . ALA A 1 111 ? -11.418 4.652   -4.334  1.00 19.37 ? 319 ALA A O     1 
ATOM   907  C  CB    . ALA A 1 111 ? -9.153  6.572   -3.012  1.00 17.10 ? 319 ALA A CB    1 
ATOM   908  N  N     . THR A 1 112 ? -9.927  5.388   -5.845  1.00 18.22 ? 320 THR A N     1 
ATOM   909  C  CA    . THR A 1 112 ? -9.969  4.153   -6.613  1.00 19.84 ? 320 THR A CA    1 
ATOM   910  C  C     . THR A 1 112 ? -9.017  3.142   -5.981  1.00 18.80 ? 320 THR A C     1 
ATOM   911  O  O     . THR A 1 112 ? -8.087  3.510   -5.260  1.00 21.01 ? 320 THR A O     1 
ATOM   912  C  CB    . THR A 1 112 ? -9.566  4.370   -8.071  1.00 21.00 ? 320 THR A CB    1 
ATOM   913  O  OG1   . THR A 1 112 ? -8.270  4.980   -8.104  1.00 24.01 ? 320 THR A OG1   1 
ATOM   914  C  CG2   . THR A 1 112 ? -10.578 5.258   -8.795  1.00 21.33 ? 320 THR A CG2   1 
ATOM   915  N  N     . PHE A 1 113 ? -9.281  1.867   -6.212  1.00 19.22 ? 321 PHE A N     1 
ATOM   916  C  CA    . PHE A 1 113 ? -8.450  0.808   -5.667  1.00 18.27 ? 321 PHE A CA    1 
ATOM   917  C  C     . PHE A 1 113 ? -8.274  -0.259  -6.730  1.00 21.25 ? 321 PHE A C     1 
ATOM   918  O  O     . PHE A 1 113 ? -9.249  -0.878  -7.161  1.00 20.17 ? 321 PHE A O     1 
ATOM   919  C  CB    . PHE A 1 113 ? -9.090  0.205   -4.409  1.00 18.49 ? 321 PHE A CB    1 
ATOM   920  C  CG    . PHE A 1 113 ? -8.343  -0.968  -3.858  1.00 20.45 ? 321 PHE A CG    1 
ATOM   921  C  CD1   . PHE A 1 113 ? -7.207  -0.785  -3.090  1.00 21.78 ? 321 PHE A CD1   1 
ATOM   922  C  CD2   . PHE A 1 113 ? -8.777  -2.260  -4.113  1.00 25.05 ? 321 PHE A CD2   1 
ATOM   923  C  CE1   . PHE A 1 113 ? -6.507  -1.872  -2.594  1.00 22.90 ? 321 PHE A CE1   1 
ATOM   924  C  CE2   . PHE A 1 113 ? -8.083  -3.353  -3.607  1.00 24.07 ? 321 PHE A CE2   1 
ATOM   925  C  CZ    . PHE A 1 113 ? -6.949  -3.157  -2.856  1.00 23.61 ? 321 PHE A CZ    1 
ATOM   926  N  N     . HIS A 1 114 ? -7.029  -0.470  -7.149  1.00 17.65 ? 322 HIS A N     1 
ATOM   927  C  CA    . HIS A 1 114 ? -6.734  -1.398  -8.225  1.00 19.00 ? 322 HIS A CA    1 
ATOM   928  C  C     . HIS A 1 114 ? -5.662  -2.371  -7.804  1.00 18.19 ? 322 HIS A C     1 
ATOM   929  O  O     . HIS A 1 114 ? -4.752  -2.007  -7.076  1.00 19.16 ? 322 HIS A O     1 
ATOM   930  C  CB    . HIS A 1 114 ? -6.277  -0.622  -9.453  1.00 18.42 ? 322 HIS A CB    1 
ATOM   931  C  CG    . HIS A 1 114 ? -7.345  0.256   -10.020 1.00 20.52 ? 322 HIS A CG    1 
ATOM   932  N  ND1   . HIS A 1 114 ? -7.106  1.533   -10.480 1.00 25.10 ? 322 HIS A ND1   1 
ATOM   933  C  CD2   . HIS A 1 114 ? -8.670  0.040   -10.175 1.00 19.40 ? 322 HIS A CD2   1 
ATOM   934  C  CE1   . HIS A 1 114 ? -8.237  2.058   -10.918 1.00 24.54 ? 322 HIS A CE1   1 
ATOM   935  N  NE2   . HIS A 1 114 ? -9.205  1.177   -10.736 1.00 25.92 ? 322 HIS A NE2   1 
ATOM   936  N  N     . ILE A 1 115 ? -5.796  -3.617  -8.239  1.00 19.14 ? 323 ILE A N     1 
ATOM   937  C  CA    . ILE A 1 115 ? -4.759  -4.612  -8.031  1.00 16.30 ? 323 ILE A CA    1 
ATOM   938  C  C     . ILE A 1 115 ? -4.420  -5.233  -9.363  1.00 18.94 ? 323 ILE A C     1 
ATOM   939  O  O     . ILE A 1 115 ? -5.292  -5.804  -10.019 1.00 20.89 ? 323 ILE A O     1 
ATOM   940  C  CB    . ILE A 1 115 ? -5.217  -5.733  -7.096  1.00 18.55 ? 323 ILE A CB    1 
ATOM   941  C  CG1   . ILE A 1 115 ? -5.809  -5.162  -5.813  1.00 21.77 ? 323 ILE A CG1   1 
ATOM   942  C  CG2   . ILE A 1 115 ? -4.041  -6.639  -6.764  1.00 20.05 ? 323 ILE A CG2   1 
ATOM   943  C  CD1   . ILE A 1 115 ? -6.272  -6.243  -4.840  1.00 22.27 ? 323 ILE A CD1   1 
ATOM   944  N  N     . VAL A 1 116 ? -3.158  -5.113  -9.760  1.00 17.73 ? 324 VAL A N     1 
ATOM   945  C  CA    . VAL A 1 116 ? -2.677  -5.736  -10.995 1.00 17.59 ? 324 VAL A CA    1 
ATOM   946  C  C     . VAL A 1 116 ? -1.702  -6.829  -10.595 1.00 18.94 ? 324 VAL A C     1 
ATOM   947  O  O     . VAL A 1 116 ? -0.632  -6.552  -10.072 1.00 19.52 ? 324 VAL A O     1 
ATOM   948  C  CB    . VAL A 1 116 ? -2.015  -4.733  -11.955 1.00 18.34 ? 324 VAL A CB    1 
ATOM   949  C  CG1   . VAL A 1 116 ? -1.497  -5.462  -13.195 1.00 18.27 ? 324 VAL A CG1   1 
ATOM   950  C  CG2   . VAL A 1 116 ? -3.012  -3.657  -12.359 1.00 22.24 ? 324 VAL A CG2   1 
ATOM   951  N  N     . SER A 1 117 ? -2.099  -8.081  -10.808 1.00 17.99 ? 325 SER A N     1 
ATOM   952  C  CA    . SER A 1 117 ? -1.277  -9.211  -10.406 1.00 20.99 ? 325 SER A CA    1 
ATOM   953  C  C     . SER A 1 117 ? -1.307  -10.269 -11.496 1.00 23.18 ? 325 SER A C     1 
ATOM   954  O  O     . SER A 1 117 ? -2.339  -10.895 -11.749 1.00 23.51 ? 325 SER A O     1 
ATOM   955  C  CB    . SER A 1 117 ? -1.779  -9.797  -9.089  1.00 20.78 ? 325 SER A CB    1 
ATOM   956  O  OG    . SER A 1 117 ? -0.790  -10.633 -8.500  1.00 25.04 ? 325 SER A OG    1 
ATOM   957  N  N     . LEU A 1 118 ? -0.176  -10.438 -12.165 1.00 27.27 ? 326 LEU A N     1 
ATOM   958  C  CA    A LEU A 1 118 ? -0.063  -11.374 -13.271 0.43 28.48 ? 326 LEU A CA    1 
ATOM   959  C  CA    B LEU A 1 118 ? -0.071  -11.388 -13.263 0.57 28.49 ? 326 LEU A CA    1 
ATOM   960  C  C     . LEU A 1 118 ? 1.154   -12.261 -13.042 1.00 32.22 ? 326 LEU A C     1 
ATOM   961  O  O     . LEU A 1 118 ? 2.073   -11.862 -12.330 1.00 28.28 ? 326 LEU A O     1 
ATOM   962  C  CB    A LEU A 1 118 ? 0.071   -10.605 -14.583 0.43 27.04 ? 326 LEU A CB    1 
ATOM   963  C  CB    B LEU A 1 118 ? 0.016   -10.655 -14.604 0.57 27.02 ? 326 LEU A CB    1 
ATOM   964  C  CG    A LEU A 1 118 ? -1.202  -10.179 -15.317 0.43 26.23 ? 326 LEU A CG    1 
ATOM   965  C  CG    B LEU A 1 118 ? -1.289  -10.121 -15.199 0.57 26.21 ? 326 LEU A CG    1 
ATOM   966  C  CD1   A LEU A 1 118 ? -2.070  -9.189  -14.543 0.43 22.56 ? 326 LEU A CD1   1 
ATOM   967  C  CD1   B LEU A 1 118 ? -0.971  -9.257  -16.381 0.57 28.45 ? 326 LEU A CD1   1 
ATOM   968  C  CD2   A LEU A 1 118 ? -0.782  -9.573  -16.612 0.43 28.46 ? 326 LEU A CD2   1 
ATOM   969  C  CD2   B LEU A 1 118 ? -2.228  -11.241 -15.627 0.57 23.59 ? 326 LEU A CD2   1 
ATOM   970  N  N     . PRO A 1 119 ? 1.164   -13.469 -13.637 1.00 33.35 ? 327 PRO A N     1 
ATOM   971  C  CA    . PRO A 1 119 ? 2.247   -14.434 -13.383 1.00 29.86 ? 327 PRO A CA    1 
ATOM   972  C  C     . PRO A 1 119 ? 3.683   -13.888 -13.430 1.00 31.25 ? 327 PRO A C     1 
ATOM   973  O  O     . PRO A 1 119 ? 4.486   -14.259 -12.574 1.00 31.48 ? 327 PRO A O     1 
ATOM   974  C  CB    . PRO A 1 119 ? 2.032   -15.482 -14.472 1.00 36.19 ? 327 PRO A CB    1 
ATOM   975  C  CG    . PRO A 1 119 ? 0.553   -15.488 -14.665 1.00 35.30 ? 327 PRO A CG    1 
ATOM   976  C  CD    . PRO A 1 119 ? 0.096   -14.064 -14.467 1.00 33.20 ? 327 PRO A CD    1 
ATOM   977  N  N     . ASP A 1 120 ? 4.003   -13.021 -14.386 1.00 25.75 ? 328 ASP A N     1 
ATOM   978  C  CA    . ASP A 1 120 ? 5.379   -12.544 -14.514 1.00 23.97 ? 328 ASP A CA    1 
ATOM   979  C  C     . ASP A 1 120 ? 5.550   -11.089 -14.100 1.00 26.30 ? 328 ASP A C     1 
ATOM   980  O  O     . ASP A 1 120 ? 6.607   -10.492 -14.330 1.00 23.96 ? 328 ASP A O     1 
ATOM   981  C  CB    . ASP A 1 120 ? 5.884   -12.719 -15.953 1.00 27.95 ? 328 ASP A CB    1 
ATOM   982  C  CG    . ASP A 1 120 ? 5.663   -14.120 -16.489 1.00 30.69 ? 328 ASP A CG    1 
ATOM   983  O  OD1   . ASP A 1 120 ? 5.968   -15.097 -15.774 1.00 30.47 ? 328 ASP A OD1   1 
ATOM   984  O  OD2   . ASP A 1 120 ? 5.179   -14.235 -17.636 1.00 34.46 ? 328 ASP A OD2   1 
ATOM   985  N  N     . SER A 1 121 ? 4.515   -10.516 -13.492 1.00 22.41 ? 329 SER A N     1 
ATOM   986  C  CA    . SER A 1 121 ? 4.507   -9.086  -13.186 1.00 26.30 ? 329 SER A CA    1 
ATOM   987  C  C     . SER A 1 121 ? 4.543   -8.749  -11.695 1.00 22.41 ? 329 SER A C     1 
ATOM   988  O  O     . SER A 1 121 ? 4.624   -7.574  -11.341 1.00 26.51 ? 329 SER A O     1 
ATOM   989  C  CB    . SER A 1 121 ? 3.254   -8.428  -13.781 1.00 27.24 ? 329 SER A CB    1 
ATOM   990  O  OG    . SER A 1 121 ? 3.109   -8.736  -15.155 1.00 32.62 ? 329 SER A OG    1 
ATOM   991  N  N     . GLY A 1 122 ? 4.482   -9.763  -10.832 1.00 20.15 ? 330 GLY A N     1 
ATOM   992  C  CA    . GLY A 1 122 ? 4.352   -9.541  -9.399  1.00 20.30 ? 330 GLY A CA    1 
ATOM   993  C  C     . GLY A 1 122 ? 2.991   -8.938  -9.079  1.00 22.13 ? 330 GLY A C     1 
ATOM   994  O  O     . GLY A 1 122 ? 2.072   -9.003  -9.899  1.00 22.60 ? 330 GLY A O     1 
ATOM   995  N  N     . THR A 1 123 ? 2.855   -8.345  -7.898  1.00 19.94 ? 331 THR A N     1 
ATOM   996  C  CA    . THR A 1 123 ? 1.585   -7.745  -7.482  1.00 20.57 ? 331 THR A CA    1 
ATOM   997  C  C     . THR A 1 123 ? 1.729   -6.251  -7.278  1.00 19.84 ? 331 THR A C     1 
ATOM   998  O  O     . THR A 1 123 ? 2.607   -5.800  -6.548  1.00 20.91 ? 331 THR A O     1 
ATOM   999  C  CB    . THR A 1 123 ? 1.073   -8.379  -6.174  1.00 22.83 ? 331 THR A CB    1 
ATOM   1000 O  OG1   . THR A 1 123 ? 0.826   -9.771  -6.391  1.00 21.35 ? 331 THR A OG1   1 
ATOM   1001 C  CG2   . THR A 1 123 ? -0.217  -7.690  -5.693  1.00 20.10 ? 331 THR A CG2   1 
ATOM   1002 N  N     . ARG A 1 124 ? 0.860   -5.484  -7.926  1.00 18.99 ? 332 ARG A N     1 
ATOM   1003 C  CA    . ARG A 1 124 ? 0.856   -4.037  -7.777  1.00 19.14 ? 332 ARG A CA    1 
ATOM   1004 C  C     . ARG A 1 124 ? -0.499  -3.555  -7.267  1.00 21.96 ? 332 ARG A C     1 
ATOM   1005 O  O     . ARG A 1 124 ? -1.542  -3.882  -7.840  1.00 22.68 ? 332 ARG A O     1 
ATOM   1006 C  CB    . ARG A 1 124 ? 1.200   -3.362  -9.118  1.00 21.73 ? 332 ARG A CB    1 
ATOM   1007 C  CG    . ARG A 1 124 ? 1.107   -1.839  -9.105  1.00 23.66 ? 332 ARG A CG    1 
ATOM   1008 C  CD    . ARG A 1 124 ? 1.825   -1.215  -10.303 1.00 31.60 ? 332 ARG A CD    1 
ATOM   1009 N  NE    . ARG A 1 124 ? 1.652   -2.000  -11.518 1.00 29.52 ? 332 ARG A NE    1 
ATOM   1010 C  CZ    . ARG A 1 124 ? 0.835   -1.678  -12.512 1.00 30.20 ? 332 ARG A CZ    1 
ATOM   1011 N  NH1   . ARG A 1 124 ? 0.104   -0.570  -12.443 1.00 27.78 ? 332 ARG A NH1   1 
ATOM   1012 N  NH2   . ARG A 1 124 ? 0.748   -2.467  -13.573 1.00 31.55 ? 332 ARG A NH2   1 
ATOM   1013 N  N     . ILE A 1 125 ? -0.474  -2.787  -6.185  1.00 18.35 ? 333 ILE A N     1 
ATOM   1014 C  CA    . ILE A 1 125 ? -1.683  -2.180  -5.646  1.00 21.83 ? 333 ILE A CA    1 
ATOM   1015 C  C     . ILE A 1 125 ? -1.586  -0.678  -5.841  1.00 21.87 ? 333 ILE A C     1 
ATOM   1016 O  O     . ILE A 1 125 ? -0.571  -0.071  -5.521  1.00 21.61 ? 333 ILE A O     1 
ATOM   1017 C  CB    . ILE A 1 125 ? -1.868  -2.545  -4.159  1.00 20.99 ? 333 ILE A CB    1 
ATOM   1018 C  CG1   . ILE A 1 125 ? -2.227  -4.027  -4.054  1.00 26.32 ? 333 ILE A CG1   1 
ATOM   1019 C  CG2   . ILE A 1 125 ? -2.950  -1.693  -3.518  1.00 19.96 ? 333 ILE A CG2   1 
ATOM   1020 C  CD1   . ILE A 1 125 ? -2.317  -4.535  -2.669  1.00 25.49 ? 333 ILE A CD1   1 
ATOM   1021 N  N     . GLU A 1 126 ? -2.630  -0.080  -6.396  1.00 17.71 ? 334 GLU A N     1 
ATOM   1022 C  CA    . GLU A 1 126 ? -2.641  1.364   -6.604  1.00 19.46 ? 334 GLU A CA    1 
ATOM   1023 C  C     . GLU A 1 126 ? -3.908  1.976   -6.043  1.00 18.44 ? 334 GLU A C     1 
ATOM   1024 O  O     . GLU A 1 126 ? -5.012  1.478   -6.297  1.00 20.71 ? 334 GLU A O     1 
ATOM   1025 C  CB    . GLU A 1 126 ? -2.531  1.717   -8.086  1.00 22.71 ? 334 GLU A CB    1 
ATOM   1026 C  CG    . GLU A 1 126 ? -1.149  1.432   -8.650  1.00 26.54 ? 334 GLU A CG    1 
ATOM   1027 C  CD    . GLU A 1 126 ? -0.938  1.989   -10.050 1.00 27.21 ? 334 GLU A CD    1 
ATOM   1028 O  OE1   . GLU A 1 126 ? -1.814  2.733   -10.558 1.00 30.24 ? 334 GLU A OE1   1 
ATOM   1029 O  OE2   . GLU A 1 126 ? 0.116   1.680   -10.646 1.00 32.86 ? 334 GLU A OE2   1 
ATOM   1030 N  N     . VAL A 1 127 ? -3.737  3.064   -5.303  1.00 19.75 ? 335 VAL A N     1 
ATOM   1031 C  CA    . VAL A 1 127 ? -4.862  3.833   -4.775  1.00 19.02 ? 335 VAL A CA    1 
ATOM   1032 C  C     . VAL A 1 127 ? -4.685  5.274   -5.217  1.00 18.26 ? 335 VAL A C     1 
ATOM   1033 O  O     . VAL A 1 127 ? -3.623  5.859   -5.011  1.00 21.16 ? 335 VAL A O     1 
ATOM   1034 C  CB    . VAL A 1 127 ? -4.895  3.783   -3.243  1.00 18.52 ? 335 VAL A CB    1 
ATOM   1035 C  CG1   . VAL A 1 127 ? -5.965  4.703   -2.685  1.00 17.14 ? 335 VAL A CG1   1 
ATOM   1036 C  CG2   . VAL A 1 127 ? -5.116  2.349   -2.760  1.00 21.69 ? 335 VAL A CG2   1 
ATOM   1037 N  N     . LYS A 1 128 ? -5.702  5.832   -5.867  1.00 19.07 ? 336 LYS A N     1 
ATOM   1038 C  CA    . LYS A 1 128 ? -5.662  7.227   -6.282  1.00 19.47 ? 336 LYS A CA    1 
ATOM   1039 C  C     . LYS A 1 128 ? -6.715  7.951   -5.472  1.00 19.27 ? 336 LYS A C     1 
ATOM   1040 O  O     . LYS A 1 128 ? -7.898  7.688   -5.642  1.00 19.30 ? 336 LYS A O     1 
ATOM   1041 C  CB    . LYS A 1 128 ? -5.992  7.376   -7.767  1.00 22.38 ? 336 LYS A CB    1 
ATOM   1042 C  CG    . LYS A 1 128 ? -4.941  6.881   -8.717  1.00 27.25 ? 336 LYS A CG    1 
ATOM   1043 C  CD    . LYS A 1 128 ? -5.229  7.385   -10.130 1.00 28.05 ? 336 LYS A CD    1 
ATOM   1044 C  CE    . LYS A 1 128 ? -6.543  6.828   -10.666 1.00 35.67 ? 336 LYS A CE    1 
ATOM   1045 N  NZ    . LYS A 1 128 ? -6.494  5.347   -10.852 1.00 38.05 ? 336 LYS A NZ    1 
ATOM   1046 N  N     . ALA A 1 129 ? -6.286  8.826   -4.571  1.00 19.90 ? 337 ALA A N     1 
ATOM   1047 C  CA    . ALA A 1 129 ? -7.213  9.562   -3.724  1.00 21.96 ? 337 ALA A CA    1 
ATOM   1048 C  C     . ALA A 1 129 ? -7.317  10.992  -4.208  1.00 23.26 ? 337 ALA A C     1 
ATOM   1049 O  O     . ALA A 1 129 ? -6.307  11.612  -4.537  1.00 23.31 ? 337 ALA A O     1 
ATOM   1050 C  CB    . ALA A 1 129 ? -6.756  9.529   -2.276  1.00 19.51 ? 337 ALA A CB    1 
ATOM   1051 N  N     . PRO A 1 130 ? -8.543  11.531  -4.253  1.00 23.63 ? 338 PRO A N     1 
ATOM   1052 C  CA    . PRO A 1 130 ? -8.719  12.884  -4.785  1.00 24.94 ? 338 PRO A CA    1 
ATOM   1053 C  C     . PRO A 1 130 ? -8.135  13.933  -3.851  1.00 24.67 ? 338 PRO A C     1 
ATOM   1054 O  O     . PRO A 1 130 ? -8.186  13.782  -2.631  1.00 27.72 ? 338 PRO A O     1 
ATOM   1055 C  CB    . PRO A 1 130 ? -10.240 13.031  -4.874  1.00 23.67 ? 338 PRO A CB    1 
ATOM   1056 C  CG    . PRO A 1 130 ? -10.777 12.093  -3.855  1.00 26.36 ? 338 PRO A CG    1 
ATOM   1057 C  CD    . PRO A 1 130 ? -9.814  10.927  -3.816  1.00 21.38 ? 338 PRO A CD    1 
ATOM   1058 N  N     . LEU A 1 131 ? -7.562  14.976  -4.434  1.00 26.35 ? 339 LEU A N     1 
ATOM   1059 C  CA    . LEU A 1 131 ? -7.070  16.122  -3.681  1.00 24.35 ? 339 LEU A CA    1 
ATOM   1060 C  C     . LEU A 1 131 ? -7.792  17.361  -4.188  1.00 25.71 ? 339 LEU A C     1 
ATOM   1061 O  O     . LEU A 1 131 ? -8.000  17.514  -5.392  1.00 31.74 ? 339 LEU A O     1 
ATOM   1062 C  CB    . LEU A 1 131 ? -5.571  16.300  -3.907  1.00 29.34 ? 339 LEU A CB    1 
ATOM   1063 C  CG    . LEU A 1 131 ? -4.663  15.193  -3.385  1.00 28.51 ? 339 LEU A CG    1 
ATOM   1064 C  CD1   . LEU A 1 131 ? -3.230  15.468  -3.799  1.00 29.51 ? 339 LEU A CD1   1 
ATOM   1065 C  CD2   . LEU A 1 131 ? -4.789  15.104  -1.873  1.00 28.23 ? 339 LEU A CD2   1 
ATOM   1066 N  N     . ASN A 1 132 ? -8.183  18.238  -3.272  1.00 29.61 ? 340 ASN A N     1 
ATOM   1067 C  CA    . ASN A 1 132 ? -8.834  19.476  -3.664  1.00 34.84 ? 340 ASN A CA    1 
ATOM   1068 C  C     . ASN A 1 132 ? -7.830  20.619  -3.674  1.00 40.79 ? 340 ASN A C     1 
ATOM   1069 O  O     . ASN A 1 132 ? -7.365  21.052  -2.622  1.00 42.75 ? 340 ASN A O     1 
ATOM   1070 C  CB    . ASN A 1 132 ? -9.994  19.790  -2.719  1.00 31.12 ? 340 ASN A CB    1 
ATOM   1071 C  CG    . ASN A 1 132 ? -10.731 21.066  -3.093  1.00 34.01 ? 340 ASN A CG    1 
ATOM   1072 O  OD1   . ASN A 1 132 ? -10.582 21.590  -4.199  1.00 38.53 ? 340 ASN A OD1   1 
ATOM   1073 N  ND2   . ASN A 1 132 ? -11.535 21.570  -2.165  1.00 34.32 ? 340 ASN A ND2   1 
ATOM   1074 N  N     . LYS A 1 133 ? -7.493  21.104  -4.865  1.00 42.70 ? 341 LYS A N     1 
ATOM   1075 C  CA    . LYS A 1 133 ? -6.585  22.239  -4.997  1.00 49.26 ? 341 LYS A CA    1 
ATOM   1076 C  C     . LYS A 1 133 ? -7.279  23.557  -4.640  1.00 54.78 ? 341 LYS A C     1 
ATOM   1077 O  O     . LYS A 1 133 ? -7.842  23.707  -3.553  1.00 51.21 ? 341 LYS A O     1 
ATOM   1078 C  CB    . LYS A 1 133 ? -6.027  22.311  -6.417  1.00 49.33 ? 341 LYS A CB    1 
ATOM   1079 C  CG    . LYS A 1 133 ? -7.099  22.323  -7.498  1.00 53.91 ? 341 LYS A CG    1 
ATOM   1080 C  CD    . LYS A 1 133 ? -6.483  22.425  -8.883  1.00 54.99 ? 341 LYS A CD    1 
ATOM   1081 C  CE    . LYS A 1 133 ? -5.477  21.310  -9.118  1.00 58.51 ? 341 LYS A CE    1 
ATOM   1082 N  NZ    . LYS A 1 133 ? -4.778  21.462  -10.424 1.00 63.12 ? 341 LYS A NZ    1 
HETATM 1083 P  PB    . ADP B 2 .   ? -4.602  -13.057 4.098   1.00 27.11 ? 401 ADP A PB    1 
HETATM 1084 O  O1B   . ADP B 2 .   ? -5.432  -13.058 5.367   1.00 24.54 ? 401 ADP A O1B   1 
HETATM 1085 O  O2B   . ADP B 2 .   ? -4.243  -14.424 3.589   1.00 32.60 ? 401 ADP A O2B   1 
HETATM 1086 O  O3B   . ADP B 2 .   ? -3.455  -12.076 4.173   1.00 23.21 ? 401 ADP A O3B   1 
HETATM 1087 P  PA    . ADP B 2 .   ? -5.766  -11.273 2.083   1.00 24.42 ? 401 ADP A PA    1 
HETATM 1088 O  O1A   . ADP B 2 .   ? -7.229  -10.922 1.933   1.00 27.12 ? 401 ADP A O1A   1 
HETATM 1089 O  O2A   . ADP B 2 .   ? -4.838  -10.209 2.590   1.00 21.68 ? 401 ADP A O2A   1 
HETATM 1090 O  O3A   . ADP B 2 .   ? -5.658  -12.629 2.926   1.00 26.05 ? 401 ADP A O3A   1 
HETATM 1091 O  "O5'" . ADP B 2 .   ? -5.225  -11.857 0.673   1.00 22.93 ? 401 ADP A "O5'" 1 
HETATM 1092 C  "C5'" . ADP B 2 .   ? -5.927  -12.953 0.086   1.00 23.95 ? 401 ADP A "C5'" 1 
HETATM 1093 C  "C4'" . ADP B 2 .   ? -4.995  -13.897 -0.657  1.00 21.75 ? 401 ADP A "C4'" 1 
HETATM 1094 O  "O4'" . ADP B 2 .   ? -4.439  -13.265 -1.810  1.00 21.07 ? 401 ADP A "O4'" 1 
HETATM 1095 C  "C3'" . ADP B 2 .   ? -3.784  -14.314 0.161   1.00 24.16 ? 401 ADP A "C3'" 1 
HETATM 1096 O  "O3'" . ADP B 2 .   ? -4.073  -15.423 1.017   1.00 26.17 ? 401 ADP A "O3'" 1 
HETATM 1097 C  "C2'" . ADP B 2 .   ? -2.775  -14.669 -0.904  1.00 21.72 ? 401 ADP A "C2'" 1 
HETATM 1098 O  "O2'" . ADP B 2 .   ? -3.069  -15.965 -1.432  1.00 27.25 ? 401 ADP A "O2'" 1 
HETATM 1099 C  "C1'" . ADP B 2 .   ? -3.102  -13.718 -2.030  1.00 20.22 ? 401 ADP A "C1'" 1 
HETATM 1100 N  N9    . ADP B 2 .   ? -2.199  -12.540 -2.029  1.00 16.24 ? 401 ADP A N9    1 
HETATM 1101 C  C8    . ADP B 2 .   ? -2.491  -11.340 -1.500  1.00 17.46 ? 401 ADP A C8    1 
HETATM 1102 N  N7    . ADP B 2 .   ? -1.479  -10.469 -1.705  1.00 17.67 ? 401 ADP A N7    1 
HETATM 1103 C  C5    . ADP B 2 .   ? -0.509  -11.130 -2.371  1.00 16.14 ? 401 ADP A C5    1 
HETATM 1104 C  C6    . ADP B 2 .   ? 0.816   -10.794 -2.890  1.00 17.96 ? 401 ADP A C6    1 
HETATM 1105 N  N6    . ADP B 2 .   ? 1.321   -9.554  -2.730  1.00 18.96 ? 401 ADP A N6    1 
HETATM 1106 N  N1    . ADP B 2 .   ? 1.494   -11.757 -3.554  1.00 19.44 ? 401 ADP A N1    1 
HETATM 1107 C  C2    . ADP B 2 .   ? 0.995   -13.001 -3.713  1.00 18.15 ? 401 ADP A C2    1 
HETATM 1108 N  N3    . ADP B 2 .   ? -0.212  -13.380 -3.251  1.00 18.75 ? 401 ADP A N3    1 
HETATM 1109 C  C4    . ADP B 2 .   ? -0.995  -12.496 -2.591  1.00 16.95 ? 401 ADP A C4    1 
HETATM 1110 MG MG    . MG  C 3 .   ? -3.739  -10.026 4.186   1.00 19.39 ? 402 MG  A MG    1 
HETATM 1111 O  O     . HOH D 4 .   ? -14.047 10.785  -4.955  1.00 20.45 ? 501 HOH A O     1 
HETATM 1112 O  O     . HOH D 4 .   ? 3.056   -11.104 -5.746  1.00 19.30 ? 502 HOH A O     1 
HETATM 1113 O  O     . HOH D 4 .   ? -2.274  -7.656  -1.410  1.00 18.71 ? 503 HOH A O     1 
HETATM 1114 O  O     . HOH D 4 .   ? -8.078  -11.564 -11.344 1.00 22.56 ? 504 HOH A O     1 
HETATM 1115 O  O     . HOH D 4 .   ? 0.468   -6.784  -1.705  1.00 18.80 ? 505 HOH A O     1 
HETATM 1116 O  O     . HOH D 4 .   ? 1.834   -5.430  -3.719  1.00 23.86 ? 506 HOH A O     1 
HETATM 1117 O  O     . HOH D 4 .   ? -9.298  -13.234 -13.215 1.00 23.80 ? 507 HOH A O     1 
HETATM 1118 O  O     . HOH D 4 .   ? -5.322  -11.052 -10.921 1.00 22.03 ? 508 HOH A O     1 
HETATM 1119 O  O     . HOH D 4 .   ? 11.491  -11.852 -6.708  1.00 22.42 ? 509 HOH A O     1 
HETATM 1120 O  O     . HOH D 4 .   ? -16.633 8.148   -0.518  1.00 22.72 ? 510 HOH A O     1 
HETATM 1121 O  O     . HOH D 4 .   ? 3.586   -10.310 6.804   1.00 24.94 ? 511 HOH A O     1 
HETATM 1122 O  O     . HOH D 4 .   ? -8.057  -6.540  -10.043 1.00 28.62 ? 512 HOH A O     1 
HETATM 1123 O  O     . HOH D 4 .   ? -3.989  -2.396  7.984   1.00 24.66 ? 513 HOH A O     1 
HETATM 1124 O  O     . HOH D 4 .   ? 11.224  8.217   0.275   1.00 29.47 ? 514 HOH A O     1 
HETATM 1125 O  O     . HOH D 4 .   ? -4.772  -5.090  7.778   1.00 22.77 ? 515 HOH A O     1 
HETATM 1126 O  O     . HOH D 4 .   ? 6.935   -13.900 0.951   1.00 26.34 ? 516 HOH A O     1 
HETATM 1127 O  O     . HOH D 4 .   ? 2.683   -3.960  7.509   1.00 28.76 ? 517 HOH A O     1 
HETATM 1128 O  O     . HOH D 4 .   ? -7.001  -4.853  4.973   1.00 23.67 ? 518 HOH A O     1 
HETATM 1129 O  O     . HOH D 4 .   ? -6.167  3.331   -8.163  1.00 26.33 ? 519 HOH A O     1 
HETATM 1130 O  O     . HOH D 4 .   ? 4.484   -5.567  -9.486  1.00 31.94 ? 520 HOH A O     1 
HETATM 1131 O  O     . HOH D 4 .   ? -6.542  -2.077  4.823   1.00 24.02 ? 521 HOH A O     1 
HETATM 1132 O  O     . HOH D 4 .   ? 7.647   -15.073 -13.472 1.00 28.32 ? 522 HOH A O     1 
HETATM 1133 O  O     . HOH D 4 .   ? 6.769   -15.880 -10.809 1.00 28.39 ? 523 HOH A O     1 
HETATM 1134 O  O     . HOH D 4 .   ? 1.898   -6.303  -11.235 1.00 30.17 ? 524 HOH A O     1 
HETATM 1135 O  O     . HOH D 4 .   ? 5.382   -12.573 -11.123 1.00 24.47 ? 525 HOH A O     1 
HETATM 1136 O  O     . HOH D 4 .   ? 12.061  -11.742 16.460  1.00 28.97 ? 526 HOH A O     1 
HETATM 1137 O  O     . HOH D 4 .   ? 3.072   12.571  4.239   1.00 30.12 ? 527 HOH A O     1 
HETATM 1138 O  O     . HOH D 4 .   ? -0.712  -16.091 -3.215  1.00 28.15 ? 528 HOH A O     1 
HETATM 1139 O  O     . HOH D 4 .   ? -11.647 1.487   -7.842  1.00 27.44 ? 529 HOH A O     1 
HETATM 1140 O  O     . HOH D 4 .   ? 13.772  3.253   1.096   1.00 29.58 ? 530 HOH A O     1 
HETATM 1141 O  O     . HOH D 4 .   ? 12.172  -4.079  14.173  1.00 28.61 ? 531 HOH A O     1 
HETATM 1142 O  O     . HOH D 4 .   ? -8.056  8.683   7.472   1.00 29.77 ? 532 HOH A O     1 
HETATM 1143 O  O     . HOH D 4 .   ? 10.786  -14.474 -6.259  1.00 26.91 ? 533 HOH A O     1 
HETATM 1144 O  O     . HOH D 4 .   ? 16.087  -0.447  9.363   1.00 30.86 ? 534 HOH A O     1 
HETATM 1145 O  O     . HOH D 4 .   ? 5.642   1.054   -5.972  1.00 34.16 ? 535 HOH A O     1 
HETATM 1146 O  O     . HOH D 4 .   ? 5.915   -20.878 -0.517  1.00 33.75 ? 536 HOH A O     1 
HETATM 1147 O  O     . HOH D 4 .   ? 12.571  4.322   6.306   1.00 32.06 ? 537 HOH A O     1 
HETATM 1148 O  O     . HOH D 4 .   ? 3.493   -17.521 4.055   1.00 34.51 ? 538 HOH A O     1 
HETATM 1149 O  O     . HOH D 4 .   ? -0.189  -17.258 -5.904  1.00 37.30 ? 539 HOH A O     1 
HETATM 1150 O  O     . HOH D 4 .   ? 5.029   3.797   11.822  1.00 32.08 ? 540 HOH A O     1 
HETATM 1151 O  O     . HOH D 4 .   ? 4.096   13.227  1.749   1.00 33.72 ? 541 HOH A O     1 
HETATM 1152 O  O     . HOH D 4 .   ? 18.153  -2.189  8.605   1.00 36.16 ? 542 HOH A O     1 
HETATM 1153 O  O     . HOH D 4 .   ? 11.091  3.105   13.369  1.00 32.12 ? 543 HOH A O     1 
HETATM 1154 O  O     . HOH D 4 .   ? -17.454 1.857   4.843   1.00 28.57 ? 544 HOH A O     1 
HETATM 1155 O  O     . HOH D 4 .   ? -12.928 2.532   -5.323  1.00 26.61 ? 545 HOH A O     1 
HETATM 1156 O  O     . HOH D 4 .   ? 2.640   -4.618  -12.781 1.00 35.11 ? 546 HOH A O     1 
HETATM 1157 O  O     . HOH D 4 .   ? 1.169   -17.330 -1.641  1.00 33.94 ? 547 HOH A O     1 
HETATM 1158 O  O     . HOH D 4 .   ? 2.609   -11.426 -16.533 1.00 31.17 ? 548 HOH A O     1 
HETATM 1159 O  O     . HOH D 4 .   ? -4.392  3.679   -10.227 1.00 31.15 ? 549 HOH A O     1 
HETATM 1160 O  O     . HOH D 4 .   ? 8.889   12.609  2.172   1.00 37.51 ? 550 HOH A O     1 
HETATM 1161 O  O     . HOH D 4 .   ? 2.073   -3.265  9.953   1.00 34.00 ? 551 HOH A O     1 
HETATM 1162 O  O     . HOH D 4 .   ? -8.846  19.064  -7.310  1.00 42.12 ? 552 HOH A O     1 
HETATM 1163 O  O     . HOH D 4 .   ? 13.878  -11.019 -8.114  1.00 35.79 ? 553 HOH A O     1 
HETATM 1164 O  O     . HOH D 4 .   ? 4.606   -22.078 -2.777  1.00 36.25 ? 554 HOH A O     1 
HETATM 1165 O  O     . HOH D 4 .   ? 1.776   14.728  4.749   1.00 34.51 ? 555 HOH A O     1 
HETATM 1166 O  O     . HOH D 4 .   ? -11.626 12.063  0.172   1.00 32.25 ? 556 HOH A O     1 
HETATM 1167 O  O     . HOH D 4 .   ? -15.984 2.794   8.433   1.00 35.74 ? 557 HOH A O     1 
HETATM 1168 O  O     . HOH D 4 .   ? -13.840 1.331   10.327  1.00 34.14 ? 558 HOH A O     1 
HETATM 1169 O  O     . HOH D 4 .   ? -4.337  -15.355 -13.289 1.00 31.37 ? 559 HOH A O     1 
HETATM 1170 O  O     . HOH D 4 .   ? 0.636   -16.338 -9.909  1.00 38.73 ? 560 HOH A O     1 
HETATM 1171 O  O     . HOH D 4 .   ? 13.189  -1.416  15.434  1.00 38.15 ? 561 HOH A O     1 
HETATM 1172 O  O     . HOH D 4 .   ? -2.867  -13.705 -12.378 1.00 36.94 ? 562 HOH A O     1 
HETATM 1173 O  O     . HOH D 4 .   ? 2.326   20.231  -0.051  1.00 40.26 ? 563 HOH A O     1 
HETATM 1174 O  O     . HOH D 4 .   ? 0.356   -17.262 1.072   1.00 37.05 ? 564 HOH A O     1 
HETATM 1175 O  O     . HOH D 4 .   ? -12.747 3.226   8.753   1.00 35.78 ? 565 HOH A O     1 
HETATM 1176 O  O     . HOH D 4 .   ? 5.521   -12.136 6.924   1.00 31.10 ? 566 HOH A O     1 
HETATM 1177 O  O     . HOH D 4 .   ? 16.398  -10.877 -8.771  1.00 33.57 ? 567 HOH A O     1 
HETATM 1178 O  O     . HOH D 4 .   ? -13.311 3.012   11.954  1.00 38.94 ? 568 HOH A O     1 
HETATM 1179 O  O     . HOH D 4 .   ? 3.844   -6.343  8.053   1.00 37.99 ? 569 HOH A O     1 
HETATM 1180 O  O     . HOH D 4 .   ? 16.262  -9.532  -6.905  1.00 40.09 ? 570 HOH A O     1 
HETATM 1181 O  O     . HOH D 4 .   ? 12.200  0.591   -6.049  1.00 41.20 ? 571 HOH A O     1 
HETATM 1182 O  O     . HOH D 4 .   ? -11.690 -1.641  -6.150  1.00 37.30 ? 572 HOH A O     1 
HETATM 1183 O  O     . HOH D 4 .   ? 2.663   -8.549  8.768   1.00 28.13 ? 573 HOH A O     1 
HETATM 1184 O  O     . HOH D 4 .   ? -2.487  -9.576  5.773   1.00 21.45 ? 574 HOH A O     1 
HETATM 1185 O  O     . HOH D 4 .   ? 10.452  9.482   9.282   1.00 44.92 ? 575 HOH A O     1 
HETATM 1186 O  O     . HOH D 4 .   ? -5.323  -10.228 5.508   1.00 22.16 ? 576 HOH A O     1 
HETATM 1187 O  O     . HOH D 4 .   ? -4.969  18.786  6.192   1.00 47.69 ? 577 HOH A O     1 
HETATM 1188 O  O     . HOH D 4 .   ? -14.689 -3.856  0.081   1.00 33.01 ? 578 HOH A O     1 
HETATM 1189 O  O     . HOH D 4 .   ? -2.977  -10.439 8.291   1.00 23.70 ? 579 HOH A O     1 
HETATM 1190 O  O     . HOH D 4 .   ? -7.643  -6.653  6.934   1.00 25.54 ? 580 HOH A O     1 
HETATM 1191 O  O     . HOH D 4 .   ? -5.952  -8.767  7.714   1.00 24.57 ? 581 HOH A O     1 
HETATM 1192 O  O     . HOH D 4 .   ? -8.211  -12.742 4.546   1.00 30.05 ? 582 HOH A O     1 
HETATM 1193 O  O     . HOH D 4 .   ? -8.422  -1.750  6.934   1.00 25.44 ? 583 HOH A O     1 
HETATM 1194 O  O     . HOH D 4 .   ? -1.202  -5.644  13.298  1.00 30.77 ? 584 HOH A O     1 
HETATM 1195 O  O     . HOH D 4 .   ? -3.612  -1.351  10.457  1.00 34.46 ? 585 HOH A O     1 
HETATM 1196 O  O     . HOH D 4 .   ? -3.392  1.604   11.378  1.00 33.83 ? 586 HOH A O     1 
HETATM 1197 O  O     . HOH D 4 .   ? -11.233 20.832  -6.677  1.00 43.10 ? 587 HOH A O     1 
HETATM 1198 O  O     . HOH D 4 .   ? -3.321  5.904   11.983  1.00 39.05 ? 588 HOH A O     1 
HETATM 1199 O  O     . HOH D 4 .   ? -2.395  -18.031 0.297   1.00 43.60 ? 589 HOH A O     1 
HETATM 1200 O  O     . HOH D 4 .   ? 12.872  8.236   8.453   1.00 45.69 ? 590 HOH A O     1 
HETATM 1201 O  O     . HOH D 4 .   ? 18.490  -4.480  8.323   1.00 39.93 ? 591 HOH A O     1 
HETATM 1202 O  O     . HOH D 4 .   ? 3.085   5.231   13.341  1.00 41.11 ? 592 HOH A O     1 
HETATM 1203 O  O     . HOH D 4 .   ? -18.526 4.007   5.433   1.00 34.39 ? 593 HOH A O     1 
HETATM 1204 O  O     . HOH D 4 .   ? -0.500  14.573  9.841   1.00 46.65 ? 594 HOH A O     1 
HETATM 1205 O  O     . HOH D 4 .   ? -13.892 12.762  -1.359  1.00 26.79 ? 595 HOH A O     1 
HETATM 1206 O  O     . HOH D 4 .   ? -3.819  -17.272 -7.309  1.00 34.99 ? 596 HOH A O     1 
HETATM 1207 O  O     . HOH D 4 .   ? -3.112  -17.364 -12.212 1.00 41.27 ? 597 HOH A O     1 
HETATM 1208 O  O     . HOH D 4 .   ? -13.628 0.168   -5.372  1.00 37.57 ? 598 HOH A O     1 
HETATM 1209 O  O     . HOH D 4 .   ? -1.474  18.116  -1.247  1.00 42.94 ? 599 HOH A O     1 
HETATM 1210 O  O     . HOH D 4 .   ? 2.965   -21.472 -6.118  1.00 45.46 ? 600 HOH A O     1 
HETATM 1211 O  O     . HOH D 4 .   ? -5.739  1.045   12.643  1.00 40.35 ? 601 HOH A O     1 
HETATM 1212 O  O     . HOH D 4 .   ? -5.921  -17.373 0.175   1.00 40.07 ? 602 HOH A O     1 
HETATM 1213 O  O     . HOH D 4 .   ? -2.346  -17.829 -4.907  1.00 41.70 ? 603 HOH A O     1 
HETATM 1214 O  O     . HOH D 4 .   ? -1.810  4.626   -12.902 1.00 43.63 ? 604 HOH A O     1 
HETATM 1215 O  O     . HOH D 4 .   ? -4.536  -12.705 8.059   1.00 38.62 ? 605 HOH A O     1 
HETATM 1216 O  O     . HOH D 4 .   ? 2.890   -4.436  12.459  1.00 37.18 ? 606 HOH A O     1 
HETATM 1217 O  O     . HOH D 4 .   ? -8.388  16.677  5.798   1.00 39.07 ? 607 HOH A O     1 
HETATM 1218 O  O     . HOH D 4 .   ? -10.171 -3.068  -8.591  1.00 38.01 ? 608 HOH A O     1 
HETATM 1219 O  O     . HOH D 4 .   ? -9.817  -1.307  9.934   1.00 33.13 ? 609 HOH A O     1 
HETATM 1220 O  O     . HOH D 4 .   ? 4.792   -17.302 0.636   1.00 34.58 ? 610 HOH A O     1 
HETATM 1221 O  O     . HOH D 4 .   ? -7.685  17.766  -0.584  1.00 34.75 ? 611 HOH A O     1 
HETATM 1222 O  O     . HOH D 4 .   ? -12.604 11.843  2.772   1.00 37.28 ? 612 HOH A O     1 
HETATM 1223 O  O     . HOH D 4 .   ? -12.572 5.111   10.321  1.00 39.03 ? 613 HOH A O     1 
HETATM 1224 O  O     . HOH D 4 .   ? -3.854  10.836  11.185  1.00 43.05 ? 614 HOH A O     1 
HETATM 1225 O  O     . HOH D 4 .   ? -12.787 -18.274 -5.832  1.00 43.13 ? 615 HOH A O     1 
HETATM 1226 O  O     . HOH D 4 .   ? 13.820  6.514   6.683   1.00 44.33 ? 616 HOH A O     1 
HETATM 1227 O  O     . HOH D 4 .   ? 16.867  -1.108  -4.392  1.00 48.66 ? 617 HOH A O     1 
HETATM 1228 O  O     . HOH D 4 .   ? -8.431  -15.813 -0.120  1.00 45.61 ? 618 HOH A O     1 
HETATM 1229 O  O     . HOH D 4 .   ? -4.222  5.492   -12.394 1.00 47.05 ? 619 HOH A O     1 
HETATM 1230 O  O     . HOH D 4 .   ? 12.394  -5.249  -8.504  1.00 41.37 ? 620 HOH A O     1 
HETATM 1231 O  O     . HOH D 4 .   ? -6.359  3.509   12.486  1.00 42.11 ? 621 HOH A O     1 
HETATM 1232 O  O     . HOH D 4 .   ? -9.370  8.886   10.323  1.00 43.21 ? 622 HOH A O     1 
HETATM 1233 O  O     . HOH D 4 .   ? -7.087  -2.461  9.186   1.00 34.76 ? 623 HOH A O     1 
HETATM 1234 O  O     . HOH D 4 .   ? 4.602   13.677  -8.603  1.00 46.49 ? 624 HOH A O     1 
HETATM 1235 O  O     . HOH D 4 .   ? -6.077  10.706  9.369   1.00 36.56 ? 625 HOH A O     1 
HETATM 1236 O  O     . HOH D 4 .   ? 10.041  15.002  -2.987  1.00 45.30 ? 626 HOH A O     1 
HETATM 1237 O  O     . HOH D 4 .   ? -11.385 -4.236  -5.961  1.00 42.88 ? 627 HOH A O     1 
HETATM 1238 O  O     . HOH D 4 .   ? 13.326  8.346   -1.326  1.00 46.01 ? 628 HOH A O     1 
HETATM 1239 O  O     . HOH D 4 .   ? -6.195  -16.666 4.009   1.00 48.44 ? 629 HOH A O     1 
HETATM 1240 O  O     . HOH D 4 .   ? 2.451   18.386  -8.775  1.00 48.90 ? 630 HOH A O     1 
HETATM 1241 O  O     . HOH D 4 .   ? 18.305  -1.506  5.655   1.00 42.79 ? 631 HOH A O     1 
HETATM 1242 O  O     . HOH D 4 .   ? -15.239 14.414  0.862   1.00 36.14 ? 632 HOH A O     1 
HETATM 1243 O  O     . HOH D 4 .   ? -1.636  11.963  10.962  1.00 45.46 ? 633 HOH A O     1 
HETATM 1244 O  O     . HOH D 4 .   ? -7.599  24.209  -0.630  1.00 49.27 ? 634 HOH A O     1 
HETATM 1245 O  O     . HOH D 4 .   ? 18.148  0.729   5.006   1.00 46.11 ? 635 HOH A O     1 
HETATM 1246 O  O     . HOH D 4 .   ? 4.035   16.634  4.995   1.00 44.04 ? 636 HOH A O     1 
# 
